data_2KP5
#
_entry.id   2KP5
#
_entity_poly.entity_id   1
_entity_poly.type   'polypeptide(L)'
_entity_poly.pdbx_seq_one_letter_code
;MGEKTVKLYEDTHFKGYSVELPVGDYNLSSLISRGALNDDLSSARVPSGLRLEVFQHNNFKGVRDFYTSDAAELSRDNDA
SSVRVSKMETTN
;
_entity_poly.pdbx_strand_id   A
#
# COMPACT_ATOMS: atom_id res chain seq x y z
N GLY A 2 -4.07 13.19 -12.76
CA GLY A 2 -3.82 11.82 -13.20
C GLY A 2 -3.75 10.86 -12.03
N GLU A 3 -2.61 10.20 -11.88
CA GLU A 3 -2.42 9.23 -10.80
C GLU A 3 -1.15 9.54 -10.01
N LYS A 4 -1.29 10.37 -8.98
CA LYS A 4 -0.17 10.75 -8.15
C LYS A 4 -0.25 10.09 -6.77
N THR A 5 -0.96 8.97 -6.72
CA THR A 5 -1.13 8.23 -5.47
C THR A 5 -1.44 6.76 -5.73
N VAL A 6 -1.12 5.91 -4.76
CA VAL A 6 -1.38 4.49 -4.88
C VAL A 6 -2.63 4.08 -4.11
N LYS A 7 -3.51 3.33 -4.77
CA LYS A 7 -4.75 2.88 -4.14
C LYS A 7 -4.55 1.52 -3.47
N LEU A 8 -5.34 1.26 -2.44
CA LEU A 8 -5.25 0.00 -1.71
C LEU A 8 -6.62 -0.68 -1.62
N TYR A 9 -6.69 -1.93 -2.05
CA TYR A 9 -7.93 -2.69 -2.02
C TYR A 9 -7.86 -3.82 -1.00
N GLU A 10 -9.01 -4.14 -0.40
CA GLU A 10 -9.08 -5.20 0.60
C GLU A 10 -9.46 -6.53 -0.05
N ASP A 11 -10.30 -6.47 -1.07
CA ASP A 11 -10.75 -7.66 -1.77
C ASP A 11 -9.92 -7.90 -3.03
N THR A 12 -9.51 -9.14 -3.24
CA THR A 12 -8.71 -9.50 -4.41
C THR A 12 -9.37 -9.00 -5.69
N HIS A 13 -8.59 -8.95 -6.78
CA HIS A 13 -9.09 -8.50 -8.06
C HIS A 13 -9.55 -7.05 -7.99
N PHE A 14 -8.99 -6.30 -7.04
CA PHE A 14 -9.33 -4.89 -6.87
C PHE A 14 -10.83 -4.73 -6.64
N LYS A 15 -11.37 -5.50 -5.70
CA LYS A 15 -12.80 -5.45 -5.38
C LYS A 15 -13.02 -4.72 -4.06
N GLY A 16 -14.26 -4.29 -3.83
CA GLY A 16 -14.60 -3.58 -2.61
C GLY A 16 -14.36 -2.09 -2.73
N TYR A 17 -13.68 -1.52 -1.75
CA TYR A 17 -13.38 -0.09 -1.73
C TYR A 17 -11.89 0.16 -1.75
N SER A 18 -11.45 1.07 -2.62
CA SER A 18 -10.04 1.40 -2.74
C SER A 18 -9.72 2.69 -1.97
N VAL A 19 -8.55 2.71 -1.34
CA VAL A 19 -8.11 3.87 -0.57
C VAL A 19 -6.74 4.36 -1.03
N GLU A 20 -6.66 5.63 -1.39
CA GLU A 20 -5.41 6.22 -1.84
C GLU A 20 -4.88 7.23 -0.84
N LEU A 21 -3.57 7.34 -0.75
CA LEU A 21 -2.93 8.27 0.18
C LEU A 21 -1.77 9.00 -0.49
N PRO A 22 -1.49 10.22 -0.01
CA PRO A 22 -0.41 11.05 -0.55
C PRO A 22 0.97 10.50 -0.20
N VAL A 23 1.98 10.93 -0.95
CA VAL A 23 3.35 10.47 -0.72
C VAL A 23 3.71 10.56 0.75
N GLY A 24 4.13 9.43 1.33
CA GLY A 24 4.51 9.41 2.72
C GLY A 24 4.51 8.01 3.30
N ASP A 25 4.89 7.89 4.56
CA ASP A 25 4.94 6.59 5.22
C ASP A 25 3.87 6.49 6.31
N TYR A 26 3.27 5.31 6.43
CA TYR A 26 2.21 5.09 7.42
C TYR A 26 2.50 3.84 8.24
N ASN A 27 2.07 3.84 9.50
CA ASN A 27 2.27 2.70 10.38
C ASN A 27 1.00 1.88 10.50
N LEU A 28 1.07 0.81 11.30
CA LEU A 28 -0.07 -0.06 11.51
C LEU A 28 -1.28 0.72 12.01
N SER A 29 -1.04 1.62 12.95
CA SER A 29 -2.11 2.45 13.51
C SER A 29 -2.62 3.47 12.49
N SER A 30 -1.75 3.83 11.56
CA SER A 30 -2.10 4.80 10.52
C SER A 30 -2.97 4.15 9.45
N LEU A 31 -2.79 2.84 9.25
CA LEU A 31 -3.55 2.11 8.26
C LEU A 31 -5.05 2.16 8.57
N ILE A 32 -5.39 1.86 9.82
CA ILE A 32 -6.79 1.88 10.24
C ILE A 32 -7.36 3.29 10.21
N SER A 33 -6.49 4.29 10.38
CA SER A 33 -6.91 5.68 10.37
C SER A 33 -7.66 6.01 9.09
N ARG A 34 -7.28 5.36 7.99
CA ARG A 34 -7.93 5.58 6.70
C ARG A 34 -9.11 4.64 6.52
N GLY A 35 -9.12 3.54 7.28
CA GLY A 35 -10.19 2.57 7.19
C GLY A 35 -9.73 1.24 6.63
N ALA A 36 -8.56 0.79 7.08
CA ALA A 36 -8.01 -0.48 6.62
C ALA A 36 -7.08 -1.09 7.67
N LEU A 37 -7.37 -2.33 8.05
CA LEU A 37 -6.56 -3.02 9.05
C LEU A 37 -5.20 -3.41 8.48
N ASN A 38 -4.17 -3.32 9.30
CA ASN A 38 -2.81 -3.66 8.88
C ASN A 38 -2.77 -5.04 8.24
N ASP A 39 -3.66 -5.92 8.71
CA ASP A 39 -3.74 -7.28 8.18
C ASP A 39 -5.11 -7.55 7.57
N ASP A 40 -5.31 -7.07 6.35
CA ASP A 40 -6.58 -7.26 5.65
C ASP A 40 -6.43 -6.98 4.15
N LEU A 41 -5.66 -5.93 3.83
CA LEU A 41 -5.44 -5.55 2.45
C LEU A 41 -4.98 -6.74 1.62
N SER A 42 -5.59 -6.94 0.46
CA SER A 42 -5.24 -8.04 -0.42
C SER A 42 -5.04 -7.55 -1.85
N SER A 43 -5.11 -6.24 -2.04
CA SER A 43 -4.94 -5.64 -3.36
C SER A 43 -4.45 -4.20 -3.24
N ALA A 44 -3.98 -3.65 -4.36
CA ALA A 44 -3.48 -2.29 -4.39
C ALA A 44 -3.15 -1.84 -5.81
N ARG A 45 -3.67 -0.68 -6.21
CA ARG A 45 -3.42 -0.16 -7.55
C ARG A 45 -2.27 0.83 -7.54
N VAL A 46 -1.33 0.66 -8.47
CA VAL A 46 -0.17 1.54 -8.57
C VAL A 46 0.37 1.56 -9.98
N PRO A 47 -0.21 2.41 -10.84
CA PRO A 47 0.20 2.55 -12.23
C PRO A 47 1.57 3.21 -12.37
N SER A 48 2.10 3.22 -13.59
CA SER A 48 3.40 3.83 -13.86
C SER A 48 3.47 5.25 -13.30
N GLY A 49 4.52 5.53 -12.54
CA GLY A 49 4.69 6.85 -11.97
C GLY A 49 4.46 6.86 -10.47
N LEU A 50 4.17 5.70 -9.91
CA LEU A 50 3.94 5.58 -8.47
C LEU A 50 4.75 4.43 -7.88
N ARG A 51 5.42 4.71 -6.76
CA ARG A 51 6.23 3.70 -6.10
C ARG A 51 5.82 3.53 -4.65
N LEU A 52 5.66 2.29 -4.21
CA LEU A 52 5.26 1.99 -2.84
C LEU A 52 6.06 0.81 -2.28
N GLU A 53 6.17 0.76 -0.96
CA GLU A 53 6.91 -0.31 -0.30
C GLU A 53 6.13 -0.85 0.90
N VAL A 54 5.86 -2.15 0.89
CA VAL A 54 5.13 -2.79 1.98
C VAL A 54 6.08 -3.27 3.07
N PHE A 55 5.66 -3.11 4.32
CA PHE A 55 6.47 -3.53 5.46
C PHE A 55 5.65 -4.38 6.42
N GLN A 56 5.71 -5.70 6.23
CA GLN A 56 4.97 -6.62 7.08
C GLN A 56 5.25 -6.35 8.56
N HIS A 57 6.54 -6.21 8.89
CA HIS A 57 6.94 -5.95 10.27
C HIS A 57 6.90 -4.46 10.57
N ASN A 58 6.97 -4.11 11.85
CA ASN A 58 6.94 -2.72 12.27
C ASN A 58 8.32 -2.25 12.70
N ASN A 59 8.51 -0.93 12.74
CA ASN A 59 9.79 -0.35 13.14
C ASN A 59 10.89 -0.73 12.14
N PHE A 60 10.47 -1.18 10.97
CA PHE A 60 11.42 -1.58 9.92
C PHE A 60 12.44 -2.58 10.47
N LYS A 61 11.95 -3.67 11.05
CA LYS A 61 12.82 -4.69 11.61
C LYS A 61 13.89 -5.11 10.60
N GLY A 62 13.45 -5.80 9.54
CA GLY A 62 14.39 -6.24 8.53
C GLY A 62 13.69 -6.64 7.23
N VAL A 63 12.75 -7.57 7.34
CA VAL A 63 12.01 -8.03 6.17
C VAL A 63 11.12 -6.93 5.59
N ARG A 64 11.43 -6.51 4.37
CA ARG A 64 10.67 -5.45 3.72
C ARG A 64 10.29 -5.86 2.28
N ASP A 65 9.24 -5.25 1.76
CA ASP A 65 8.79 -5.54 0.41
C ASP A 65 8.61 -4.27 -0.41
N PHE A 66 8.76 -4.38 -1.73
CA PHE A 66 8.63 -3.22 -2.61
C PHE A 66 7.75 -3.57 -3.81
N TYR A 67 6.81 -2.67 -4.11
CA TYR A 67 5.91 -2.88 -5.24
C TYR A 67 5.81 -1.62 -6.10
N THR A 68 5.78 -1.82 -7.42
CA THR A 68 5.70 -0.71 -8.35
C THR A 68 4.75 -1.03 -9.50
N SER A 69 3.81 -1.93 -9.25
CA SER A 69 2.84 -2.33 -10.27
C SER A 69 1.56 -2.85 -9.62
N ASP A 70 0.49 -2.91 -10.41
CA ASP A 70 -0.79 -3.39 -9.92
C ASP A 70 -0.64 -4.73 -9.22
N ALA A 71 -0.80 -4.73 -7.90
CA ALA A 71 -0.69 -5.95 -7.11
C ALA A 71 -2.03 -6.37 -6.54
N ALA A 72 -2.44 -7.60 -6.82
CA ALA A 72 -3.70 -8.12 -6.34
C ALA A 72 -3.50 -9.04 -5.13
N GLU A 73 -2.39 -8.84 -4.43
CA GLU A 73 -2.07 -9.65 -3.26
C GLU A 73 -0.82 -9.13 -2.55
N LEU A 74 -1.02 -8.47 -1.41
CA LEU A 74 0.08 -7.93 -0.64
C LEU A 74 1.15 -8.98 -0.39
N SER A 75 2.31 -8.55 0.07
CA SER A 75 3.42 -9.45 0.36
C SER A 75 2.96 -10.60 1.25
N ARG A 76 2.65 -10.28 2.50
CA ARG A 76 2.21 -11.29 3.45
C ARG A 76 0.69 -11.22 3.64
N ASP A 77 0.02 -12.36 3.46
CA ASP A 77 -1.42 -12.43 3.61
C ASP A 77 -1.85 -11.89 4.97
N ASN A 78 -2.58 -10.77 4.95
CA ASN A 78 -3.05 -10.15 6.18
C ASN A 78 -1.89 -9.94 7.16
N ASP A 79 -0.93 -9.12 6.77
CA ASP A 79 0.22 -8.84 7.62
C ASP A 79 1.04 -7.69 7.05
N ALA A 80 0.52 -6.47 7.19
CA ALA A 80 1.21 -5.28 6.69
C ALA A 80 1.30 -4.21 7.77
N SER A 81 2.32 -4.31 8.62
CA SER A 81 2.51 -3.35 9.70
C SER A 81 2.50 -1.93 9.17
N SER A 82 3.55 -1.57 8.44
CA SER A 82 3.68 -0.23 7.87
C SER A 82 3.81 -0.29 6.36
N VAL A 83 3.51 0.82 5.70
CA VAL A 83 3.61 0.89 4.24
C VAL A 83 4.20 2.23 3.80
N ARG A 84 4.63 2.28 2.54
CA ARG A 84 5.22 3.50 1.99
C ARG A 84 4.63 3.81 0.62
N VAL A 85 4.36 5.09 0.38
CA VAL A 85 3.78 5.53 -0.89
C VAL A 85 4.48 6.78 -1.41
N SER A 86 4.75 6.81 -2.71
CA SER A 86 5.42 7.96 -3.32
C SER A 86 5.21 7.95 -4.83
N LYS A 87 5.58 9.05 -5.48
CA LYS A 87 5.45 9.19 -6.92
C LYS A 87 6.80 9.05 -7.61
N MET A 88 6.93 8.01 -8.45
CA MET A 88 8.17 7.78 -9.17
C MET A 88 8.48 8.94 -10.12
N GLU A 89 7.61 9.13 -11.11
CA GLU A 89 7.79 10.20 -12.08
C GLU A 89 6.49 10.98 -12.29
N THR A 90 5.64 10.96 -11.27
CA THR A 90 4.35 11.66 -11.33
C THR A 90 3.58 11.26 -12.58
N THR A 91 2.46 11.94 -12.83
CA THR A 91 1.62 11.66 -13.99
C THR A 91 0.84 12.90 -14.41
N ASN A 92 0.77 13.14 -15.72
CA ASN A 92 0.04 14.28 -16.24
C ASN A 92 -1.36 13.88 -16.69
N GLY A 2 -4.95 13.79 -13.35
CA GLY A 2 -4.61 12.44 -12.94
C GLY A 2 -4.86 12.21 -11.47
N GLU A 3 -4.96 10.94 -11.08
CA GLU A 3 -5.20 10.58 -9.68
C GLU A 3 -3.94 10.78 -8.84
N LYS A 4 -2.85 10.18 -9.30
CA LYS A 4 -1.57 10.29 -8.59
C LYS A 4 -1.70 9.79 -7.16
N THR A 5 -2.23 8.58 -7.01
CA THR A 5 -2.40 7.98 -5.69
C THR A 5 -2.60 6.48 -5.78
N VAL A 6 -2.17 5.76 -4.75
CA VAL A 6 -2.29 4.32 -4.71
C VAL A 6 -3.57 3.88 -4.03
N LYS A 7 -4.37 3.06 -4.71
CA LYS A 7 -5.62 2.57 -4.16
C LYS A 7 -5.46 1.17 -3.58
N LEU A 8 -5.45 1.07 -2.26
CA LEU A 8 -5.31 -0.22 -1.59
C LEU A 8 -6.66 -0.89 -1.40
N TYR A 9 -6.73 -2.17 -1.73
CA TYR A 9 -7.97 -2.93 -1.59
C TYR A 9 -7.80 -4.08 -0.61
N GLU A 10 -8.72 -4.17 0.35
CA GLU A 10 -8.68 -5.21 1.36
C GLU A 10 -8.97 -6.58 0.74
N ASP A 11 -9.79 -6.59 -0.31
CA ASP A 11 -10.14 -7.83 -0.99
C ASP A 11 -9.48 -7.90 -2.36
N THR A 12 -8.99 -9.09 -2.71
CA THR A 12 -8.33 -9.29 -4.00
C THR A 12 -9.26 -8.93 -5.16
N HIS A 13 -8.67 -8.75 -6.33
CA HIS A 13 -9.44 -8.40 -7.52
C HIS A 13 -10.10 -7.04 -7.36
N PHE A 14 -9.52 -6.19 -6.52
CA PHE A 14 -10.05 -4.86 -6.27
C PHE A 14 -11.51 -4.94 -5.80
N LYS A 15 -11.76 -5.78 -4.80
CA LYS A 15 -13.11 -5.94 -4.26
C LYS A 15 -13.29 -5.16 -2.97
N GLY A 16 -14.52 -4.79 -2.66
CA GLY A 16 -14.81 -4.04 -1.46
C GLY A 16 -14.54 -2.56 -1.62
N TYR A 17 -13.85 -1.96 -0.65
CA TYR A 17 -13.55 -0.54 -0.69
C TYR A 17 -12.10 -0.31 -1.12
N SER A 18 -11.73 0.95 -1.26
CA SER A 18 -10.37 1.32 -1.66
C SER A 18 -9.87 2.51 -0.85
N VAL A 19 -8.58 2.48 -0.52
CA VAL A 19 -7.96 3.55 0.25
C VAL A 19 -6.86 4.25 -0.55
N GLU A 20 -6.94 5.57 -0.62
CA GLU A 20 -5.96 6.35 -1.36
C GLU A 20 -4.92 6.95 -0.42
N LEU A 21 -3.65 6.88 -0.83
CA LEU A 21 -2.56 7.41 -0.02
C LEU A 21 -1.45 7.96 -0.90
N PRO A 22 -1.40 9.30 -1.03
CA PRO A 22 -0.38 9.97 -1.84
C PRO A 22 1.00 9.88 -1.23
N VAL A 23 1.98 10.48 -1.90
CA VAL A 23 3.36 10.46 -1.42
C VAL A 23 3.42 10.58 0.10
N GLY A 24 4.01 9.59 0.75
CA GLY A 24 4.12 9.60 2.19
C GLY A 24 4.17 8.21 2.78
N ASP A 25 4.55 8.13 4.06
CA ASP A 25 4.64 6.84 4.74
C ASP A 25 3.56 6.73 5.82
N TYR A 26 3.02 5.52 5.97
CA TYR A 26 1.97 5.28 6.96
C TYR A 26 2.32 4.07 7.82
N ASN A 27 1.81 4.06 9.05
CA ASN A 27 2.06 2.96 9.97
C ASN A 27 0.81 2.13 10.18
N LEU A 28 0.85 1.24 11.16
CA LEU A 28 -0.29 0.37 11.47
C LEU A 28 -1.49 1.19 11.92
N SER A 29 -1.25 2.16 12.80
CA SER A 29 -2.30 3.03 13.31
C SER A 29 -2.86 3.92 12.21
N SER A 30 -2.01 4.25 11.23
CA SER A 30 -2.41 5.11 10.12
C SER A 30 -3.35 4.37 9.18
N LEU A 31 -3.17 3.05 9.08
CA LEU A 31 -4.01 2.22 8.22
C LEU A 31 -5.46 2.30 8.64
N ILE A 32 -5.71 2.16 9.95
CA ILE A 32 -7.05 2.21 10.48
C ILE A 32 -7.68 3.59 10.27
N SER A 33 -6.84 4.61 10.24
CA SER A 33 -7.30 5.98 10.05
C SER A 33 -8.16 6.10 8.79
N ARG A 34 -7.91 5.22 7.84
CA ARG A 34 -8.66 5.22 6.58
C ARG A 34 -9.75 4.15 6.60
N GLY A 35 -9.59 3.16 7.48
CA GLY A 35 -10.57 2.10 7.58
C GLY A 35 -10.01 0.75 7.18
N ALA A 36 -8.77 0.48 7.59
CA ALA A 36 -8.12 -0.78 7.27
C ALA A 36 -7.08 -1.15 8.32
N LEU A 37 -6.81 -2.44 8.46
CA LEU A 37 -5.83 -2.92 9.43
C LEU A 37 -4.54 -3.34 8.73
N ASN A 38 -3.57 -3.79 9.52
CA ASN A 38 -2.28 -4.22 8.98
C ASN A 38 -2.43 -5.51 8.20
N ASP A 39 -3.08 -6.50 8.82
CA ASP A 39 -3.30 -7.79 8.17
C ASP A 39 -4.70 -7.88 7.58
N ASP A 40 -4.82 -7.53 6.31
CA ASP A 40 -6.10 -7.58 5.61
C ASP A 40 -5.93 -7.27 4.13
N LEU A 41 -5.08 -6.31 3.82
CA LEU A 41 -4.81 -5.91 2.44
C LEU A 41 -4.48 -7.14 1.59
N SER A 42 -5.28 -7.38 0.55
CA SER A 42 -5.06 -8.51 -0.33
C SER A 42 -4.75 -8.03 -1.76
N SER A 43 -5.11 -6.78 -2.04
CA SER A 43 -4.87 -6.21 -3.37
C SER A 43 -4.62 -4.70 -3.27
N ALA A 44 -4.17 -4.11 -4.37
CA ALA A 44 -3.90 -2.68 -4.41
C ALA A 44 -3.42 -2.25 -5.79
N ARG A 45 -4.15 -1.31 -6.40
CA ARG A 45 -3.80 -0.81 -7.72
C ARG A 45 -3.07 0.52 -7.62
N VAL A 46 -2.07 0.70 -8.49
CA VAL A 46 -1.29 1.93 -8.50
C VAL A 46 -1.18 2.50 -9.91
N PRO A 47 -1.04 3.83 -10.01
CA PRO A 47 -0.92 4.52 -11.29
C PRO A 47 0.40 4.24 -11.99
N SER A 48 0.56 4.76 -13.20
CA SER A 48 1.77 4.55 -13.98
C SER A 48 2.89 5.48 -13.50
N GLY A 49 3.94 4.90 -12.94
CA GLY A 49 5.04 5.69 -12.44
C GLY A 49 4.98 5.92 -10.95
N LEU A 50 4.54 4.92 -10.21
CA LEU A 50 4.41 5.01 -8.76
C LEU A 50 5.21 3.91 -8.07
N ARG A 51 5.98 4.29 -7.05
CA ARG A 51 6.79 3.33 -6.31
C ARG A 51 6.39 3.30 -4.84
N LEU A 52 6.22 2.10 -4.30
CA LEU A 52 5.85 1.95 -2.90
C LEU A 52 6.46 0.68 -2.31
N GLU A 53 6.62 0.66 -0.99
CA GLU A 53 7.20 -0.49 -0.29
C GLU A 53 6.32 -0.91 0.88
N VAL A 54 6.14 -2.21 1.03
CA VAL A 54 5.33 -2.74 2.12
C VAL A 54 6.19 -3.15 3.31
N PHE A 55 5.71 -2.86 4.52
CA PHE A 55 6.45 -3.20 5.74
C PHE A 55 5.54 -3.91 6.73
N GLN A 56 5.76 -5.21 6.89
CA GLN A 56 4.96 -6.01 7.82
C GLN A 56 4.93 -5.37 9.19
N HIS A 57 6.05 -4.78 9.59
CA HIS A 57 6.14 -4.13 10.90
C HIS A 57 6.09 -2.61 10.76
N ASN A 58 6.02 -1.92 11.89
CA ASN A 58 5.95 -0.46 11.89
C ASN A 58 7.23 0.14 12.44
N ASN A 59 8.36 -0.45 12.08
CA ASN A 59 9.67 0.02 12.54
C ASN A 59 10.76 -0.27 11.51
N PHE A 60 10.34 -0.54 10.27
CA PHE A 60 11.27 -0.83 9.20
C PHE A 60 12.24 -1.93 9.61
N LYS A 61 11.76 -2.85 10.46
CA LYS A 61 12.58 -3.95 10.94
C LYS A 61 12.28 -5.23 10.15
N GLY A 62 11.00 -5.44 9.85
CA GLY A 62 10.59 -6.62 9.12
C GLY A 62 10.93 -6.53 7.64
N VAL A 63 10.88 -7.66 6.95
CA VAL A 63 11.18 -7.70 5.52
C VAL A 63 10.38 -6.67 4.76
N ARG A 64 11.08 -5.76 4.08
CA ARG A 64 10.42 -4.72 3.30
C ARG A 64 10.21 -5.16 1.86
N ASP A 65 8.98 -4.98 1.37
CA ASP A 65 8.64 -5.37 0.00
C ASP A 65 8.52 -4.13 -0.89
N PHE A 66 8.25 -4.36 -2.17
CA PHE A 66 8.12 -3.27 -3.13
C PHE A 66 7.06 -3.59 -4.17
N TYR A 67 6.38 -2.57 -4.67
CA TYR A 67 5.34 -2.74 -5.66
C TYR A 67 5.30 -1.55 -6.63
N THR A 68 5.23 -1.86 -7.92
CA THR A 68 5.19 -0.82 -8.95
C THR A 68 4.21 -1.19 -10.06
N SER A 69 3.09 -1.81 -9.68
CA SER A 69 2.09 -2.21 -10.65
C SER A 69 0.83 -2.71 -9.94
N ASP A 70 -0.08 -3.30 -10.71
CA ASP A 70 -1.32 -3.83 -10.16
C ASP A 70 -1.04 -4.92 -9.14
N ALA A 71 -1.02 -4.54 -7.86
CA ALA A 71 -0.77 -5.49 -6.78
C ALA A 71 -1.97 -6.41 -6.56
N ALA A 72 -1.92 -7.58 -7.17
CA ALA A 72 -2.99 -8.56 -7.04
C ALA A 72 -2.90 -9.30 -5.71
N GLU A 73 -1.71 -9.36 -5.14
CA GLU A 73 -1.49 -10.04 -3.88
C GLU A 73 -0.41 -9.33 -3.05
N LEU A 74 -0.80 -8.86 -1.87
CA LEU A 74 0.13 -8.16 -0.98
C LEU A 74 1.40 -8.98 -0.77
N SER A 75 2.47 -8.31 -0.37
CA SER A 75 3.75 -8.97 -0.15
C SER A 75 3.58 -10.16 0.79
N ARG A 76 2.60 -10.08 1.68
CA ARG A 76 2.33 -11.16 2.63
C ARG A 76 0.85 -11.23 2.96
N ASP A 77 0.28 -12.43 2.89
CA ASP A 77 -1.13 -12.64 3.18
C ASP A 77 -1.49 -12.06 4.55
N ASN A 78 -2.31 -11.02 4.54
CA ASN A 78 -2.73 -10.38 5.79
C ASN A 78 -1.53 -10.04 6.66
N ASP A 79 -0.75 -9.05 6.24
CA ASP A 79 0.43 -8.64 6.98
C ASP A 79 1.04 -7.38 6.37
N ALA A 80 0.88 -6.25 7.05
CA ALA A 80 1.40 -4.99 6.57
C ALA A 80 1.10 -3.85 7.55
N SER A 81 1.93 -3.74 8.58
CA SER A 81 1.75 -2.71 9.59
C SER A 81 2.00 -1.32 9.01
N SER A 82 3.21 -1.11 8.50
CA SER A 82 3.58 0.17 7.90
C SER A 82 3.85 0.02 6.40
N VAL A 83 3.72 1.12 5.67
CA VAL A 83 3.95 1.12 4.24
C VAL A 83 4.40 2.49 3.75
N ARG A 84 5.08 2.52 2.61
CA ARG A 84 5.57 3.76 2.03
C ARG A 84 5.15 3.89 0.57
N VAL A 85 4.55 5.02 0.23
CA VAL A 85 4.10 5.27 -1.14
C VAL A 85 4.69 6.57 -1.68
N SER A 86 5.13 6.54 -2.94
CA SER A 86 5.70 7.71 -3.57
C SER A 86 5.59 7.61 -5.09
N LYS A 87 5.81 8.73 -5.77
CA LYS A 87 5.74 8.79 -7.23
C LYS A 87 7.13 8.62 -7.85
N MET A 88 7.30 7.57 -8.62
CA MET A 88 8.58 7.30 -9.28
C MET A 88 8.82 8.27 -10.43
N GLU A 89 7.94 8.22 -11.44
CA GLU A 89 8.07 9.10 -12.59
C GLU A 89 8.15 10.56 -12.15
N THR A 90 7.53 10.87 -11.02
CA THR A 90 7.54 12.24 -10.49
C THR A 90 8.47 12.35 -9.29
N THR A 91 9.72 12.73 -9.55
CA THR A 91 10.71 12.88 -8.50
C THR A 91 10.80 14.32 -8.03
N ASN A 92 11.50 14.55 -6.91
CA ASN A 92 11.65 15.89 -6.37
C ASN A 92 13.09 16.11 -5.90
N GLY A 2 -3.17 10.26 -15.39
CA GLY A 2 -4.40 9.59 -15.03
C GLY A 2 -4.69 9.66 -13.53
N GLU A 3 -3.69 9.29 -12.73
CA GLU A 3 -3.84 9.31 -11.28
C GLU A 3 -2.50 9.60 -10.60
N LYS A 4 -2.54 9.78 -9.29
CA LYS A 4 -1.33 10.07 -8.52
C LYS A 4 -1.47 9.55 -7.08
N THR A 5 -2.23 8.47 -6.92
CA THR A 5 -2.43 7.88 -5.61
C THR A 5 -2.61 6.37 -5.71
N VAL A 6 -2.26 5.67 -4.64
CA VAL A 6 -2.39 4.21 -4.61
C VAL A 6 -3.71 3.79 -4.01
N LYS A 7 -4.44 2.94 -4.74
CA LYS A 7 -5.74 2.45 -4.28
C LYS A 7 -5.61 1.08 -3.65
N LEU A 8 -5.69 1.02 -2.32
CA LEU A 8 -5.58 -0.23 -1.59
C LEU A 8 -6.96 -0.83 -1.34
N TYR A 9 -7.12 -2.09 -1.74
CA TYR A 9 -8.39 -2.79 -1.56
C TYR A 9 -8.24 -3.98 -0.63
N GLU A 10 -9.27 -4.26 0.16
CA GLU A 10 -9.25 -5.37 1.09
C GLU A 10 -9.51 -6.69 0.37
N ASP A 11 -10.36 -6.65 -0.64
CA ASP A 11 -10.69 -7.84 -1.41
C ASP A 11 -9.69 -8.06 -2.53
N THR A 12 -9.19 -9.29 -2.66
CA THR A 12 -8.23 -9.62 -3.70
C THR A 12 -8.90 -9.78 -5.05
N HIS A 13 -9.54 -8.70 -5.51
CA HIS A 13 -10.24 -8.72 -6.80
C HIS A 13 -10.88 -7.36 -7.09
N PHE A 14 -10.22 -6.30 -6.65
CA PHE A 14 -10.73 -4.94 -6.87
C PHE A 14 -12.17 -4.83 -6.38
N LYS A 15 -12.40 -5.20 -5.13
CA LYS A 15 -13.73 -5.14 -4.54
C LYS A 15 -13.67 -4.57 -3.13
N GLY A 16 -14.80 -4.01 -2.68
CA GLY A 16 -14.85 -3.45 -1.34
C GLY A 16 -14.46 -1.98 -1.32
N TYR A 17 -13.93 -1.52 -0.19
CA TYR A 17 -13.52 -0.13 -0.04
C TYR A 17 -12.10 0.07 -0.58
N SER A 18 -11.78 1.32 -0.90
CA SER A 18 -10.46 1.66 -1.42
C SER A 18 -9.80 2.74 -0.58
N VAL A 19 -8.49 2.62 -0.39
CA VAL A 19 -7.74 3.60 0.40
C VAL A 19 -6.71 4.33 -0.46
N GLU A 20 -6.76 5.65 -0.43
CA GLU A 20 -5.83 6.46 -1.21
C GLU A 20 -4.72 7.02 -0.33
N LEU A 21 -3.49 7.00 -0.84
CA LEU A 21 -2.34 7.50 -0.10
C LEU A 21 -1.47 8.39 -0.98
N PRO A 22 -1.82 9.68 -1.06
CA PRO A 22 -1.08 10.65 -1.85
C PRO A 22 0.30 10.97 -1.27
N VAL A 23 1.22 10.03 -1.43
CA VAL A 23 2.58 10.20 -0.91
C VAL A 23 2.59 10.27 0.62
N GLY A 24 3.53 9.58 1.23
CA GLY A 24 3.64 9.58 2.68
C GLY A 24 3.84 8.18 3.24
N ASP A 25 4.21 8.11 4.51
CA ASP A 25 4.44 6.82 5.18
C ASP A 25 3.39 6.57 6.25
N TYR A 26 2.90 5.34 6.32
CA TYR A 26 1.89 4.97 7.30
C TYR A 26 2.30 3.71 8.05
N ASN A 27 1.81 3.58 9.29
CA ASN A 27 2.12 2.42 10.12
C ASN A 27 0.88 1.57 10.35
N LEU A 28 1.00 0.61 11.27
CA LEU A 28 -0.12 -0.27 11.60
C LEU A 28 -1.33 0.53 12.04
N SER A 29 -1.12 1.43 13.00
CA SER A 29 -2.20 2.26 13.52
C SER A 29 -2.79 3.14 12.42
N SER A 30 -1.92 3.77 11.65
CA SER A 30 -2.36 4.65 10.57
C SER A 30 -3.30 3.91 9.62
N LEU A 31 -3.08 2.61 9.47
CA LEU A 31 -3.92 1.79 8.59
C LEU A 31 -5.31 1.60 9.19
N ILE A 32 -5.38 1.56 10.52
CA ILE A 32 -6.64 1.38 11.21
C ILE A 32 -7.59 2.55 10.94
N SER A 33 -7.04 3.77 10.98
CA SER A 33 -7.83 4.97 10.74
C SER A 33 -8.36 4.99 9.30
N ARG A 34 -7.61 4.36 8.40
CA ARG A 34 -8.00 4.31 6.99
C ARG A 34 -9.19 3.38 6.79
N GLY A 35 -9.51 2.60 7.83
CA GLY A 35 -10.62 1.67 7.75
C GLY A 35 -10.19 0.28 7.33
N ALA A 36 -8.89 0.13 7.05
CA ALA A 36 -8.34 -1.16 6.63
C ALA A 36 -7.33 -1.67 7.65
N LEU A 37 -7.61 -2.84 8.22
CA LEU A 37 -6.73 -3.44 9.21
C LEU A 37 -5.38 -3.81 8.59
N ASN A 38 -4.31 -3.68 9.37
CA ASN A 38 -2.97 -3.99 8.89
C ASN A 38 -2.94 -5.38 8.26
N ASP A 39 -3.63 -6.33 8.87
CA ASP A 39 -3.69 -7.70 8.36
C ASP A 39 -5.06 -8.01 7.77
N ASP A 40 -5.27 -7.61 6.53
CA ASP A 40 -6.54 -7.85 5.85
C ASP A 40 -6.45 -7.49 4.37
N LEU A 41 -5.70 -6.43 4.07
CA LEU A 41 -5.53 -5.99 2.69
C LEU A 41 -5.16 -7.16 1.79
N SER A 42 -5.90 -7.31 0.68
CA SER A 42 -5.65 -8.39 -0.26
C SER A 42 -5.54 -7.84 -1.68
N SER A 43 -5.57 -6.51 -1.81
CA SER A 43 -5.48 -5.87 -3.12
C SER A 43 -4.90 -4.47 -2.99
N ALA A 44 -4.27 -4.00 -4.06
CA ALA A 44 -3.66 -2.67 -4.07
C ALA A 44 -3.06 -2.35 -5.42
N ARG A 45 -3.67 -1.41 -6.14
CA ARG A 45 -3.18 -1.01 -7.45
C ARG A 45 -2.62 0.40 -7.43
N VAL A 46 -1.62 0.66 -8.27
CA VAL A 46 -0.98 1.97 -8.34
C VAL A 46 -0.88 2.45 -9.78
N PRO A 47 -0.96 3.78 -9.97
CA PRO A 47 -0.88 4.39 -11.30
C PRO A 47 0.53 4.30 -11.89
N SER A 48 0.67 4.77 -13.12
CA SER A 48 1.97 4.74 -13.80
C SER A 48 2.87 5.87 -13.31
N GLY A 49 3.96 5.51 -12.65
CA GLY A 49 4.88 6.50 -12.14
C GLY A 49 4.75 6.70 -10.64
N LEU A 50 4.52 5.62 -9.92
CA LEU A 50 4.36 5.68 -8.47
C LEU A 50 5.17 4.57 -7.79
N ARG A 51 5.91 4.94 -6.75
CA ARG A 51 6.72 3.98 -6.02
C ARG A 51 6.19 3.79 -4.59
N LEU A 52 6.12 2.54 -4.16
CA LEU A 52 5.63 2.23 -2.82
C LEU A 52 6.38 1.04 -2.23
N GLU A 53 6.42 0.97 -0.90
CA GLU A 53 7.10 -0.12 -0.21
C GLU A 53 6.24 -0.69 0.90
N VAL A 54 5.92 -1.98 0.82
CA VAL A 54 5.10 -2.64 1.83
C VAL A 54 5.96 -3.22 2.94
N PHE A 55 5.72 -2.76 4.16
CA PHE A 55 6.48 -3.22 5.32
C PHE A 55 5.60 -4.08 6.23
N GLN A 56 5.62 -5.39 6.01
CA GLN A 56 4.83 -6.31 6.81
C GLN A 56 5.13 -6.14 8.30
N HIS A 57 6.41 -6.09 8.64
CA HIS A 57 6.84 -5.93 10.03
C HIS A 57 6.74 -4.47 10.45
N ASN A 58 7.00 -4.21 11.73
CA ASN A 58 6.94 -2.86 12.27
C ASN A 58 7.67 -1.88 11.35
N ASN A 59 7.40 -0.59 11.55
CA ASN A 59 8.03 0.45 10.74
C ASN A 59 9.53 0.21 10.61
N PHE A 60 9.95 -0.28 9.46
CA PHE A 60 11.37 -0.55 9.20
C PHE A 60 11.97 -1.35 10.35
N LYS A 61 11.37 -2.49 10.67
CA LYS A 61 11.85 -3.34 11.74
C LYS A 61 12.29 -4.70 11.20
N GLY A 62 11.61 -5.17 10.17
CA GLY A 62 11.95 -6.45 9.57
C GLY A 62 12.32 -6.34 8.10
N VAL A 63 11.54 -7.00 7.25
CA VAL A 63 11.78 -6.96 5.81
C VAL A 63 10.96 -5.87 5.14
N ARG A 64 11.51 -5.31 4.05
CA ARG A 64 10.82 -4.25 3.32
C ARG A 64 10.48 -4.70 1.91
N ASP A 65 9.26 -4.42 1.47
CA ASP A 65 8.81 -4.78 0.14
C ASP A 65 8.77 -3.58 -0.78
N PHE A 66 8.41 -3.82 -2.04
CA PHE A 66 8.35 -2.74 -3.03
C PHE A 66 7.40 -3.11 -4.16
N TYR A 67 6.41 -2.25 -4.41
CA TYR A 67 5.43 -2.48 -5.46
C TYR A 67 5.36 -1.29 -6.41
N THR A 68 5.47 -1.57 -7.70
CA THR A 68 5.43 -0.52 -8.72
C THR A 68 4.47 -0.91 -9.86
N SER A 69 3.39 -1.59 -9.51
CA SER A 69 2.40 -2.01 -10.50
C SER A 69 1.17 -2.59 -9.83
N ASP A 70 0.15 -2.87 -10.62
CA ASP A 70 -1.10 -3.43 -10.11
C ASP A 70 -0.82 -4.67 -9.27
N ALA A 71 -1.27 -4.64 -8.00
CA ALA A 71 -1.07 -5.77 -7.09
C ALA A 71 -2.41 -6.34 -6.64
N ALA A 72 -2.79 -7.49 -7.21
CA ALA A 72 -4.04 -8.14 -6.85
C ALA A 72 -3.91 -8.88 -5.53
N GLU A 73 -2.71 -8.88 -4.97
CA GLU A 73 -2.46 -9.55 -3.70
C GLU A 73 -1.34 -8.85 -2.92
N LEU A 74 -1.57 -8.66 -1.62
CA LEU A 74 -0.58 -8.01 -0.76
C LEU A 74 0.80 -8.65 -0.92
N SER A 75 1.84 -7.91 -0.55
CA SER A 75 3.20 -8.41 -0.66
C SER A 75 3.33 -9.78 0.00
N ARG A 76 2.53 -10.02 1.02
CA ARG A 76 2.56 -11.29 1.74
C ARG A 76 1.25 -11.51 2.50
N ASP A 77 1.24 -12.52 3.37
CA ASP A 77 0.07 -12.84 4.16
C ASP A 77 -0.43 -11.61 4.92
N ASN A 78 -1.71 -11.63 5.28
CA ASN A 78 -2.31 -10.51 6.00
C ASN A 78 -1.47 -10.15 7.22
N ASP A 79 -0.70 -9.07 7.10
CA ASP A 79 0.15 -8.60 8.19
C ASP A 79 0.92 -7.35 7.79
N ALA A 80 0.29 -6.51 6.98
CA ALA A 80 0.91 -5.28 6.52
C ALA A 80 0.92 -4.21 7.62
N SER A 81 1.97 -4.24 8.45
CA SER A 81 2.09 -3.29 9.55
C SER A 81 2.20 -1.86 9.02
N SER A 82 3.36 -1.54 8.45
CA SER A 82 3.59 -0.21 7.91
C SER A 82 3.80 -0.26 6.39
N VAL A 83 3.65 0.89 5.74
CA VAL A 83 3.83 0.97 4.30
C VAL A 83 4.32 2.36 3.88
N ARG A 84 4.82 2.45 2.65
CA ARG A 84 5.32 3.72 2.13
C ARG A 84 4.82 3.95 0.71
N VAL A 85 4.40 5.19 0.45
CA VAL A 85 3.89 5.55 -0.88
C VAL A 85 4.48 6.88 -1.34
N SER A 86 4.83 6.95 -2.63
CA SER A 86 5.40 8.16 -3.20
C SER A 86 5.24 8.18 -4.72
N LYS A 87 5.43 9.35 -5.31
CA LYS A 87 5.30 9.50 -6.76
C LYS A 87 6.67 9.45 -7.43
N MET A 88 6.82 8.54 -8.38
CA MET A 88 8.08 8.40 -9.11
C MET A 88 8.02 9.11 -10.46
N GLU A 89 9.02 8.86 -11.30
CA GLU A 89 9.08 9.49 -12.62
C GLU A 89 9.14 11.01 -12.50
N THR A 90 9.53 11.49 -11.32
CA THR A 90 9.63 12.91 -11.08
C THR A 90 10.66 13.57 -12.01
N THR A 91 11.82 12.92 -12.15
CA THR A 91 12.87 13.43 -13.00
C THR A 91 12.87 12.72 -14.35
N ASN A 92 12.64 13.48 -15.42
CA ASN A 92 12.62 12.92 -16.76
C ASN A 92 13.93 13.22 -17.50
N GLY A 2 -7.69 9.33 -10.22
CA GLY A 2 -6.46 9.25 -9.45
C GLY A 2 -5.24 9.03 -10.33
N GLU A 3 -4.33 10.00 -10.33
CA GLU A 3 -3.12 9.90 -11.13
C GLU A 3 -1.88 10.00 -10.25
N LYS A 4 -1.93 10.88 -9.26
CA LYS A 4 -0.82 11.07 -8.34
C LYS A 4 -1.04 10.32 -7.04
N THR A 5 -1.79 9.22 -7.10
CA THR A 5 -2.09 8.42 -5.92
C THR A 5 -2.28 6.95 -6.29
N VAL A 6 -2.39 6.10 -5.28
CA VAL A 6 -2.57 4.67 -5.50
C VAL A 6 -3.91 4.20 -4.94
N LYS A 7 -4.36 3.03 -5.37
CA LYS A 7 -5.61 2.46 -4.91
C LYS A 7 -5.41 1.08 -4.30
N LEU A 8 -5.53 1.00 -2.98
CA LEU A 8 -5.36 -0.27 -2.27
C LEU A 8 -6.71 -0.90 -1.95
N TYR A 9 -6.82 -2.20 -2.20
CA TYR A 9 -8.06 -2.92 -1.93
C TYR A 9 -7.80 -4.12 -1.02
N GLU A 10 -8.81 -4.47 -0.23
CA GLU A 10 -8.69 -5.60 0.70
C GLU A 10 -9.05 -6.91 0.00
N ASP A 11 -9.65 -6.80 -1.19
CA ASP A 11 -10.06 -7.97 -1.95
C ASP A 11 -8.87 -8.55 -2.71
N THR A 12 -9.16 -9.49 -3.62
CA THR A 12 -8.11 -10.13 -4.41
C THR A 12 -8.22 -9.74 -5.88
N HIS A 13 -8.45 -8.45 -6.13
CA HIS A 13 -8.58 -7.95 -7.50
C HIS A 13 -8.81 -6.44 -7.50
N PHE A 14 -10.04 -6.04 -7.18
CA PHE A 14 -10.39 -4.63 -7.15
C PHE A 14 -11.70 -4.40 -6.40
N LYS A 15 -12.01 -5.31 -5.49
CA LYS A 15 -13.24 -5.23 -4.71
C LYS A 15 -12.95 -4.70 -3.30
N GLY A 16 -14.01 -4.58 -2.49
CA GLY A 16 -13.84 -4.08 -1.14
C GLY A 16 -13.67 -2.58 -1.09
N TYR A 17 -13.31 -2.06 0.08
CA TYR A 17 -13.11 -0.63 0.26
C TYR A 17 -11.73 -0.20 -0.25
N SER A 18 -11.71 0.83 -1.08
CA SER A 18 -10.47 1.34 -1.65
C SER A 18 -9.87 2.41 -0.75
N VAL A 19 -8.55 2.41 -0.64
CA VAL A 19 -7.84 3.39 0.18
C VAL A 19 -6.67 4.00 -0.57
N GLU A 20 -6.61 5.34 -0.59
CA GLU A 20 -5.53 6.05 -1.27
C GLU A 20 -4.48 6.54 -0.27
N LEU A 21 -3.23 6.55 -0.70
CA LEU A 21 -2.14 7.00 0.16
C LEU A 21 -1.04 7.67 -0.67
N PRO A 22 -1.05 9.02 -0.67
CA PRO A 22 -0.05 9.81 -1.42
C PRO A 22 1.34 9.71 -0.81
N VAL A 23 2.31 10.32 -1.47
CA VAL A 23 3.69 10.31 -1.00
C VAL A 23 3.75 10.41 0.52
N GLY A 24 4.25 9.37 1.16
CA GLY A 24 4.36 9.37 2.62
C GLY A 24 4.39 7.97 3.19
N ASP A 25 4.53 7.89 4.51
CA ASP A 25 4.59 6.60 5.19
C ASP A 25 3.43 6.45 6.18
N TYR A 26 2.89 5.25 6.27
CA TYR A 26 1.78 4.98 7.18
C TYR A 26 2.06 3.76 8.05
N ASN A 27 1.87 3.92 9.35
CA ASN A 27 2.11 2.83 10.29
C ASN A 27 0.84 2.00 10.50
N LEU A 28 0.87 1.12 11.49
CA LEU A 28 -0.28 0.26 11.79
C LEU A 28 -1.50 1.10 12.13
N SER A 29 -1.31 2.08 13.01
CA SER A 29 -2.41 2.95 13.42
C SER A 29 -2.83 3.88 12.28
N SER A 30 -1.89 4.16 11.38
CA SER A 30 -2.16 5.03 10.24
C SER A 30 -2.95 4.29 9.17
N LEU A 31 -2.77 2.97 9.11
CA LEU A 31 -3.47 2.15 8.13
C LEU A 31 -4.98 2.22 8.34
N ILE A 32 -5.41 1.94 9.57
CA ILE A 32 -6.83 1.96 9.90
C ILE A 32 -7.38 3.39 9.85
N SER A 33 -6.50 4.36 10.09
CA SER A 33 -6.89 5.76 10.07
C SER A 33 -7.56 6.12 8.75
N ARG A 34 -7.23 5.39 7.70
CA ARG A 34 -7.78 5.63 6.37
C ARG A 34 -8.73 4.50 5.98
N GLY A 35 -9.23 3.77 6.96
CA GLY A 35 -10.14 2.67 6.69
C GLY A 35 -9.44 1.47 6.09
N ALA A 36 -8.25 1.16 6.61
CA ALA A 36 -7.48 0.02 6.13
C ALA A 36 -6.94 -0.81 7.28
N LEU A 37 -7.33 -2.07 7.33
CA LEU A 37 -6.88 -2.97 8.39
C LEU A 37 -5.47 -3.49 8.10
N ASN A 38 -4.65 -3.57 9.14
CA ASN A 38 -3.28 -4.06 9.00
C ASN A 38 -3.26 -5.40 8.28
N ASP A 39 -3.94 -6.39 8.85
CA ASP A 39 -3.99 -7.71 8.26
C ASP A 39 -5.32 -7.94 7.52
N ASP A 40 -5.34 -7.59 6.24
CA ASP A 40 -6.54 -7.74 5.43
C ASP A 40 -6.25 -7.41 3.96
N LEU A 41 -5.40 -6.42 3.75
CA LEU A 41 -5.04 -5.99 2.40
C LEU A 41 -4.63 -7.19 1.55
N SER A 42 -5.35 -7.41 0.46
CA SER A 42 -5.06 -8.51 -0.45
C SER A 42 -4.98 -8.03 -1.90
N SER A 43 -5.13 -6.73 -2.09
CA SER A 43 -5.07 -6.14 -3.42
C SER A 43 -4.46 -4.75 -3.37
N ALA A 44 -3.77 -4.37 -4.45
CA ALA A 44 -3.13 -3.07 -4.54
C ALA A 44 -2.87 -2.67 -5.99
N ARG A 45 -3.46 -1.56 -6.41
CA ARG A 45 -3.29 -1.08 -7.77
C ARG A 45 -2.67 0.32 -7.78
N VAL A 46 -1.38 0.39 -8.06
CA VAL A 46 -0.66 1.66 -8.11
C VAL A 46 -0.45 2.11 -9.55
N PRO A 47 -0.37 3.44 -9.74
CA PRO A 47 -0.16 4.03 -11.07
C PRO A 47 1.25 3.77 -11.60
N SER A 48 1.46 4.09 -12.87
CA SER A 48 2.75 3.88 -13.51
C SER A 48 3.72 5.00 -13.14
N GLY A 49 4.77 4.65 -12.40
CA GLY A 49 5.75 5.64 -11.99
C GLY A 49 5.72 5.90 -10.50
N LEU A 50 5.15 4.96 -9.74
CA LEU A 50 5.06 5.09 -8.30
C LEU A 50 5.71 3.90 -7.60
N ARG A 51 6.53 4.17 -6.60
CA ARG A 51 7.21 3.12 -5.86
C ARG A 51 6.62 2.98 -4.45
N LEU A 52 6.46 1.74 -4.00
CA LEU A 52 5.91 1.47 -2.68
C LEU A 52 6.70 0.36 -1.98
N GLU A 53 6.65 0.36 -0.65
CA GLU A 53 7.35 -0.65 0.14
C GLU A 53 6.49 -1.13 1.31
N VAL A 54 6.21 -2.43 1.34
CA VAL A 54 5.40 -3.01 2.40
C VAL A 54 6.27 -3.45 3.57
N PHE A 55 5.82 -3.12 4.79
CA PHE A 55 6.55 -3.47 5.99
C PHE A 55 5.66 -4.22 6.97
N GLN A 56 5.82 -5.54 7.03
CA GLN A 56 5.03 -6.37 7.92
C GLN A 56 5.06 -5.83 9.34
N HIS A 57 6.20 -5.29 9.75
CA HIS A 57 6.36 -4.74 11.08
C HIS A 57 6.64 -3.24 11.02
N ASN A 58 6.05 -2.49 11.94
CA ASN A 58 6.22 -1.05 11.99
C ASN A 58 7.69 -0.69 12.29
N ASN A 59 8.02 0.58 12.12
CA ASN A 59 9.38 1.05 12.38
C ASN A 59 10.38 0.39 11.42
N PHE A 60 9.92 0.12 10.21
CA PHE A 60 10.77 -0.52 9.20
C PHE A 60 11.42 -1.78 9.76
N LYS A 61 10.72 -2.45 10.67
CA LYS A 61 11.24 -3.67 11.28
C LYS A 61 10.95 -4.88 10.40
N GLY A 62 11.81 -5.89 10.49
CA GLY A 62 11.63 -7.09 9.69
C GLY A 62 12.03 -6.90 8.24
N VAL A 63 11.67 -7.86 7.40
CA VAL A 63 11.99 -7.79 5.98
C VAL A 63 11.10 -6.78 5.27
N ARG A 64 11.71 -5.86 4.55
CA ARG A 64 10.97 -4.84 3.81
C ARG A 64 10.66 -5.31 2.40
N ASP A 65 9.44 -5.05 1.94
CA ASP A 65 9.01 -5.44 0.60
C ASP A 65 8.96 -4.23 -0.34
N PHE A 66 8.62 -4.48 -1.59
CA PHE A 66 8.55 -3.42 -2.58
C PHE A 66 7.58 -3.79 -3.71
N TYR A 67 6.92 -2.79 -4.28
CA TYR A 67 5.97 -3.01 -5.35
C TYR A 67 5.80 -1.75 -6.20
N THR A 68 5.96 -1.90 -7.51
CA THR A 68 5.82 -0.79 -8.43
C THR A 68 4.88 -1.12 -9.58
N SER A 69 3.78 -1.80 -9.25
CA SER A 69 2.80 -2.19 -10.27
C SER A 69 1.51 -2.67 -9.61
N ASP A 70 0.50 -2.92 -10.43
CA ASP A 70 -0.79 -3.39 -9.94
C ASP A 70 -0.67 -4.80 -9.37
N ALA A 71 -0.31 -4.90 -8.10
CA ALA A 71 -0.17 -6.19 -7.44
C ALA A 71 -1.48 -6.63 -6.78
N ALA A 72 -1.93 -7.82 -7.10
CA ALA A 72 -3.17 -8.36 -6.54
C ALA A 72 -2.88 -9.38 -5.45
N GLU A 73 -1.88 -9.09 -4.62
CA GLU A 73 -1.50 -9.99 -3.53
C GLU A 73 -0.40 -9.37 -2.68
N LEU A 74 -0.77 -8.90 -1.49
CA LEU A 74 0.19 -8.29 -0.58
C LEU A 74 1.38 -9.20 -0.34
N SER A 75 2.52 -8.62 0.01
CA SER A 75 3.73 -9.38 0.26
C SER A 75 3.48 -10.50 1.27
N ARG A 76 2.52 -10.28 2.16
CA ARG A 76 2.17 -11.28 3.16
C ARG A 76 0.67 -11.27 3.44
N ASP A 77 0.05 -12.42 3.27
CA ASP A 77 -1.40 -12.56 3.50
C ASP A 77 -1.77 -12.05 4.88
N ASN A 78 -2.53 -10.95 4.92
CA ASN A 78 -2.95 -10.36 6.18
C ASN A 78 -1.77 -10.18 7.13
N ASP A 79 -0.93 -9.18 6.84
CA ASP A 79 0.23 -8.91 7.66
C ASP A 79 1.01 -7.71 7.12
N ALA A 80 0.61 -6.51 7.53
CA ALA A 80 1.26 -5.30 7.09
C ALA A 80 1.13 -4.18 8.13
N SER A 81 2.11 -4.08 9.01
CA SER A 81 2.10 -3.07 10.06
C SER A 81 2.21 -1.66 9.46
N SER A 82 3.34 -1.40 8.80
CA SER A 82 3.57 -0.10 8.19
C SER A 82 3.89 -0.25 6.70
N VAL A 83 3.77 0.85 5.96
CA VAL A 83 4.04 0.84 4.53
C VAL A 83 4.58 2.18 4.06
N ARG A 84 5.20 2.20 2.88
CA ARG A 84 5.74 3.43 2.33
C ARG A 84 5.32 3.60 0.87
N VAL A 85 4.91 4.83 0.52
CA VAL A 85 4.48 5.12 -0.83
C VAL A 85 5.06 6.44 -1.32
N SER A 86 5.52 6.46 -2.57
CA SER A 86 6.10 7.67 -3.15
C SER A 86 6.11 7.58 -4.67
N LYS A 87 6.20 8.74 -5.32
CA LYS A 87 6.23 8.80 -6.78
C LYS A 87 7.66 8.76 -7.31
N MET A 88 7.98 7.71 -8.07
CA MET A 88 9.31 7.56 -8.64
C MET A 88 9.52 8.53 -9.80
N GLU A 89 8.88 8.25 -10.93
CA GLU A 89 9.01 9.09 -12.11
C GLU A 89 8.65 10.53 -11.78
N THR A 90 7.79 10.71 -10.78
CA THR A 90 7.36 12.04 -10.36
C THR A 90 6.67 12.78 -11.51
N THR A 91 5.48 12.34 -11.87
CA THR A 91 4.72 12.95 -12.95
C THR A 91 3.96 14.17 -12.46
N ASN A 92 4.34 15.35 -12.96
CA ASN A 92 3.68 16.59 -12.56
C ASN A 92 2.36 16.76 -13.29
N GLY A 2 -4.03 13.21 -13.28
CA GLY A 2 -4.74 13.72 -12.12
C GLY A 2 -4.02 13.39 -10.83
N GLU A 3 -4.73 13.55 -9.71
CA GLU A 3 -4.15 13.27 -8.39
C GLU A 3 -3.54 11.87 -8.36
N LYS A 4 -2.26 11.80 -8.03
CA LYS A 4 -1.56 10.53 -7.96
C LYS A 4 -1.64 9.94 -6.55
N THR A 5 -2.38 8.84 -6.43
CA THR A 5 -2.54 8.18 -5.14
C THR A 5 -2.73 6.68 -5.31
N VAL A 6 -2.38 5.92 -4.27
CA VAL A 6 -2.51 4.46 -4.31
C VAL A 6 -3.85 4.02 -3.73
N LYS A 7 -4.52 3.12 -4.44
CA LYS A 7 -5.82 2.61 -4.00
C LYS A 7 -5.67 1.22 -3.39
N LEU A 8 -5.77 1.15 -2.07
CA LEU A 8 -5.65 -0.11 -1.35
C LEU A 8 -7.01 -0.78 -1.18
N TYR A 9 -7.09 -2.05 -1.54
CA TYR A 9 -8.34 -2.80 -1.42
C TYR A 9 -8.18 -4.00 -0.50
N GLU A 10 -9.21 -4.29 0.29
CA GLU A 10 -9.19 -5.41 1.21
C GLU A 10 -9.63 -6.69 0.52
N ASP A 11 -10.57 -6.57 -0.41
CA ASP A 11 -11.09 -7.71 -1.15
C ASP A 11 -10.37 -7.86 -2.49
N THR A 12 -10.02 -9.10 -2.83
CA THR A 12 -9.33 -9.38 -4.08
C THR A 12 -10.07 -8.76 -5.27
N HIS A 13 -9.37 -8.57 -6.38
CA HIS A 13 -9.96 -8.00 -7.58
C HIS A 13 -10.42 -6.56 -7.32
N PHE A 14 -9.75 -5.89 -6.38
CA PHE A 14 -10.10 -4.52 -6.04
C PHE A 14 -11.59 -4.39 -5.74
N LYS A 15 -12.07 -5.23 -4.83
CA LYS A 15 -13.47 -5.21 -4.44
C LYS A 15 -13.65 -4.65 -3.03
N GLY A 16 -14.79 -4.02 -2.78
CA GLY A 16 -15.05 -3.46 -1.47
C GLY A 16 -14.74 -1.98 -1.40
N TYR A 17 -14.00 -1.58 -0.38
CA TYR A 17 -13.64 -0.18 -0.20
C TYR A 17 -12.19 0.07 -0.61
N SER A 18 -11.92 1.28 -1.09
CA SER A 18 -10.57 1.64 -1.51
C SER A 18 -10.00 2.75 -0.64
N VAL A 19 -8.70 2.67 -0.35
CA VAL A 19 -8.03 3.66 0.47
C VAL A 19 -6.99 4.43 -0.32
N GLU A 20 -7.04 5.76 -0.22
CA GLU A 20 -6.10 6.61 -0.93
C GLU A 20 -4.98 7.08 -0.01
N LEU A 21 -3.77 7.15 -0.54
CA LEU A 21 -2.61 7.58 0.24
C LEU A 21 -1.74 8.53 -0.58
N PRO A 22 -2.07 9.83 -0.54
CA PRO A 22 -1.33 10.87 -1.26
C PRO A 22 0.06 11.10 -0.68
N VAL A 23 0.97 10.17 -0.92
CA VAL A 23 2.33 10.28 -0.41
C VAL A 23 2.36 10.23 1.12
N GLY A 24 3.39 9.60 1.67
CA GLY A 24 3.51 9.50 3.11
C GLY A 24 3.59 8.06 3.58
N ASP A 25 4.08 7.87 4.80
CA ASP A 25 4.21 6.54 5.38
C ASP A 25 3.12 6.27 6.41
N TYR A 26 2.66 5.03 6.49
CA TYR A 26 1.62 4.65 7.44
C TYR A 26 2.02 3.41 8.22
N ASN A 27 1.68 3.40 9.51
CA ASN A 27 2.01 2.28 10.38
C ASN A 27 0.79 1.39 10.59
N LEU A 28 0.89 0.46 11.53
CA LEU A 28 -0.19 -0.46 11.84
C LEU A 28 -1.43 0.31 12.32
N SER A 29 -1.21 1.26 13.21
CA SER A 29 -2.31 2.06 13.76
C SER A 29 -2.89 2.98 12.69
N SER A 30 -2.06 3.34 11.72
CA SER A 30 -2.49 4.22 10.63
C SER A 30 -3.44 3.50 9.69
N LEU A 31 -3.21 2.20 9.50
CA LEU A 31 -4.04 1.40 8.61
C LEU A 31 -5.51 1.46 9.04
N ILE A 32 -5.77 1.18 10.31
CA ILE A 32 -7.12 1.22 10.84
C ILE A 32 -7.69 2.63 10.80
N SER A 33 -6.80 3.62 10.89
CA SER A 33 -7.22 5.02 10.88
C SER A 33 -8.07 5.32 9.64
N ARG A 34 -7.75 4.66 8.53
CA ARG A 34 -8.48 4.86 7.30
C ARG A 34 -9.59 3.82 7.15
N GLY A 35 -9.48 2.74 7.91
CA GLY A 35 -10.47 1.68 7.85
C GLY A 35 -9.90 0.37 7.35
N ALA A 36 -8.61 0.17 7.56
CA ALA A 36 -7.94 -1.04 7.13
C ALA A 36 -7.27 -1.75 8.30
N LEU A 37 -7.65 -3.00 8.52
CA LEU A 37 -7.09 -3.78 9.62
C LEU A 37 -5.69 -4.27 9.27
N ASN A 38 -4.74 -4.05 10.18
CA ASN A 38 -3.36 -4.48 9.97
C ASN A 38 -3.30 -5.94 9.57
N ASP A 39 -2.62 -6.23 8.46
CA ASP A 39 -2.49 -7.60 7.99
C ASP A 39 -3.85 -8.19 7.61
N ASP A 40 -4.34 -7.82 6.43
CA ASP A 40 -5.62 -8.32 5.95
C ASP A 40 -5.84 -7.97 4.49
N LEU A 41 -5.36 -6.79 4.09
CA LEU A 41 -5.50 -6.33 2.71
C LEU A 41 -5.05 -7.42 1.74
N SER A 42 -5.77 -7.52 0.63
CA SER A 42 -5.46 -8.52 -0.40
C SER A 42 -5.43 -7.89 -1.78
N SER A 43 -5.59 -6.57 -1.83
CA SER A 43 -5.58 -5.84 -3.10
C SER A 43 -4.98 -4.45 -2.92
N ALA A 44 -4.38 -3.93 -3.99
CA ALA A 44 -3.77 -2.61 -3.96
C ALA A 44 -3.19 -2.24 -5.31
N ARG A 45 -3.80 -1.26 -5.97
CA ARG A 45 -3.35 -0.82 -7.28
C ARG A 45 -2.81 0.61 -7.22
N VAL A 46 -1.82 0.90 -8.05
CA VAL A 46 -1.22 2.23 -8.08
C VAL A 46 -1.14 2.76 -9.50
N PRO A 47 -1.22 4.09 -9.64
CA PRO A 47 -1.16 4.76 -10.95
C PRO A 47 0.23 4.69 -11.57
N SER A 48 0.35 5.18 -12.80
CA SER A 48 1.63 5.18 -13.51
C SER A 48 2.52 6.32 -13.02
N GLY A 49 3.63 5.95 -12.37
CA GLY A 49 4.55 6.95 -11.87
C GLY A 49 4.49 7.09 -10.36
N LEU A 50 4.12 6.01 -9.69
CA LEU A 50 4.02 6.01 -8.23
C LEU A 50 4.85 4.89 -7.63
N ARG A 51 5.62 5.23 -6.60
CA ARG A 51 6.48 4.25 -5.93
C ARG A 51 6.05 4.06 -4.48
N LEU A 52 5.97 2.81 -4.05
CA LEU A 52 5.57 2.49 -2.69
C LEU A 52 6.31 1.27 -2.17
N GLU A 53 6.44 1.16 -0.85
CA GLU A 53 7.13 0.04 -0.23
C GLU A 53 6.29 -0.57 0.89
N VAL A 54 6.08 -1.89 0.82
CA VAL A 54 5.30 -2.59 1.82
C VAL A 54 6.20 -3.21 2.88
N PHE A 55 5.88 -2.94 4.14
CA PHE A 55 6.66 -3.47 5.26
C PHE A 55 5.78 -4.29 6.19
N GLN A 56 5.82 -5.62 6.02
CA GLN A 56 5.03 -6.51 6.85
C GLN A 56 5.24 -6.23 8.34
N HIS A 57 6.49 -5.97 8.70
CA HIS A 57 6.84 -5.69 10.10
C HIS A 57 6.58 -4.21 10.42
N ASN A 58 6.79 -3.85 11.68
CA ASN A 58 6.58 -2.48 12.13
C ASN A 58 7.23 -1.49 11.16
N ASN A 59 6.84 -0.23 11.27
CA ASN A 59 7.41 0.81 10.42
C ASN A 59 8.93 0.70 10.33
N PHE A 60 9.41 0.20 9.21
CA PHE A 60 10.85 0.04 9.00
C PHE A 60 11.49 -0.67 10.20
N LYS A 61 10.97 -1.85 10.53
CA LYS A 61 11.49 -2.63 11.64
C LYS A 61 12.24 -3.86 11.15
N GLY A 62 11.77 -4.42 10.04
CA GLY A 62 12.41 -5.60 9.48
C GLY A 62 12.49 -5.56 7.97
N VAL A 63 12.26 -6.69 7.32
CA VAL A 63 12.32 -6.77 5.87
C VAL A 63 11.45 -5.70 5.23
N ARG A 64 11.85 -5.24 4.04
CA ARG A 64 11.11 -4.21 3.33
C ARG A 64 10.78 -4.67 1.91
N ASP A 65 9.62 -4.25 1.41
CA ASP A 65 9.18 -4.62 0.07
C ASP A 65 9.07 -3.38 -0.82
N PHE A 66 8.71 -3.61 -2.08
CA PHE A 66 8.57 -2.51 -3.03
C PHE A 66 7.61 -2.90 -4.16
N TYR A 67 6.75 -1.97 -4.55
CA TYR A 67 5.78 -2.22 -5.61
C TYR A 67 5.58 -0.96 -6.46
N THR A 68 5.39 -1.16 -7.76
CA THR A 68 5.19 -0.04 -8.68
C THR A 68 4.24 -0.43 -9.80
N SER A 69 3.11 -1.03 -9.44
CA SER A 69 2.12 -1.46 -10.42
C SER A 69 0.84 -1.95 -9.74
N ASP A 70 -0.13 -2.35 -10.54
CA ASP A 70 -1.40 -2.84 -10.01
C ASP A 70 -1.20 -4.13 -9.22
N ALA A 71 -0.98 -4.00 -7.92
CA ALA A 71 -0.78 -5.15 -7.05
C ALA A 71 -2.10 -5.82 -6.69
N ALA A 72 -2.42 -6.90 -7.39
CA ALA A 72 -3.66 -7.63 -7.14
C ALA A 72 -3.61 -8.37 -5.81
N GLU A 73 -2.41 -8.50 -5.25
CA GLU A 73 -2.22 -9.18 -3.97
C GLU A 73 -0.96 -8.69 -3.27
N LEU A 74 -1.13 -8.22 -2.04
CA LEU A 74 0.00 -7.72 -1.26
C LEU A 74 1.14 -8.74 -1.22
N SER A 75 2.31 -8.30 -0.80
CA SER A 75 3.47 -9.16 -0.72
C SER A 75 3.14 -10.43 0.06
N ARG A 76 3.05 -10.31 1.38
CA ARG A 76 2.73 -11.44 2.24
C ARG A 76 1.25 -11.48 2.59
N ASP A 77 0.64 -12.65 2.38
CA ASP A 77 -0.79 -12.81 2.67
C ASP A 77 -1.11 -12.38 4.10
N ASN A 78 -1.88 -11.31 4.24
CA ASN A 78 -2.26 -10.81 5.55
C ASN A 78 -1.02 -10.54 6.40
N ASP A 79 -0.23 -9.55 6.00
CA ASP A 79 0.97 -9.20 6.74
C ASP A 79 1.53 -7.85 6.27
N ALA A 80 0.85 -6.78 6.66
CA ALA A 80 1.27 -5.44 6.28
C ALA A 80 1.11 -4.46 7.45
N SER A 81 2.06 -4.49 8.36
CA SER A 81 2.02 -3.62 9.53
C SER A 81 2.13 -2.15 9.11
N SER A 82 3.17 -1.84 8.34
CA SER A 82 3.39 -0.48 7.88
C SER A 82 3.65 -0.45 6.37
N VAL A 83 3.44 0.71 5.76
CA VAL A 83 3.64 0.87 4.32
C VAL A 83 4.09 2.28 3.99
N ARG A 84 4.61 2.46 2.78
CA ARG A 84 5.09 3.76 2.33
C ARG A 84 4.64 4.04 0.90
N VAL A 85 4.04 5.21 0.70
CA VAL A 85 3.56 5.61 -0.62
C VAL A 85 4.19 6.92 -1.06
N SER A 86 4.55 7.00 -2.34
CA SER A 86 5.16 8.20 -2.89
C SER A 86 5.02 8.24 -4.41
N LYS A 87 5.31 9.39 -5.00
CA LYS A 87 5.21 9.56 -6.44
C LYS A 87 6.59 9.50 -7.09
N MET A 88 6.79 8.54 -7.98
CA MET A 88 8.07 8.38 -8.67
C MET A 88 8.01 9.00 -10.06
N GLU A 89 7.36 8.29 -10.99
CA GLU A 89 7.24 8.77 -12.37
C GLU A 89 8.60 9.19 -12.92
N THR A 90 9.49 8.21 -13.09
CA THR A 90 10.82 8.48 -13.61
C THR A 90 10.80 8.64 -15.12
N THR A 91 11.70 9.48 -15.63
CA THR A 91 11.77 9.73 -17.06
C THR A 91 13.16 9.39 -17.61
N ASN A 92 13.25 8.27 -18.32
CA ASN A 92 14.52 7.84 -18.89
C ASN A 92 14.63 8.26 -20.35
N GLY A 2 -5.75 13.92 -11.33
CA GLY A 2 -5.07 13.31 -10.18
C GLY A 2 -4.01 12.32 -10.60
N GLU A 3 -4.30 11.03 -10.43
CA GLU A 3 -3.36 9.98 -10.79
C GLU A 3 -2.04 10.15 -10.04
N LYS A 4 -2.10 10.12 -8.72
CA LYS A 4 -0.92 10.27 -7.87
C LYS A 4 -1.16 9.69 -6.48
N THR A 5 -1.90 8.59 -6.42
CA THR A 5 -2.20 7.94 -5.15
C THR A 5 -2.44 6.45 -5.35
N VAL A 6 -2.03 5.66 -4.35
CA VAL A 6 -2.19 4.21 -4.42
C VAL A 6 -3.49 3.78 -3.75
N LYS A 7 -4.36 3.13 -4.51
CA LYS A 7 -5.64 2.65 -4.01
C LYS A 7 -5.51 1.25 -3.42
N LEU A 8 -5.52 1.16 -2.09
CA LEU A 8 -5.40 -0.12 -1.41
C LEU A 8 -6.76 -0.81 -1.31
N TYR A 9 -6.82 -2.05 -1.77
CA TYR A 9 -8.06 -2.82 -1.73
C TYR A 9 -7.97 -3.96 -0.72
N GLU A 10 -8.83 -3.92 0.29
CA GLU A 10 -8.84 -4.93 1.32
C GLU A 10 -9.06 -6.32 0.72
N ASP A 11 -9.79 -6.37 -0.38
CA ASP A 11 -10.08 -7.63 -1.06
C ASP A 11 -8.98 -7.96 -2.06
N THR A 12 -9.23 -8.97 -2.89
CA THR A 12 -8.25 -9.39 -3.89
C THR A 12 -8.51 -8.70 -5.23
N HIS A 13 -7.43 -8.48 -5.98
CA HIS A 13 -7.53 -7.82 -7.28
C HIS A 13 -7.93 -6.36 -7.12
N PHE A 14 -9.22 -6.12 -6.89
CA PHE A 14 -9.73 -4.76 -6.72
C PHE A 14 -11.15 -4.78 -6.19
N LYS A 15 -11.49 -5.84 -5.45
CA LYS A 15 -12.82 -5.97 -4.88
C LYS A 15 -12.95 -5.17 -3.59
N GLY A 16 -14.17 -4.75 -3.28
CA GLY A 16 -14.40 -3.98 -2.07
C GLY A 16 -14.09 -2.50 -2.25
N TYR A 17 -13.75 -1.84 -1.16
CA TYR A 17 -13.44 -0.41 -1.20
C TYR A 17 -11.96 -0.18 -1.48
N SER A 18 -11.60 1.04 -1.81
CA SER A 18 -10.21 1.39 -2.12
C SER A 18 -9.77 2.59 -1.29
N VAL A 19 -8.51 2.55 -0.84
CA VAL A 19 -7.95 3.63 -0.04
C VAL A 19 -6.81 4.32 -0.77
N GLU A 20 -7.04 5.57 -1.17
CA GLU A 20 -6.03 6.35 -1.88
C GLU A 20 -5.37 7.37 -0.96
N LEU A 21 -4.06 7.45 -1.02
CA LEU A 21 -3.31 8.39 -0.19
C LEU A 21 -2.07 8.90 -0.92
N PRO A 22 -1.73 10.17 -0.68
CA PRO A 22 -0.56 10.81 -1.30
C PRO A 22 0.76 10.24 -0.79
N VAL A 23 1.86 10.64 -1.41
CA VAL A 23 3.18 10.17 -1.02
C VAL A 23 3.38 10.30 0.49
N GLY A 24 4.11 9.35 1.07
CA GLY A 24 4.35 9.38 2.50
C GLY A 24 4.34 7.99 3.12
N ASP A 25 4.80 7.89 4.36
CA ASP A 25 4.83 6.62 5.06
C ASP A 25 3.72 6.54 6.12
N TYR A 26 3.13 5.36 6.27
CA TYR A 26 2.06 5.16 7.23
C TYR A 26 2.32 3.92 8.09
N ASN A 27 1.98 4.01 9.36
CA ASN A 27 2.17 2.89 10.29
C ASN A 27 0.87 2.10 10.46
N LEU A 28 0.94 1.06 11.29
CA LEU A 28 -0.22 0.22 11.53
C LEU A 28 -1.41 1.05 11.99
N SER A 29 -1.18 1.95 12.94
CA SER A 29 -2.23 2.81 13.46
C SER A 29 -2.71 3.79 12.38
N SER A 30 -1.83 4.11 11.45
CA SER A 30 -2.15 5.04 10.37
C SER A 30 -3.07 4.38 9.34
N LEU A 31 -2.94 3.07 9.21
CA LEU A 31 -3.76 2.31 8.26
C LEU A 31 -5.23 2.43 8.59
N ILE A 32 -5.58 2.14 9.84
CA ILE A 32 -6.97 2.22 10.28
C ILE A 32 -7.52 3.64 10.10
N SER A 33 -6.63 4.62 10.13
CA SER A 33 -7.02 6.01 9.97
C SER A 33 -7.84 6.20 8.69
N ARG A 34 -7.60 5.34 7.71
CA ARG A 34 -8.31 5.42 6.44
C ARG A 34 -9.13 4.15 6.20
N GLY A 35 -9.50 3.48 7.29
CA GLY A 35 -10.28 2.26 7.17
C GLY A 35 -9.48 1.10 6.61
N ALA A 36 -8.20 1.04 6.96
CA ALA A 36 -7.32 -0.01 6.48
C ALA A 36 -6.72 -0.79 7.66
N LEU A 37 -6.50 -2.08 7.45
CA LEU A 37 -5.94 -2.94 8.49
C LEU A 37 -4.61 -3.54 8.02
N ASN A 38 -3.61 -3.52 8.90
CA ASN A 38 -2.30 -4.07 8.59
C ASN A 38 -2.42 -5.49 8.05
N ASP A 39 -3.17 -6.32 8.75
CA ASP A 39 -3.37 -7.70 8.35
C ASP A 39 -4.78 -7.92 7.80
N ASP A 40 -4.96 -7.57 6.53
CA ASP A 40 -6.26 -7.73 5.88
C ASP A 40 -6.16 -7.43 4.38
N LEU A 41 -5.34 -6.44 4.04
CA LEU A 41 -5.15 -6.05 2.64
C LEU A 41 -4.82 -7.27 1.78
N SER A 42 -5.52 -7.40 0.66
CA SER A 42 -5.30 -8.52 -0.25
C SER A 42 -4.85 -8.02 -1.61
N SER A 43 -5.23 -6.80 -1.95
CA SER A 43 -4.87 -6.20 -3.24
C SER A 43 -4.60 -4.71 -3.09
N ALA A 44 -4.05 -4.10 -4.14
CA ALA A 44 -3.75 -2.68 -4.12
C ALA A 44 -3.40 -2.18 -5.52
N ARG A 45 -4.27 -1.35 -6.09
CA ARG A 45 -4.05 -0.81 -7.42
C ARG A 45 -3.27 0.51 -7.35
N VAL A 46 -2.32 0.67 -8.25
CA VAL A 46 -1.50 1.88 -8.30
C VAL A 46 -1.44 2.46 -9.71
N PRO A 47 -1.37 3.79 -9.80
CA PRO A 47 -1.32 4.50 -11.08
C PRO A 47 0.00 4.28 -11.80
N SER A 48 0.12 4.82 -13.01
CA SER A 48 1.33 4.67 -13.81
C SER A 48 2.41 5.66 -13.34
N GLY A 49 3.49 5.13 -12.79
CA GLY A 49 4.57 5.97 -12.32
C GLY A 49 4.53 6.17 -10.81
N LEU A 50 4.15 5.13 -10.09
CA LEU A 50 4.06 5.20 -8.63
C LEU A 50 4.72 3.98 -7.98
N ARG A 51 5.54 4.23 -6.97
CA ARG A 51 6.23 3.16 -6.27
C ARG A 51 5.83 3.12 -4.80
N LEU A 52 5.79 1.93 -4.22
CA LEU A 52 5.42 1.76 -2.82
C LEU A 52 6.15 0.57 -2.21
N GLU A 53 6.31 0.60 -0.89
CA GLU A 53 6.99 -0.48 -0.18
C GLU A 53 6.18 -0.92 1.03
N VAL A 54 5.95 -2.24 1.13
CA VAL A 54 5.19 -2.80 2.24
C VAL A 54 6.11 -3.21 3.38
N PHE A 55 5.64 -3.02 4.61
CA PHE A 55 6.42 -3.38 5.79
C PHE A 55 5.57 -4.17 6.79
N GLN A 56 5.73 -5.49 6.78
CA GLN A 56 4.98 -6.35 7.68
C GLN A 56 5.11 -5.88 9.12
N HIS A 57 6.28 -5.38 9.48
CA HIS A 57 6.53 -4.89 10.83
C HIS A 57 6.74 -3.38 10.83
N ASN A 58 6.42 -2.74 11.95
CA ASN A 58 6.57 -1.30 12.08
C ASN A 58 7.99 -0.93 12.50
N ASN A 59 8.35 0.34 12.32
CA ASN A 59 9.67 0.81 12.68
C ASN A 59 10.75 0.11 11.86
N PHE A 60 10.36 -0.39 10.68
CA PHE A 60 11.29 -1.08 9.80
C PHE A 60 12.02 -2.18 10.54
N LYS A 61 11.27 -3.09 11.17
CA LYS A 61 11.84 -4.19 11.91
C LYS A 61 11.80 -5.48 11.09
N GLY A 62 10.71 -5.67 10.35
CA GLY A 62 10.57 -6.86 9.54
C GLY A 62 11.01 -6.64 8.10
N VAL A 63 10.96 -7.70 7.31
CA VAL A 63 11.36 -7.62 5.90
C VAL A 63 10.61 -6.50 5.18
N ARG A 64 11.26 -5.90 4.20
CA ARG A 64 10.66 -4.83 3.42
C ARG A 64 10.32 -5.28 2.01
N ASP A 65 9.10 -5.02 1.58
CA ASP A 65 8.65 -5.40 0.24
C ASP A 65 8.58 -4.18 -0.68
N PHE A 66 8.24 -4.42 -1.94
CA PHE A 66 8.14 -3.35 -2.93
C PHE A 66 7.18 -3.73 -4.05
N TYR A 67 6.47 -2.74 -4.57
CA TYR A 67 5.51 -2.97 -5.65
C TYR A 67 5.36 -1.72 -6.51
N THR A 68 5.22 -1.94 -7.82
CA THR A 68 5.06 -0.82 -8.76
C THR A 68 4.07 -1.18 -9.85
N SER A 69 3.03 -1.92 -9.49
CA SER A 69 2.01 -2.33 -10.45
C SER A 69 0.78 -2.88 -9.73
N ASP A 70 -0.17 -3.39 -10.51
CA ASP A 70 -1.39 -3.94 -9.95
C ASP A 70 -1.08 -5.11 -9.00
N ALA A 71 -1.04 -4.82 -7.71
CA ALA A 71 -0.76 -5.84 -6.71
C ALA A 71 -2.01 -6.66 -6.39
N ALA A 72 -2.10 -7.84 -6.99
CA ALA A 72 -3.24 -8.71 -6.77
C ALA A 72 -3.16 -9.40 -5.40
N GLU A 73 -1.93 -9.63 -4.94
CA GLU A 73 -1.72 -10.28 -3.66
C GLU A 73 -0.68 -9.51 -2.83
N LEU A 74 -1.09 -9.04 -1.66
CA LEU A 74 -0.19 -8.30 -0.78
C LEU A 74 1.11 -9.07 -0.55
N SER A 75 2.15 -8.34 -0.16
CA SER A 75 3.45 -8.95 0.10
C SER A 75 3.32 -10.12 1.06
N ARG A 76 2.51 -9.94 2.10
CA ARG A 76 2.29 -10.98 3.10
C ARG A 76 0.82 -11.05 3.50
N ASP A 77 0.23 -12.23 3.34
CA ASP A 77 -1.17 -12.45 3.69
C ASP A 77 -1.45 -12.00 5.12
N ASN A 78 -2.27 -10.95 5.26
CA ASN A 78 -2.61 -10.42 6.58
C ASN A 78 -1.36 -10.16 7.40
N ASP A 79 -0.59 -9.14 7.00
CA ASP A 79 0.63 -8.79 7.71
C ASP A 79 1.30 -7.58 7.06
N ALA A 80 0.82 -6.39 7.40
CA ALA A 80 1.37 -5.16 6.85
C ALA A 80 1.31 -4.03 7.88
N SER A 81 2.24 -4.07 8.83
CA SER A 81 2.30 -3.05 9.87
C SER A 81 2.33 -1.65 9.26
N SER A 82 3.44 -1.31 8.64
CA SER A 82 3.60 0.00 8.02
C SER A 82 3.78 -0.13 6.51
N VAL A 83 3.53 0.97 5.79
CA VAL A 83 3.67 0.97 4.34
C VAL A 83 4.26 2.30 3.85
N ARG A 84 4.73 2.30 2.62
CA ARG A 84 5.31 3.50 2.02
C ARG A 84 4.78 3.74 0.61
N VAL A 85 4.34 4.97 0.34
CA VAL A 85 3.81 5.31 -0.97
C VAL A 85 4.50 6.54 -1.53
N SER A 86 4.80 6.51 -2.82
CA SER A 86 5.48 7.62 -3.48
C SER A 86 5.31 7.54 -5.00
N LYS A 87 5.49 8.67 -5.68
CA LYS A 87 5.35 8.73 -7.12
C LYS A 87 6.72 8.70 -7.80
N MET A 88 6.94 7.67 -8.63
CA MET A 88 8.20 7.53 -9.34
C MET A 88 8.33 8.58 -10.43
N GLU A 89 7.23 8.86 -11.12
CA GLU A 89 7.22 9.83 -12.20
C GLU A 89 6.79 11.20 -11.68
N THR A 90 6.91 11.40 -10.37
CA THR A 90 6.53 12.65 -9.75
C THR A 90 7.21 13.84 -10.44
N THR A 91 8.40 13.60 -10.98
CA THR A 91 9.15 14.63 -11.67
C THR A 91 8.38 15.17 -12.86
N ASN A 92 7.85 14.27 -13.68
CA ASN A 92 7.08 14.66 -14.85
C ASN A 92 5.77 13.88 -14.94
N GLY A 2 -2.70 9.24 -14.53
CA GLY A 2 -2.51 10.54 -13.92
C GLY A 2 -3.21 10.65 -12.57
N GLU A 3 -2.80 9.82 -11.62
CA GLU A 3 -3.40 9.83 -10.29
C GLU A 3 -2.35 10.16 -9.22
N LYS A 4 -1.14 9.66 -9.42
CA LYS A 4 -0.06 9.89 -8.48
C LYS A 4 -0.43 9.39 -7.08
N THR A 5 -1.33 8.42 -7.03
CA THR A 5 -1.77 7.86 -5.76
C THR A 5 -2.19 6.40 -5.92
N VAL A 6 -1.85 5.59 -4.93
CA VAL A 6 -2.19 4.17 -4.95
C VAL A 6 -3.51 3.91 -4.24
N LYS A 7 -4.32 3.03 -4.81
CA LYS A 7 -5.61 2.68 -4.24
C LYS A 7 -5.56 1.34 -3.51
N LEU A 8 -5.53 1.38 -2.19
CA LEU A 8 -5.47 0.18 -1.38
C LEU A 8 -6.82 -0.54 -1.37
N TYR A 9 -6.81 -1.82 -1.72
CA TYR A 9 -8.03 -2.62 -1.74
C TYR A 9 -7.93 -3.81 -0.81
N GLU A 10 -8.99 -4.06 -0.05
CA GLU A 10 -9.02 -5.18 0.89
C GLU A 10 -9.33 -6.49 0.17
N ASP A 11 -10.20 -6.41 -0.83
CA ASP A 11 -10.58 -7.59 -1.60
C ASP A 11 -9.54 -7.91 -2.66
N THR A 12 -9.13 -9.17 -2.72
CA THR A 12 -8.13 -9.61 -3.69
C THR A 12 -8.76 -9.84 -5.07
N HIS A 13 -9.40 -8.79 -5.60
CA HIS A 13 -10.03 -8.87 -6.90
C HIS A 13 -10.69 -7.55 -7.26
N PHE A 14 -10.08 -6.45 -6.84
CA PHE A 14 -10.61 -5.12 -7.12
C PHE A 14 -12.08 -5.02 -6.72
N LYS A 15 -12.37 -5.37 -5.47
CA LYS A 15 -13.74 -5.32 -4.96
C LYS A 15 -13.79 -4.71 -3.57
N GLY A 16 -14.96 -4.23 -3.17
CA GLY A 16 -15.11 -3.62 -1.87
C GLY A 16 -14.83 -2.13 -1.89
N TYR A 17 -14.06 -1.67 -0.92
CA TYR A 17 -13.72 -0.24 -0.83
C TYR A 17 -12.25 -0.01 -1.16
N SER A 18 -11.94 1.19 -1.63
CA SER A 18 -10.58 1.54 -2.00
C SER A 18 -10.15 2.83 -1.30
N VAL A 19 -8.88 2.88 -0.88
CA VAL A 19 -8.34 4.05 -0.20
C VAL A 19 -7.12 4.59 -0.94
N GLU A 20 -7.13 5.89 -1.22
CA GLU A 20 -6.03 6.54 -1.91
C GLU A 20 -4.88 6.83 -0.96
N LEU A 21 -3.65 6.58 -1.41
CA LEU A 21 -2.47 6.81 -0.60
C LEU A 21 -1.39 7.54 -1.40
N PRO A 22 -1.45 8.88 -1.40
CA PRO A 22 -0.48 9.71 -2.11
C PRO A 22 0.90 9.67 -1.48
N VAL A 23 1.86 10.33 -2.12
CA VAL A 23 3.23 10.37 -1.62
C VAL A 23 3.26 10.54 -0.11
N GLY A 24 3.72 9.51 0.59
CA GLY A 24 3.78 9.57 2.04
C GLY A 24 4.02 8.21 2.66
N ASP A 25 3.84 8.13 3.98
CA ASP A 25 4.03 6.88 4.69
C ASP A 25 2.93 6.67 5.73
N TYR A 26 2.37 5.46 5.78
CA TYR A 26 1.31 5.14 6.72
C TYR A 26 1.62 3.84 7.47
N ASN A 27 1.46 3.88 8.79
CA ASN A 27 1.73 2.72 9.62
C ASN A 27 0.42 2.03 10.01
N LEU A 28 0.52 1.09 10.95
CA LEU A 28 -0.66 0.35 11.42
C LEU A 28 -1.77 1.31 11.85
N SER A 29 -1.44 2.22 12.75
CA SER A 29 -2.41 3.19 13.25
C SER A 29 -2.95 4.05 12.10
N SER A 30 -2.14 4.20 11.06
CA SER A 30 -2.53 5.01 9.90
C SER A 30 -3.52 4.24 9.02
N LEU A 31 -3.28 2.94 8.89
CA LEU A 31 -4.15 2.09 8.07
C LEU A 31 -5.62 2.26 8.46
N ILE A 32 -5.89 2.15 9.76
CA ILE A 32 -7.25 2.29 10.27
C ILE A 32 -7.73 3.74 10.13
N SER A 33 -6.79 4.68 10.13
CA SER A 33 -7.12 6.09 10.02
C SER A 33 -7.94 6.35 8.76
N ARG A 34 -7.78 5.49 7.76
CA ARG A 34 -8.51 5.63 6.50
C ARG A 34 -9.53 4.50 6.34
N GLY A 35 -9.91 3.89 7.45
CA GLY A 35 -10.87 2.80 7.41
C GLY A 35 -10.29 1.54 6.80
N ALA A 36 -9.07 1.19 7.20
CA ALA A 36 -8.42 0.00 6.69
C ALA A 36 -7.72 -0.78 7.81
N LEU A 37 -8.13 -2.02 7.99
CA LEU A 37 -7.55 -2.87 9.03
C LEU A 37 -6.21 -3.42 8.60
N ASN A 38 -5.29 -3.57 9.55
CA ASN A 38 -3.96 -4.09 9.26
C ASN A 38 -4.04 -5.40 8.49
N ASP A 39 -4.60 -6.43 9.12
CA ASP A 39 -4.74 -7.73 8.50
C ASP A 39 -6.03 -7.82 7.70
N ASP A 40 -5.95 -7.54 6.40
CA ASP A 40 -7.12 -7.58 5.54
C ASP A 40 -6.75 -7.22 4.10
N LEU A 41 -5.84 -6.26 3.95
CA LEU A 41 -5.39 -5.81 2.65
C LEU A 41 -4.96 -7.00 1.79
N SER A 42 -5.61 -7.17 0.63
CA SER A 42 -5.29 -8.25 -0.27
C SER A 42 -5.15 -7.75 -1.71
N SER A 43 -5.22 -6.43 -1.87
CA SER A 43 -5.11 -5.82 -3.20
C SER A 43 -4.57 -4.40 -3.08
N ALA A 44 -3.86 -3.96 -4.12
CA ALA A 44 -3.28 -2.62 -4.14
C ALA A 44 -3.17 -2.10 -5.57
N ARG A 45 -3.73 -0.92 -5.81
CA ARG A 45 -3.69 -0.32 -7.14
C ARG A 45 -2.53 0.66 -7.25
N VAL A 46 -1.62 0.40 -8.19
CA VAL A 46 -0.47 1.26 -8.41
C VAL A 46 0.03 1.16 -9.85
N PRO A 47 -0.58 1.96 -10.74
CA PRO A 47 -0.21 1.99 -12.15
C PRO A 47 1.15 2.62 -12.39
N SER A 48 1.64 2.53 -13.62
CA SER A 48 2.94 3.08 -13.98
C SER A 48 3.06 4.53 -13.52
N GLY A 49 4.22 4.88 -12.97
CA GLY A 49 4.45 6.24 -12.50
C GLY A 49 4.26 6.36 -11.00
N LEU A 50 4.65 5.32 -10.27
CA LEU A 50 4.54 5.32 -8.82
C LEU A 50 5.19 4.08 -8.21
N ARG A 51 5.93 4.28 -7.13
CA ARG A 51 6.60 3.17 -6.46
C ARG A 51 6.27 3.15 -4.97
N LEU A 52 6.01 1.95 -4.45
CA LEU A 52 5.67 1.79 -3.04
C LEU A 52 6.44 0.63 -2.42
N GLU A 53 6.62 0.68 -1.11
CA GLU A 53 7.34 -0.37 -0.40
C GLU A 53 6.57 -0.82 0.85
N VAL A 54 6.23 -2.10 0.90
CA VAL A 54 5.49 -2.65 2.03
C VAL A 54 6.44 -3.14 3.13
N PHE A 55 6.07 -2.89 4.38
CA PHE A 55 6.89 -3.31 5.50
C PHE A 55 6.06 -4.06 6.54
N GLN A 56 6.03 -5.38 6.43
CA GLN A 56 5.25 -6.21 7.35
C GLN A 56 5.67 -5.94 8.79
N HIS A 57 6.97 -5.77 9.00
CA HIS A 57 7.50 -5.50 10.34
C HIS A 57 7.49 -4.01 10.65
N ASN A 58 7.31 -3.67 11.92
CA ASN A 58 7.29 -2.27 12.34
C ASN A 58 8.69 -1.77 12.66
N ASN A 59 8.82 -0.45 12.82
CA ASN A 59 10.11 0.15 13.13
C ASN A 59 11.10 -0.07 11.99
N PHE A 60 10.58 -0.45 10.83
CA PHE A 60 11.43 -0.70 9.66
C PHE A 60 12.58 -1.62 10.01
N LYS A 61 12.25 -2.79 10.56
CA LYS A 61 13.25 -3.77 10.93
C LYS A 61 13.26 -4.96 9.97
N GLY A 62 12.15 -5.70 9.94
CA GLY A 62 12.04 -6.84 9.06
C GLY A 62 12.25 -6.48 7.61
N VAL A 63 12.39 -7.49 6.76
CA VAL A 63 12.60 -7.27 5.33
C VAL A 63 11.55 -6.32 4.76
N ARG A 64 11.94 -5.56 3.74
CA ARG A 64 11.03 -4.62 3.10
C ARG A 64 10.72 -5.04 1.68
N ASP A 65 9.48 -4.82 1.25
CA ASP A 65 9.06 -5.18 -0.09
C ASP A 65 8.94 -3.94 -0.98
N PHE A 66 8.61 -4.14 -2.25
CA PHE A 66 8.47 -3.05 -3.20
C PHE A 66 7.56 -3.44 -4.36
N TYR A 67 6.51 -2.66 -4.57
CA TYR A 67 5.56 -2.93 -5.65
C TYR A 67 5.46 -1.74 -6.59
N THR A 68 5.26 -2.03 -7.87
CA THR A 68 5.16 -0.99 -8.89
C THR A 68 4.13 -1.37 -9.95
N SER A 69 3.06 -2.03 -9.54
CA SER A 69 2.01 -2.45 -10.46
C SER A 69 0.81 -3.01 -9.70
N ASP A 70 -0.34 -2.99 -10.34
CA ASP A 70 -1.56 -3.51 -9.73
C ASP A 70 -1.35 -4.91 -9.15
N ALA A 71 -1.22 -4.98 -7.83
CA ALA A 71 -0.99 -6.26 -7.16
C ALA A 71 -2.31 -6.83 -6.63
N ALA A 72 -2.61 -8.07 -7.01
CA ALA A 72 -3.83 -8.72 -6.57
C ALA A 72 -3.59 -9.59 -5.34
N GLU A 73 -2.62 -9.17 -4.53
CA GLU A 73 -2.28 -9.90 -3.31
C GLU A 73 -1.13 -9.23 -2.56
N LEU A 74 -1.36 -8.92 -1.30
CA LEU A 74 -0.35 -8.26 -0.47
C LEU A 74 0.98 -9.02 -0.54
N SER A 75 2.03 -8.39 -0.04
CA SER A 75 3.36 -9.00 -0.04
C SER A 75 3.30 -10.44 0.46
N ARG A 76 3.14 -10.59 1.77
CA ARG A 76 3.06 -11.91 2.38
C ARG A 76 1.67 -12.18 2.94
N ASP A 77 1.36 -11.55 4.07
CA ASP A 77 0.06 -11.72 4.71
C ASP A 77 -0.75 -10.42 4.64
N ASN A 78 -2.06 -10.54 4.75
CA ASN A 78 -2.95 -9.38 4.71
C ASN A 78 -2.50 -8.32 5.71
N ASP A 79 -1.82 -8.76 6.77
CA ASP A 79 -1.33 -7.85 7.79
C ASP A 79 -0.03 -7.19 7.35
N ALA A 80 0.15 -5.93 7.75
CA ALA A 80 1.35 -5.19 7.41
C ALA A 80 1.58 -4.03 8.37
N SER A 81 2.74 -4.03 9.03
CA SER A 81 3.08 -2.99 9.98
C SER A 81 2.88 -1.61 9.38
N SER A 82 3.77 -1.24 8.47
CA SER A 82 3.69 0.07 7.81
C SER A 82 4.02 -0.06 6.32
N VAL A 83 3.61 0.94 5.55
CA VAL A 83 3.86 0.95 4.12
C VAL A 83 4.20 2.35 3.62
N ARG A 84 5.03 2.42 2.59
CA ARG A 84 5.44 3.69 2.02
C ARG A 84 5.05 3.79 0.55
N VAL A 85 4.55 4.96 0.15
CA VAL A 85 4.14 5.18 -1.22
C VAL A 85 4.66 6.51 -1.75
N SER A 86 5.16 6.50 -2.99
CA SER A 86 5.69 7.71 -3.61
C SER A 86 5.55 7.64 -5.13
N LYS A 87 5.54 8.81 -5.77
CA LYS A 87 5.43 8.89 -7.22
C LYS A 87 6.80 8.99 -7.87
N MET A 88 7.02 8.18 -8.89
CA MET A 88 8.29 8.17 -9.61
C MET A 88 8.24 9.11 -10.81
N GLU A 89 7.07 9.20 -11.44
CA GLU A 89 6.90 10.07 -12.60
C GLU A 89 7.08 11.54 -12.21
N THR A 90 6.79 11.85 -10.95
CA THR A 90 6.92 13.21 -10.45
C THR A 90 8.22 13.40 -9.68
N THR A 91 9.11 14.21 -10.23
CA THR A 91 10.41 14.47 -9.59
C THR A 91 10.21 15.10 -8.22
N ASN A 92 11.00 14.63 -7.25
CA ASN A 92 10.92 15.15 -5.89
C ASN A 92 12.30 15.42 -5.33
N GLY A 2 -8.92 9.17 -8.39
CA GLY A 2 -7.92 10.21 -8.55
C GLY A 2 -6.55 9.64 -8.90
N GLU A 3 -5.56 10.52 -9.03
CA GLU A 3 -4.20 10.09 -9.37
C GLU A 3 -3.21 10.60 -8.34
N LYS A 4 -1.92 10.39 -8.62
CA LYS A 4 -0.86 10.83 -7.71
C LYS A 4 -1.05 10.24 -6.32
N THR A 5 -1.65 9.04 -6.26
CA THR A 5 -1.89 8.37 -5.00
C THR A 5 -2.18 6.89 -5.22
N VAL A 6 -1.84 6.07 -4.22
CA VAL A 6 -2.07 4.63 -4.30
C VAL A 6 -3.42 4.25 -3.68
N LYS A 7 -4.11 3.31 -4.31
CA LYS A 7 -5.40 2.85 -3.82
C LYS A 7 -5.30 1.44 -3.25
N LEU A 8 -5.35 1.34 -1.92
CA LEU A 8 -5.26 0.05 -1.25
C LEU A 8 -6.61 -0.66 -1.26
N TYR A 9 -6.61 -1.91 -1.68
CA TYR A 9 -7.84 -2.71 -1.75
C TYR A 9 -7.77 -3.89 -0.77
N GLU A 10 -8.84 -4.06 0.00
CA GLU A 10 -8.91 -5.14 0.97
C GLU A 10 -9.27 -6.46 0.29
N ASP A 11 -10.07 -6.37 -0.76
CA ASP A 11 -10.48 -7.56 -1.51
C ASP A 11 -9.64 -7.73 -2.77
N THR A 12 -9.37 -8.98 -3.12
CA THR A 12 -8.57 -9.28 -4.31
C THR A 12 -9.27 -8.80 -5.58
N HIS A 13 -8.51 -8.69 -6.66
CA HIS A 13 -9.05 -8.24 -7.93
C HIS A 13 -9.57 -6.81 -7.83
N PHE A 14 -9.03 -6.06 -6.88
CA PHE A 14 -9.43 -4.67 -6.67
C PHE A 14 -10.95 -4.56 -6.54
N LYS A 15 -11.52 -5.37 -5.66
CA LYS A 15 -12.97 -5.36 -5.44
C LYS A 15 -13.30 -4.87 -4.03
N GLY A 16 -14.55 -4.45 -3.83
CA GLY A 16 -14.97 -3.97 -2.53
C GLY A 16 -14.73 -2.48 -2.35
N TYR A 17 -13.94 -2.12 -1.35
CA TYR A 17 -13.64 -0.73 -1.07
C TYR A 17 -12.15 -0.44 -1.24
N SER A 18 -11.83 0.80 -1.57
CA SER A 18 -10.44 1.20 -1.78
C SER A 18 -10.14 2.51 -1.04
N VAL A 19 -8.93 2.60 -0.50
CA VAL A 19 -8.51 3.79 0.24
C VAL A 19 -7.31 4.45 -0.42
N GLU A 20 -7.34 5.77 -0.54
CA GLU A 20 -6.25 6.52 -1.14
C GLU A 20 -5.50 7.33 -0.10
N LEU A 21 -4.19 7.44 -0.29
CA LEU A 21 -3.35 8.19 0.65
C LEU A 21 -2.19 8.86 -0.09
N PRO A 22 -1.93 10.13 0.25
CA PRO A 22 -0.84 10.91 -0.37
C PRO A 22 0.54 10.41 0.06
N VAL A 23 1.57 10.94 -0.58
CA VAL A 23 2.93 10.55 -0.27
C VAL A 23 3.17 10.52 1.23
N GLY A 24 4.05 9.61 1.67
CA GLY A 24 4.34 9.50 3.09
C GLY A 24 4.27 8.07 3.58
N ASP A 25 4.73 7.84 4.81
CA ASP A 25 4.72 6.51 5.40
C ASP A 25 3.63 6.38 6.46
N TYR A 26 3.06 5.19 6.58
CA TYR A 26 2.01 4.94 7.56
C TYR A 26 2.31 3.69 8.37
N ASN A 27 1.95 3.72 9.65
CA ASN A 27 2.18 2.59 10.55
C ASN A 27 0.91 1.77 10.72
N LEU A 28 1.01 0.67 11.47
CA LEU A 28 -0.13 -0.19 11.73
C LEU A 28 -1.32 0.61 12.24
N SER A 29 -1.05 1.51 13.19
CA SER A 29 -2.10 2.34 13.77
C SER A 29 -2.64 3.34 12.74
N SER A 30 -1.76 3.77 11.84
CA SER A 30 -2.14 4.73 10.81
C SER A 30 -3.02 4.09 9.77
N LEU A 31 -2.84 2.78 9.56
CA LEU A 31 -3.62 2.04 8.58
C LEU A 31 -5.11 2.11 8.91
N ILE A 32 -5.44 1.88 10.17
CA ILE A 32 -6.84 1.91 10.61
C ILE A 32 -7.33 3.35 10.72
N SER A 33 -6.41 4.28 10.96
CA SER A 33 -6.76 5.69 11.09
C SER A 33 -7.44 6.19 9.82
N ARG A 34 -7.03 5.66 8.68
CA ARG A 34 -7.59 6.07 7.39
C ARG A 34 -8.74 5.13 7.00
N GLY A 35 -9.24 4.37 7.97
CA GLY A 35 -10.33 3.45 7.70
C GLY A 35 -9.89 2.26 6.87
N ALA A 36 -8.75 1.69 7.22
CA ALA A 36 -8.22 0.54 6.51
C ALA A 36 -7.90 -0.60 7.46
N LEU A 37 -7.45 -1.72 6.91
CA LEU A 37 -7.10 -2.89 7.72
C LEU A 37 -5.62 -3.22 7.59
N ASN A 38 -4.97 -3.44 8.72
CA ASN A 38 -3.55 -3.77 8.72
C ASN A 38 -3.30 -5.14 8.08
N ASP A 39 -3.61 -6.18 8.83
CA ASP A 39 -3.44 -7.56 8.34
C ASP A 39 -4.72 -8.07 7.69
N ASP A 40 -4.90 -7.75 6.42
CA ASP A 40 -6.09 -8.19 5.69
C ASP A 40 -6.00 -7.78 4.23
N LEU A 41 -5.42 -6.61 3.97
CA LEU A 41 -5.27 -6.12 2.60
C LEU A 41 -4.67 -7.18 1.69
N SER A 42 -5.27 -7.37 0.52
CA SER A 42 -4.79 -8.35 -0.44
C SER A 42 -4.73 -7.76 -1.84
N SER A 43 -4.99 -6.46 -1.95
CA SER A 43 -4.97 -5.77 -3.23
C SER A 43 -4.53 -4.31 -3.06
N ALA A 44 -4.08 -3.71 -4.15
CA ALA A 44 -3.64 -2.32 -4.13
C ALA A 44 -3.21 -1.87 -5.52
N ARG A 45 -3.98 -0.96 -6.11
CA ARG A 45 -3.67 -0.43 -7.43
C ARG A 45 -3.01 0.94 -7.34
N VAL A 46 -2.03 1.17 -8.19
CA VAL A 46 -1.31 2.44 -8.21
C VAL A 46 -1.24 3.02 -9.62
N PRO A 47 -1.29 4.35 -9.71
CA PRO A 47 -1.24 5.05 -11.00
C PRO A 47 0.14 4.96 -11.65
N SER A 48 0.27 5.55 -12.83
CA SER A 48 1.54 5.54 -13.56
C SER A 48 2.49 6.58 -12.99
N GLY A 49 3.59 6.11 -12.41
CA GLY A 49 4.57 7.01 -11.84
C GLY A 49 4.46 7.12 -10.33
N LEU A 50 4.16 6.00 -9.68
CA LEU A 50 4.01 5.97 -8.23
C LEU A 50 4.77 4.79 -7.62
N ARG A 51 5.53 5.06 -6.57
CA ARG A 51 6.30 4.03 -5.90
C ARG A 51 5.85 3.85 -4.46
N LEU A 52 5.88 2.61 -3.98
CA LEU A 52 5.46 2.29 -2.62
C LEU A 52 6.26 1.13 -2.05
N GLU A 53 6.36 1.07 -0.73
CA GLU A 53 7.10 0.00 -0.06
C GLU A 53 6.30 -0.57 1.10
N VAL A 54 6.07 -1.89 1.05
CA VAL A 54 5.31 -2.56 2.10
C VAL A 54 6.23 -3.04 3.22
N PHE A 55 5.78 -2.88 4.46
CA PHE A 55 6.56 -3.30 5.61
C PHE A 55 5.72 -4.16 6.55
N GLN A 56 5.84 -5.48 6.42
CA GLN A 56 5.09 -6.41 7.25
C GLN A 56 5.27 -6.07 8.73
N HIS A 57 6.49 -5.67 9.11
CA HIS A 57 6.79 -5.33 10.49
C HIS A 57 6.92 -3.81 10.64
N ASN A 58 6.70 -3.32 11.87
CA ASN A 58 6.81 -1.90 12.15
C ASN A 58 8.22 -1.53 12.58
N ASN A 59 8.52 -0.24 12.56
CA ASN A 59 9.84 0.24 12.95
C ASN A 59 10.93 -0.29 12.02
N PHE A 60 10.51 -0.70 10.82
CA PHE A 60 11.44 -1.23 9.84
C PHE A 60 12.29 -2.36 10.44
N LYS A 61 11.61 -3.37 10.98
CA LYS A 61 12.29 -4.50 11.59
C LYS A 61 12.28 -5.70 10.66
N GLY A 62 11.15 -5.92 9.99
CA GLY A 62 11.02 -7.04 9.08
C GLY A 62 11.44 -6.68 7.66
N VAL A 63 11.44 -7.68 6.78
CA VAL A 63 11.81 -7.46 5.39
C VAL A 63 10.98 -6.33 4.77
N ARG A 64 11.58 -5.62 3.83
CA ARG A 64 10.90 -4.52 3.15
C ARG A 64 10.63 -4.87 1.69
N ASP A 65 9.43 -4.51 1.23
CA ASP A 65 9.04 -4.78 -0.15
C ASP A 65 8.87 -3.49 -0.93
N PHE A 66 8.56 -3.62 -2.22
CA PHE A 66 8.38 -2.45 -3.09
C PHE A 66 7.49 -2.80 -4.28
N TYR A 67 6.46 -1.99 -4.50
CA TYR A 67 5.54 -2.21 -5.61
C TYR A 67 5.41 -0.95 -6.46
N THR A 68 5.03 -1.14 -7.71
CA THR A 68 4.87 -0.02 -8.64
C THR A 68 3.93 -0.39 -9.78
N SER A 69 2.90 -1.17 -9.47
CA SER A 69 1.92 -1.59 -10.49
C SER A 69 0.74 -2.29 -9.84
N ASP A 70 -0.29 -2.55 -10.63
CA ASP A 70 -1.49 -3.22 -10.13
C ASP A 70 -1.12 -4.52 -9.41
N ALA A 71 -1.29 -4.52 -8.09
CA ALA A 71 -0.98 -5.69 -7.28
C ALA A 71 -2.25 -6.29 -6.68
N ALA A 72 -2.47 -7.57 -6.94
CA ALA A 72 -3.65 -8.26 -6.43
C ALA A 72 -3.29 -9.17 -5.25
N GLU A 73 -2.18 -8.85 -4.59
CA GLU A 73 -1.72 -9.64 -3.46
C GLU A 73 -0.53 -8.97 -2.77
N LEU A 74 -0.72 -8.55 -1.52
CA LEU A 74 0.32 -7.90 -0.75
C LEU A 74 1.54 -8.81 -0.61
N SER A 75 2.65 -8.23 -0.16
CA SER A 75 3.89 -9.00 0.03
C SER A 75 3.70 -10.06 1.11
N ARG A 76 2.80 -9.79 2.05
CA ARG A 76 2.54 -10.73 3.13
C ARG A 76 1.04 -10.84 3.41
N ASP A 77 0.49 -12.02 3.17
CA ASP A 77 -0.93 -12.27 3.38
C ASP A 77 -1.34 -11.87 4.80
N ASN A 78 -2.17 -10.83 4.90
CA ASN A 78 -2.63 -10.35 6.20
C ASN A 78 -1.46 -10.10 7.14
N ASP A 79 -0.59 -9.19 6.75
CA ASP A 79 0.58 -8.85 7.56
C ASP A 79 1.31 -7.63 6.98
N ALA A 80 0.75 -6.45 7.21
CA ALA A 80 1.34 -5.21 6.71
C ALA A 80 1.37 -4.14 7.81
N SER A 81 2.34 -4.24 8.70
CA SER A 81 2.47 -3.29 9.79
C SER A 81 2.47 -1.86 9.27
N SER A 82 3.55 -1.47 8.61
CA SER A 82 3.68 -0.13 8.06
C SER A 82 3.84 -0.17 6.54
N VAL A 83 3.56 0.95 5.89
CA VAL A 83 3.67 1.04 4.43
C VAL A 83 4.23 2.40 4.01
N ARG A 84 4.67 2.47 2.76
CA ARG A 84 5.22 3.71 2.23
C ARG A 84 4.66 4.02 0.84
N VAL A 85 4.31 5.28 0.61
CA VAL A 85 3.76 5.69 -0.67
C VAL A 85 4.39 6.99 -1.15
N SER A 86 4.69 7.07 -2.43
CA SER A 86 5.29 8.26 -3.01
C SER A 86 5.14 8.27 -4.53
N LYS A 87 5.38 9.42 -5.13
CA LYS A 87 5.27 9.57 -6.58
C LYS A 87 6.64 9.49 -7.25
N MET A 88 6.82 8.48 -8.09
CA MET A 88 8.08 8.28 -8.80
C MET A 88 8.03 8.91 -10.19
N GLU A 89 7.33 8.23 -11.10
CA GLU A 89 7.20 8.72 -12.47
C GLU A 89 8.57 9.04 -13.07
N THR A 90 9.39 8.00 -13.22
CA THR A 90 10.73 8.16 -13.79
C THR A 90 10.67 8.60 -15.25
N THR A 91 9.87 7.89 -16.04
CA THR A 91 9.72 8.20 -17.45
C THR A 91 8.53 9.12 -17.69
N ASN A 92 8.76 10.20 -18.44
CA ASN A 92 7.71 11.15 -18.74
C ASN A 92 7.02 11.63 -17.47
N GLY A 2 -8.64 9.46 -10.79
CA GLY A 2 -7.50 8.56 -10.61
C GLY A 2 -6.41 8.79 -11.63
N GLU A 3 -5.43 9.61 -11.27
CA GLU A 3 -4.32 9.91 -12.16
C GLU A 3 -3.00 9.89 -11.42
N LYS A 4 -2.99 10.46 -10.22
CA LYS A 4 -1.78 10.51 -9.40
C LYS A 4 -2.09 10.14 -7.95
N THR A 5 -2.79 9.02 -7.76
CA THR A 5 -3.15 8.56 -6.43
C THR A 5 -3.30 7.05 -6.38
N VAL A 6 -2.92 6.45 -5.26
CA VAL A 6 -3.03 5.00 -5.10
C VAL A 6 -4.35 4.61 -4.44
N LYS A 7 -4.78 3.38 -4.68
CA LYS A 7 -6.03 2.89 -4.10
C LYS A 7 -5.89 1.43 -3.66
N LEU A 8 -5.80 1.22 -2.36
CA LEU A 8 -5.67 -0.12 -1.81
C LEU A 8 -7.02 -0.66 -1.35
N TYR A 9 -7.33 -1.88 -1.77
CA TYR A 9 -8.60 -2.52 -1.40
C TYR A 9 -8.35 -3.71 -0.47
N GLU A 10 -9.30 -3.95 0.43
CA GLU A 10 -9.19 -5.06 1.37
C GLU A 10 -9.46 -6.39 0.66
N ASP A 11 -10.33 -6.36 -0.35
CA ASP A 11 -10.66 -7.56 -1.10
C ASP A 11 -10.02 -7.53 -2.48
N THR A 12 -9.35 -8.63 -2.83
CA THR A 12 -8.69 -8.72 -4.14
C THR A 12 -9.69 -8.56 -5.28
N HIS A 13 -9.18 -8.42 -6.49
CA HIS A 13 -10.03 -8.26 -7.66
C HIS A 13 -10.83 -6.97 -7.59
N PHE A 14 -10.19 -5.91 -7.09
CA PHE A 14 -10.84 -4.62 -6.96
C PHE A 14 -12.18 -4.74 -6.23
N LYS A 15 -12.13 -5.32 -5.03
CA LYS A 15 -13.33 -5.51 -4.23
C LYS A 15 -13.11 -5.03 -2.79
N GLY A 16 -14.21 -4.70 -2.11
CA GLY A 16 -14.11 -4.24 -0.74
C GLY A 16 -13.85 -2.74 -0.66
N TYR A 17 -13.59 -2.25 0.55
CA TYR A 17 -13.33 -0.84 0.76
C TYR A 17 -12.11 -0.38 -0.03
N SER A 18 -11.79 0.90 0.07
CA SER A 18 -10.65 1.47 -0.63
C SER A 18 -10.00 2.58 0.18
N VAL A 19 -8.67 2.65 0.12
CA VAL A 19 -7.92 3.66 0.85
C VAL A 19 -6.92 4.37 -0.06
N GLU A 20 -6.89 5.69 0.02
CA GLU A 20 -5.97 6.48 -0.80
C GLU A 20 -4.78 6.96 0.03
N LEU A 21 -3.61 6.94 -0.58
CA LEU A 21 -2.39 7.39 0.10
C LEU A 21 -1.57 8.30 -0.79
N PRO A 22 -1.89 9.60 -0.76
CA PRO A 22 -1.19 10.62 -1.56
C PRO A 22 0.23 10.86 -1.06
N VAL A 23 1.13 9.93 -1.39
CA VAL A 23 2.53 10.05 -0.98
C VAL A 23 2.64 10.32 0.51
N GLY A 24 2.80 9.26 1.29
CA GLY A 24 2.92 9.40 2.73
C GLY A 24 3.29 8.11 3.42
N ASP A 25 3.61 8.19 4.71
CA ASP A 25 3.99 7.02 5.49
C ASP A 25 2.93 6.69 6.53
N TYR A 26 2.58 5.41 6.66
CA TYR A 26 1.57 4.99 7.63
C TYR A 26 2.10 3.82 8.47
N ASN A 27 1.60 3.72 9.69
CA ASN A 27 2.01 2.66 10.59
C ASN A 27 0.87 1.68 10.86
N LEU A 28 1.05 0.81 11.83
CA LEU A 28 0.03 -0.18 12.18
C LEU A 28 -1.24 0.51 12.69
N SER A 29 -1.08 1.36 13.69
CA SER A 29 -2.23 2.08 14.26
C SER A 29 -2.81 3.06 13.25
N SER A 30 -1.94 3.70 12.47
CA SER A 30 -2.36 4.66 11.47
C SER A 30 -3.09 3.97 10.32
N LEU A 31 -2.73 2.71 10.08
CA LEU A 31 -3.34 1.92 9.01
C LEU A 31 -4.84 1.77 9.24
N ILE A 32 -5.20 1.38 10.46
CA ILE A 32 -6.61 1.19 10.81
C ILE A 32 -7.31 2.54 11.01
N SER A 33 -6.55 3.52 11.48
CA SER A 33 -7.10 4.86 11.71
C SER A 33 -7.79 5.39 10.45
N ARG A 34 -7.29 4.98 9.30
CA ARG A 34 -7.85 5.42 8.03
C ARG A 34 -8.93 4.46 7.56
N GLY A 35 -8.90 3.23 8.07
CA GLY A 35 -9.89 2.24 7.68
C GLY A 35 -9.28 1.08 6.91
N ALA A 36 -8.13 0.60 7.39
CA ALA A 36 -7.44 -0.51 6.74
C ALA A 36 -6.59 -1.29 7.73
N LEU A 37 -6.90 -2.57 7.88
CA LEU A 37 -6.16 -3.43 8.81
C LEU A 37 -4.83 -3.87 8.20
N ASN A 38 -3.80 -3.92 9.02
CA ASN A 38 -2.47 -4.33 8.57
C ASN A 38 -2.54 -5.65 7.82
N ASP A 39 -3.25 -6.62 8.39
CA ASP A 39 -3.39 -7.93 7.77
C ASP A 39 -4.81 -8.14 7.25
N ASP A 40 -5.04 -7.74 6.00
CA ASP A 40 -6.35 -7.88 5.38
C ASP A 40 -6.30 -7.47 3.91
N LEU A 41 -5.48 -6.47 3.61
CA LEU A 41 -5.34 -5.97 2.24
C LEU A 41 -5.13 -7.12 1.27
N SER A 42 -6.00 -7.21 0.26
CA SER A 42 -5.91 -8.27 -0.74
C SER A 42 -5.74 -7.68 -2.14
N SER A 43 -5.94 -6.38 -2.25
CA SER A 43 -5.82 -5.69 -3.53
C SER A 43 -5.11 -4.35 -3.36
N ALA A 44 -4.41 -3.93 -4.41
CA ALA A 44 -3.69 -2.65 -4.38
C ALA A 44 -3.44 -2.13 -5.79
N ARG A 45 -4.11 -1.05 -6.14
CA ARG A 45 -3.96 -0.45 -7.46
C ARG A 45 -3.14 0.84 -7.39
N VAL A 46 -2.03 0.86 -8.10
CA VAL A 46 -1.16 2.03 -8.12
C VAL A 46 -1.13 2.67 -9.50
N PRO A 47 -1.15 4.02 -9.53
CA PRO A 47 -1.12 4.77 -10.78
C PRO A 47 0.24 4.69 -11.48
N SER A 48 0.32 5.27 -12.68
CA SER A 48 1.55 5.26 -13.45
C SER A 48 2.53 6.30 -12.93
N GLY A 49 3.65 5.84 -12.39
CA GLY A 49 4.65 6.75 -11.86
C GLY A 49 4.55 6.93 -10.36
N LEU A 50 4.23 5.83 -9.66
CA LEU A 50 4.10 5.88 -8.21
C LEU A 50 4.76 4.65 -7.57
N ARG A 51 5.55 4.89 -6.52
CA ARG A 51 6.24 3.82 -5.83
C ARG A 51 5.63 3.59 -4.45
N LEU A 52 5.75 2.36 -3.96
CA LEU A 52 5.21 2.01 -2.64
C LEU A 52 6.08 0.96 -1.96
N GLU A 53 6.01 0.90 -0.63
CA GLU A 53 6.79 -0.06 0.13
C GLU A 53 5.92 -0.71 1.21
N VAL A 54 6.13 -2.02 1.41
CA VAL A 54 5.38 -2.76 2.41
C VAL A 54 6.28 -3.24 3.54
N PHE A 55 5.85 -3.03 4.77
CA PHE A 55 6.61 -3.44 5.94
C PHE A 55 5.79 -4.35 6.85
N GLN A 56 6.05 -5.65 6.78
CA GLN A 56 5.32 -6.62 7.60
C GLN A 56 5.35 -6.22 9.07
N HIS A 57 6.54 -5.88 9.55
CA HIS A 57 6.71 -5.48 10.95
C HIS A 57 6.85 -3.96 11.07
N ASN A 58 6.40 -3.41 12.20
CA ASN A 58 6.48 -1.98 12.43
C ASN A 58 7.87 -1.58 12.89
N ASN A 59 8.13 -0.27 12.90
CA ASN A 59 9.42 0.24 13.32
C ASN A 59 10.53 -0.22 12.39
N PHE A 60 10.15 -0.58 11.16
CA PHE A 60 11.11 -1.05 10.17
C PHE A 60 11.96 -2.18 10.74
N LYS A 61 11.31 -3.23 11.23
CA LYS A 61 12.01 -4.37 11.80
C LYS A 61 11.92 -5.58 10.87
N GLY A 62 10.77 -5.74 10.22
CA GLY A 62 10.58 -6.85 9.31
C GLY A 62 11.01 -6.53 7.90
N VAL A 63 11.06 -7.54 7.05
CA VAL A 63 11.45 -7.36 5.66
C VAL A 63 10.65 -6.24 5.00
N ARG A 64 11.28 -5.55 4.05
CA ARG A 64 10.64 -4.44 3.35
C ARG A 64 10.45 -4.79 1.87
N ASP A 65 9.22 -4.60 1.38
CA ASP A 65 8.91 -4.89 -0.02
C ASP A 65 8.78 -3.60 -0.82
N PHE A 66 8.53 -3.74 -2.12
CA PHE A 66 8.39 -2.58 -2.99
C PHE A 66 7.51 -2.92 -4.20
N TYR A 67 6.60 -2.01 -4.55
CA TYR A 67 5.70 -2.22 -5.67
C TYR A 67 5.43 -0.90 -6.39
N THR A 68 5.64 -0.90 -7.71
CA THR A 68 5.41 0.30 -8.51
C THR A 68 4.55 -0.02 -9.73
N SER A 69 3.55 -0.88 -9.54
CA SER A 69 2.65 -1.26 -10.62
C SER A 69 1.37 -1.88 -10.08
N ASP A 70 0.41 -2.12 -10.96
CA ASP A 70 -0.86 -2.71 -10.57
C ASP A 70 -0.64 -3.99 -9.76
N ALA A 71 -1.04 -3.95 -8.50
CA ALA A 71 -0.88 -5.11 -7.62
C ALA A 71 -2.25 -5.69 -7.23
N ALA A 72 -2.74 -6.63 -8.03
CA ALA A 72 -4.02 -7.25 -7.76
C ALA A 72 -4.00 -8.01 -6.44
N GLU A 73 -2.80 -8.38 -6.00
CA GLU A 73 -2.65 -9.12 -4.74
C GLU A 73 -1.65 -8.42 -3.83
N LEU A 74 -2.10 -8.12 -2.61
CA LEU A 74 -1.23 -7.44 -1.63
C LEU A 74 0.10 -8.18 -1.49
N SER A 75 1.18 -7.41 -1.34
CA SER A 75 2.50 -7.98 -1.19
C SER A 75 2.51 -9.06 -0.12
N ARG A 76 2.73 -10.30 -0.54
CA ARG A 76 2.77 -11.43 0.39
C ARG A 76 1.42 -11.61 1.07
N ASP A 77 1.35 -12.57 1.99
CA ASP A 77 0.12 -12.84 2.72
C ASP A 77 -0.42 -11.57 3.38
N ASN A 78 -1.72 -11.56 3.66
CA ASN A 78 -2.36 -10.40 4.28
C ASN A 78 -1.68 -10.05 5.61
N ASP A 79 -0.78 -9.08 5.57
CA ASP A 79 -0.07 -8.65 6.76
C ASP A 79 0.91 -7.53 6.43
N ALA A 80 0.70 -6.37 7.03
CA ALA A 80 1.57 -5.22 6.80
C ALA A 80 1.46 -4.22 7.95
N SER A 81 2.42 -4.26 8.87
CA SER A 81 2.43 -3.37 10.01
C SER A 81 2.46 -1.91 9.56
N SER A 82 3.45 -1.57 8.73
CA SER A 82 3.59 -0.21 8.22
C SER A 82 3.88 -0.22 6.73
N VAL A 83 3.64 0.91 6.08
CA VAL A 83 3.89 1.05 4.64
C VAL A 83 4.33 2.46 4.29
N ARG A 84 4.94 2.60 3.12
CA ARG A 84 5.41 3.90 2.66
C ARG A 84 5.16 4.08 1.17
N VAL A 85 4.23 4.97 0.84
CA VAL A 85 3.88 5.23 -0.55
C VAL A 85 4.36 6.61 -0.98
N SER A 86 4.85 6.71 -2.21
CA SER A 86 5.35 7.98 -2.74
C SER A 86 5.23 8.01 -4.26
N LYS A 87 5.48 9.17 -4.84
CA LYS A 87 5.41 9.34 -6.29
C LYS A 87 6.79 9.17 -6.92
N MET A 88 6.85 8.41 -8.01
CA MET A 88 8.10 8.16 -8.71
C MET A 88 8.06 8.75 -10.11
N GLU A 89 7.38 8.06 -11.02
CA GLU A 89 7.26 8.52 -12.40
C GLU A 89 8.63 8.84 -12.98
N THR A 90 9.44 7.81 -13.20
CA THR A 90 10.78 7.99 -13.74
C THR A 90 11.14 6.85 -14.68
N THR A 91 11.44 7.20 -15.93
CA THR A 91 11.80 6.20 -16.94
C THR A 91 12.66 6.81 -18.03
N ASN A 92 13.94 6.44 -18.06
CA ASN A 92 14.87 6.96 -19.06
C ASN A 92 15.02 8.46 -18.94
N GLY A 2 -2.46 10.16 -15.69
CA GLY A 2 -3.76 10.64 -15.24
C GLY A 2 -3.83 10.79 -13.73
N GLU A 3 -3.54 9.70 -13.02
CA GLU A 3 -3.58 9.73 -11.56
C GLU A 3 -2.17 9.84 -10.99
N LYS A 4 -2.10 10.06 -9.67
CA LYS A 4 -0.81 10.19 -9.00
C LYS A 4 -0.91 9.71 -7.55
N THR A 5 -1.57 8.56 -7.36
CA THR A 5 -1.72 7.99 -6.03
C THR A 5 -2.04 6.50 -6.11
N VAL A 6 -1.46 5.73 -5.18
CA VAL A 6 -1.68 4.29 -5.14
C VAL A 6 -2.83 3.94 -4.22
N LYS A 7 -3.75 3.12 -4.71
CA LYS A 7 -4.91 2.70 -3.92
C LYS A 7 -4.67 1.33 -3.29
N LEU A 8 -5.45 1.01 -2.27
CA LEU A 8 -5.32 -0.27 -1.58
C LEU A 8 -6.68 -0.95 -1.44
N TYR A 9 -6.75 -2.20 -1.90
CA TYR A 9 -7.99 -2.96 -1.83
C TYR A 9 -7.86 -4.14 -0.89
N GLU A 10 -8.95 -4.49 -0.21
CA GLU A 10 -8.95 -5.61 0.73
C GLU A 10 -9.24 -6.92 0.01
N ASP A 11 -10.01 -6.85 -1.07
CA ASP A 11 -10.36 -8.03 -1.85
C ASP A 11 -9.23 -8.41 -2.79
N THR A 12 -9.44 -9.48 -3.56
CA THR A 12 -8.44 -9.95 -4.50
C THR A 12 -8.96 -9.88 -5.94
N HIS A 13 -9.59 -8.76 -6.28
CA HIS A 13 -10.13 -8.56 -7.62
C HIS A 13 -10.78 -7.19 -7.74
N PHE A 14 -10.21 -6.19 -7.05
CA PHE A 14 -10.73 -4.84 -7.08
C PHE A 14 -12.13 -4.78 -6.49
N LYS A 15 -12.38 -5.60 -5.48
CA LYS A 15 -13.68 -5.64 -4.83
C LYS A 15 -13.64 -4.90 -3.50
N GLY A 16 -14.82 -4.54 -3.00
CA GLY A 16 -14.91 -3.83 -1.74
C GLY A 16 -14.61 -2.34 -1.89
N TYR A 17 -13.90 -1.78 -0.92
CA TYR A 17 -13.56 -0.37 -0.95
C TYR A 17 -12.06 -0.16 -1.11
N SER A 18 -11.68 0.86 -1.86
CA SER A 18 -10.27 1.15 -2.10
C SER A 18 -9.85 2.42 -1.36
N VAL A 19 -8.62 2.42 -0.84
CA VAL A 19 -8.11 3.57 -0.11
C VAL A 19 -6.85 4.12 -0.78
N GLU A 20 -6.89 5.41 -1.12
CA GLU A 20 -5.76 6.06 -1.77
C GLU A 20 -4.92 6.82 -0.76
N LEU A 21 -3.61 6.88 -1.01
CA LEU A 21 -2.69 7.58 -0.12
C LEU A 21 -1.56 8.23 -0.91
N PRO A 22 -1.50 9.57 -0.86
CA PRO A 22 -0.47 10.34 -1.56
C PRO A 22 0.92 10.16 -0.95
N VAL A 23 1.93 10.69 -1.62
CA VAL A 23 3.30 10.59 -1.12
C VAL A 23 3.36 10.71 0.39
N GLY A 24 3.98 9.72 1.04
CA GLY A 24 4.09 9.73 2.48
C GLY A 24 4.08 8.33 3.08
N ASP A 25 4.57 8.21 4.31
CA ASP A 25 4.61 6.92 4.97
C ASP A 25 3.50 6.80 6.01
N TYR A 26 2.98 5.59 6.19
CA TYR A 26 1.90 5.36 7.13
C TYR A 26 2.24 4.18 8.05
N ASN A 27 1.92 4.33 9.33
CA ASN A 27 2.19 3.29 10.31
C ASN A 27 0.95 2.43 10.54
N LEU A 28 1.00 1.60 11.58
CA LEU A 28 -0.13 0.72 11.92
C LEU A 28 -1.38 1.54 12.21
N SER A 29 -1.24 2.56 13.06
CA SER A 29 -2.37 3.41 13.43
C SER A 29 -2.83 4.24 12.23
N SER A 30 -1.87 4.64 11.40
CA SER A 30 -2.19 5.44 10.21
C SER A 30 -2.94 4.62 9.19
N LEU A 31 -2.67 3.32 9.16
CA LEU A 31 -3.32 2.42 8.22
C LEU A 31 -4.83 2.42 8.42
N ILE A 32 -5.26 2.24 9.66
CA ILE A 32 -6.68 2.24 9.98
C ILE A 32 -7.27 3.64 9.93
N SER A 33 -6.52 4.60 10.46
CA SER A 33 -6.97 6.00 10.47
C SER A 33 -7.29 6.48 9.06
N ARG A 34 -6.65 5.86 8.07
CA ARG A 34 -6.86 6.24 6.68
C ARG A 34 -7.99 5.42 6.06
N GLY A 35 -8.30 4.28 6.68
CA GLY A 35 -9.37 3.43 6.19
C GLY A 35 -8.86 2.08 5.73
N ALA A 36 -7.92 1.51 6.49
CA ALA A 36 -7.35 0.21 6.15
C ALA A 36 -6.92 -0.53 7.40
N LEU A 37 -7.52 -1.71 7.62
CA LEU A 37 -7.19 -2.53 8.79
C LEU A 37 -5.85 -3.23 8.60
N ASN A 38 -4.93 -2.98 9.53
CA ASN A 38 -3.61 -3.59 9.46
C ASN A 38 -3.71 -5.10 9.31
N ASP A 39 -2.97 -5.65 8.36
CA ASP A 39 -2.97 -7.08 8.11
C ASP A 39 -4.35 -7.55 7.65
N ASP A 40 -4.63 -7.37 6.37
CA ASP A 40 -5.91 -7.78 5.81
C ASP A 40 -5.96 -7.49 4.30
N LEU A 41 -5.31 -6.41 3.90
CA LEU A 41 -5.28 -6.02 2.49
C LEU A 41 -4.89 -7.20 1.61
N SER A 42 -5.53 -7.32 0.45
CA SER A 42 -5.26 -8.40 -0.48
C SER A 42 -5.10 -7.87 -1.90
N SER A 43 -5.15 -6.54 -2.04
CA SER A 43 -5.03 -5.91 -3.35
C SER A 43 -4.42 -4.52 -3.21
N ALA A 44 -3.76 -4.07 -4.28
CA ALA A 44 -3.14 -2.74 -4.28
C ALA A 44 -3.03 -2.20 -5.70
N ARG A 45 -3.66 -1.04 -5.93
CA ARG A 45 -3.63 -0.41 -7.24
C ARG A 45 -2.47 0.58 -7.35
N VAL A 46 -1.56 0.31 -8.27
CA VAL A 46 -0.40 1.18 -8.48
C VAL A 46 0.11 1.07 -9.91
N PRO A 47 -0.49 1.86 -10.82
CA PRO A 47 -0.10 1.87 -12.23
C PRO A 47 1.26 2.51 -12.46
N SER A 48 1.77 2.40 -13.68
CA SER A 48 3.07 2.96 -14.02
C SER A 48 3.15 4.43 -13.60
N GLY A 49 4.16 4.74 -12.79
CA GLY A 49 4.33 6.11 -12.32
C GLY A 49 4.09 6.25 -10.84
N LEU A 50 4.49 5.25 -10.06
CA LEU A 50 4.29 5.27 -8.62
C LEU A 50 4.97 4.07 -7.97
N ARG A 51 5.70 4.33 -6.88
CA ARG A 51 6.41 3.26 -6.17
C ARG A 51 5.97 3.23 -4.70
N LEU A 52 5.78 2.02 -4.18
CA LEU A 52 5.37 1.84 -2.79
C LEU A 52 6.08 0.66 -2.16
N GLU A 53 6.19 0.69 -0.84
CA GLU A 53 6.86 -0.39 -0.11
C GLU A 53 6.02 -0.84 1.09
N VAL A 54 5.88 -2.15 1.25
CA VAL A 54 5.11 -2.71 2.36
C VAL A 54 6.03 -3.24 3.46
N PHE A 55 5.59 -3.11 4.70
CA PHE A 55 6.37 -3.58 5.84
C PHE A 55 5.49 -4.33 6.82
N GLN A 56 5.69 -5.64 6.90
CA GLN A 56 4.91 -6.48 7.81
C GLN A 56 4.97 -5.95 9.24
N HIS A 57 6.14 -5.47 9.63
CA HIS A 57 6.35 -4.93 10.97
C HIS A 57 6.65 -3.43 10.92
N ASN A 58 6.13 -2.70 11.90
CA ASN A 58 6.35 -1.26 11.96
C ASN A 58 7.78 -0.94 12.38
N ASN A 59 8.05 0.35 12.58
CA ASN A 59 9.39 0.79 12.98
C ASN A 59 10.42 0.46 11.91
N PHE A 60 9.94 0.17 10.70
CA PHE A 60 10.82 -0.15 9.59
C PHE A 60 11.82 -1.23 9.98
N LYS A 61 11.40 -2.12 10.88
CA LYS A 61 12.25 -3.20 11.34
C LYS A 61 11.99 -4.47 10.54
N GLY A 62 10.74 -4.93 10.55
CA GLY A 62 10.38 -6.13 9.83
C GLY A 62 10.81 -6.08 8.38
N VAL A 63 10.65 -7.20 7.67
CA VAL A 63 11.03 -7.28 6.27
C VAL A 63 10.41 -6.13 5.46
N ARG A 64 11.12 -5.71 4.42
CA ARG A 64 10.65 -4.62 3.58
C ARG A 64 10.35 -5.12 2.17
N ASP A 65 9.16 -4.79 1.67
CA ASP A 65 8.75 -5.20 0.33
C ASP A 65 8.62 -4.00 -0.59
N PHE A 66 8.28 -4.27 -1.86
CA PHE A 66 8.13 -3.20 -2.84
C PHE A 66 7.18 -3.63 -3.95
N TYR A 67 6.43 -2.67 -4.49
CA TYR A 67 5.49 -2.95 -5.56
C TYR A 67 5.33 -1.74 -6.49
N THR A 68 5.49 -1.96 -7.78
CA THR A 68 5.37 -0.88 -8.77
C THR A 68 4.41 -1.27 -9.88
N SER A 69 3.34 -1.97 -9.51
CA SER A 69 2.34 -2.41 -10.49
C SER A 69 1.10 -2.96 -9.80
N ASP A 70 0.00 -3.02 -10.53
CA ASP A 70 -1.25 -3.54 -9.97
C ASP A 70 -1.04 -4.90 -9.32
N ALA A 71 -1.00 -4.91 -7.99
CA ALA A 71 -0.80 -6.15 -7.24
C ALA A 71 -2.14 -6.73 -6.79
N ALA A 72 -2.58 -7.79 -7.47
CA ALA A 72 -3.84 -8.45 -7.14
C ALA A 72 -3.74 -9.17 -5.80
N GLU A 73 -2.52 -9.30 -5.29
CA GLU A 73 -2.28 -9.98 -4.02
C GLU A 73 -1.30 -9.19 -3.15
N LEU A 74 -1.75 -8.83 -1.95
CA LEU A 74 -0.91 -8.08 -1.03
C LEU A 74 0.45 -8.74 -0.84
N SER A 75 1.49 -7.93 -0.76
CA SER A 75 2.85 -8.45 -0.58
C SER A 75 2.90 -9.46 0.57
N ARG A 76 3.20 -10.71 0.23
CA ARG A 76 3.28 -11.76 1.23
C ARG A 76 1.94 -11.94 1.95
N ASP A 77 1.92 -12.83 2.93
CA ASP A 77 0.72 -13.10 3.70
C ASP A 77 0.13 -11.80 4.26
N ASN A 78 -1.17 -11.82 4.55
CA ASN A 78 -1.85 -10.64 5.09
C ASN A 78 -1.14 -10.14 6.34
N ASP A 79 -0.35 -9.08 6.18
CA ASP A 79 0.38 -8.50 7.30
C ASP A 79 1.20 -7.30 6.85
N ALA A 80 0.73 -6.10 7.18
CA ALA A 80 1.41 -4.87 6.81
C ALA A 80 1.32 -3.83 7.91
N SER A 81 2.14 -3.97 8.94
CA SER A 81 2.14 -3.05 10.07
C SER A 81 2.26 -1.60 9.58
N SER A 82 3.10 -1.40 8.57
CA SER A 82 3.32 -0.07 8.01
C SER A 82 3.62 -0.14 6.52
N VAL A 83 3.27 0.92 5.80
CA VAL A 83 3.51 0.97 4.36
C VAL A 83 3.74 2.41 3.90
N ARG A 84 4.67 2.58 2.96
CA ARG A 84 4.99 3.90 2.43
C ARG A 84 4.62 4.01 0.97
N VAL A 85 4.25 5.20 0.53
CA VAL A 85 3.86 5.43 -0.86
C VAL A 85 4.50 6.70 -1.40
N SER A 86 4.97 6.65 -2.64
CA SER A 86 5.60 7.79 -3.28
C SER A 86 5.58 7.65 -4.80
N LYS A 87 5.40 8.77 -5.49
CA LYS A 87 5.36 8.78 -6.94
C LYS A 87 6.77 8.72 -7.53
N MET A 88 6.95 7.86 -8.53
CA MET A 88 8.25 7.70 -9.17
C MET A 88 8.34 8.56 -10.43
N GLU A 89 7.30 8.51 -11.25
CA GLU A 89 7.26 9.29 -12.49
C GLU A 89 7.52 10.77 -12.21
N THR A 90 7.12 11.22 -11.02
CA THR A 90 7.31 12.62 -10.63
C THR A 90 7.63 12.74 -9.15
N THR A 91 8.82 13.23 -8.84
CA THR A 91 9.26 13.40 -7.46
C THR A 91 8.68 14.67 -6.85
N ASN A 92 8.86 14.83 -5.55
CA ASN A 92 8.36 16.01 -4.85
C ASN A 92 6.84 16.08 -4.92
N GLY A 2 -2.49 17.64 -10.39
CA GLY A 2 -2.29 16.36 -11.03
C GLY A 2 -1.27 15.50 -10.30
N GLU A 3 -1.67 14.99 -9.14
CA GLU A 3 -0.78 14.14 -8.33
C GLU A 3 -1.26 12.69 -8.35
N LYS A 4 -0.32 11.77 -8.44
CA LYS A 4 -0.65 10.34 -8.45
C LYS A 4 -0.91 9.83 -7.04
N THR A 5 -1.55 8.66 -6.96
CA THR A 5 -1.86 8.06 -5.67
C THR A 5 -2.19 6.58 -5.82
N VAL A 6 -1.68 5.76 -4.90
CA VAL A 6 -1.93 4.32 -4.93
C VAL A 6 -3.14 3.97 -4.07
N LYS A 7 -3.99 3.08 -4.61
CA LYS A 7 -5.19 2.65 -3.91
C LYS A 7 -4.98 1.26 -3.29
N LEU A 8 -5.49 1.08 -2.09
CA LEU A 8 -5.37 -0.19 -1.39
C LEU A 8 -6.71 -0.91 -1.32
N TYR A 9 -6.73 -2.17 -1.75
CA TYR A 9 -7.96 -2.96 -1.73
C TYR A 9 -7.76 -4.25 -0.93
N GLU A 10 -8.83 -4.68 -0.27
CA GLU A 10 -8.78 -5.90 0.53
C GLU A 10 -9.05 -7.13 -0.32
N ASP A 11 -9.89 -6.97 -1.33
CA ASP A 11 -10.24 -8.07 -2.23
C ASP A 11 -9.15 -8.26 -3.29
N THR A 12 -8.87 -9.52 -3.63
CA THR A 12 -7.86 -9.83 -4.62
C THR A 12 -8.39 -9.59 -6.04
N HIS A 13 -8.79 -8.36 -6.32
CA HIS A 13 -9.31 -7.99 -7.64
C HIS A 13 -9.69 -6.52 -7.67
N PHE A 14 -10.57 -6.11 -6.77
CA PHE A 14 -11.01 -4.73 -6.70
C PHE A 14 -12.10 -4.55 -5.64
N LYS A 15 -12.85 -5.61 -5.39
CA LYS A 15 -13.92 -5.57 -4.40
C LYS A 15 -13.42 -5.01 -3.08
N GLY A 16 -14.35 -4.56 -2.24
CA GLY A 16 -13.98 -4.00 -0.95
C GLY A 16 -13.81 -2.49 -1.00
N TYR A 17 -13.41 -1.91 0.12
CA TYR A 17 -13.22 -0.47 0.21
C TYR A 17 -11.80 -0.08 -0.21
N SER A 18 -11.69 0.91 -1.08
CA SER A 18 -10.39 1.37 -1.55
C SER A 18 -9.83 2.45 -0.62
N VAL A 19 -8.52 2.41 -0.42
CA VAL A 19 -7.86 3.38 0.45
C VAL A 19 -6.66 4.03 -0.27
N GLU A 20 -6.83 5.29 -0.65
CA GLU A 20 -5.76 6.02 -1.34
C GLU A 20 -5.03 6.95 -0.38
N LEU A 21 -3.75 7.14 -0.62
CA LEU A 21 -2.93 7.99 0.23
C LEU A 21 -1.84 8.68 -0.59
N PRO A 22 -1.62 9.98 -0.31
CA PRO A 22 -0.62 10.78 -1.01
C PRO A 22 0.81 10.37 -0.65
N VAL A 23 1.78 10.85 -1.42
CA VAL A 23 3.18 10.53 -1.17
C VAL A 23 3.52 10.67 0.30
N GLY A 24 3.88 9.55 0.92
CA GLY A 24 4.22 9.56 2.33
C GLY A 24 4.27 8.17 2.94
N ASP A 25 4.68 8.08 4.20
CA ASP A 25 4.76 6.80 4.89
C ASP A 25 3.74 6.72 6.03
N TYR A 26 3.10 5.58 6.15
CA TYR A 26 2.09 5.38 7.20
C TYR A 26 2.35 4.08 7.97
N ASN A 27 1.92 4.05 9.22
CA ASN A 27 2.10 2.87 10.07
C ASN A 27 0.78 2.13 10.26
N LEU A 28 0.81 1.07 11.06
CA LEU A 28 -0.38 0.27 11.33
C LEU A 28 -1.52 1.17 11.82
N SER A 29 -1.25 1.96 12.84
CA SER A 29 -2.25 2.86 13.41
C SER A 29 -2.73 3.85 12.36
N SER A 30 -1.80 4.40 11.59
CA SER A 30 -2.13 5.37 10.56
C SER A 30 -3.12 4.78 9.57
N LEU A 31 -3.05 3.47 9.37
CA LEU A 31 -3.94 2.79 8.44
C LEU A 31 -5.35 2.67 9.02
N ILE A 32 -5.44 2.55 10.34
CA ILE A 32 -6.73 2.44 11.01
C ILE A 32 -7.57 3.70 10.80
N SER A 33 -6.89 4.82 10.58
CA SER A 33 -7.58 6.09 10.37
C SER A 33 -8.30 6.10 9.02
N ARG A 34 -7.78 5.31 8.08
CA ARG A 34 -8.37 5.22 6.75
C ARG A 34 -9.37 4.07 6.67
N GLY A 35 -9.82 3.60 7.83
CA GLY A 35 -10.77 2.51 7.86
C GLY A 35 -10.16 1.18 7.43
N ALA A 36 -8.83 1.11 7.50
CA ALA A 36 -8.12 -0.11 7.11
C ALA A 36 -8.27 -1.20 8.17
N LEU A 37 -7.81 -2.40 7.84
CA LEU A 37 -7.90 -3.53 8.77
C LEU A 37 -6.50 -4.02 9.16
N ASN A 38 -5.52 -3.72 8.32
CA ASN A 38 -4.15 -4.13 8.58
C ASN A 38 -4.01 -5.65 8.50
N ASP A 39 -3.02 -6.11 7.75
CA ASP A 39 -2.77 -7.54 7.58
C ASP A 39 -3.95 -8.22 6.91
N ASP A 40 -4.59 -7.51 5.98
CA ASP A 40 -5.73 -8.04 5.25
C ASP A 40 -5.66 -7.68 3.77
N LEU A 41 -5.13 -6.49 3.49
CA LEU A 41 -5.01 -6.01 2.11
C LEU A 41 -4.45 -7.11 1.22
N SER A 42 -5.15 -7.39 0.12
CA SER A 42 -4.72 -8.41 -0.83
C SER A 42 -4.57 -7.83 -2.23
N SER A 43 -4.86 -6.54 -2.36
CA SER A 43 -4.76 -5.86 -3.64
C SER A 43 -4.28 -4.43 -3.48
N ALA A 44 -3.70 -3.88 -4.54
CA ALA A 44 -3.19 -2.52 -4.51
C ALA A 44 -3.06 -1.94 -5.92
N ARG A 45 -3.90 -0.97 -6.24
CA ARG A 45 -3.89 -0.34 -7.56
C ARG A 45 -2.78 0.71 -7.64
N VAL A 46 -1.73 0.39 -8.38
CA VAL A 46 -0.60 1.31 -8.54
C VAL A 46 -0.06 1.25 -9.96
N PRO A 47 -0.67 2.03 -10.87
CA PRO A 47 -0.26 2.10 -12.28
C PRO A 47 1.08 2.79 -12.46
N SER A 48 1.60 2.75 -13.68
CA SER A 48 2.89 3.37 -13.98
C SER A 48 2.91 4.82 -13.50
N GLY A 49 4.01 5.20 -12.84
CA GLY A 49 4.14 6.55 -12.34
C GLY A 49 3.87 6.65 -10.85
N LEU A 50 4.24 5.59 -10.12
CA LEU A 50 4.03 5.56 -8.67
C LEU A 50 4.76 4.37 -8.05
N ARG A 51 5.48 4.64 -6.96
CA ARG A 51 6.22 3.60 -6.27
C ARG A 51 5.77 3.48 -4.81
N LEU A 52 5.51 2.24 -4.37
CA LEU A 52 5.06 2.00 -3.01
C LEU A 52 5.80 0.80 -2.41
N GLU A 53 5.88 0.78 -1.08
CA GLU A 53 6.56 -0.31 -0.38
C GLU A 53 5.66 -0.91 0.69
N VAL A 54 5.93 -2.16 1.05
CA VAL A 54 5.14 -2.86 2.07
C VAL A 54 6.01 -3.21 3.28
N PHE A 55 5.50 -2.92 4.47
CA PHE A 55 6.21 -3.21 5.71
C PHE A 55 5.34 -4.00 6.66
N GLN A 56 5.60 -5.31 6.74
CA GLN A 56 4.84 -6.18 7.63
C GLN A 56 4.77 -5.61 9.04
N HIS A 57 5.87 -5.01 9.48
CA HIS A 57 5.94 -4.43 10.82
C HIS A 57 6.04 -2.91 10.73
N ASN A 58 5.89 -2.26 11.88
CA ASN A 58 5.95 -0.80 11.94
C ASN A 58 7.29 -0.33 12.52
N ASN A 59 8.32 -1.16 12.35
CA ASN A 59 9.65 -0.84 12.85
C ASN A 59 10.72 -1.20 11.82
N PHE A 60 10.28 -1.45 10.59
CA PHE A 60 11.20 -1.82 9.51
C PHE A 60 12.11 -2.97 9.94
N LYS A 61 11.59 -3.84 10.79
CA LYS A 61 12.35 -4.98 11.28
C LYS A 61 12.22 -6.16 10.32
N GLY A 62 10.98 -6.54 10.01
CA GLY A 62 10.76 -7.65 9.09
C GLY A 62 11.31 -7.39 7.71
N VAL A 63 10.83 -8.16 6.73
CA VAL A 63 11.28 -8.01 5.35
C VAL A 63 10.46 -6.94 4.62
N ARG A 64 11.14 -5.93 4.11
CA ARG A 64 10.48 -4.85 3.39
C ARG A 64 10.32 -5.20 1.91
N ASP A 65 9.12 -4.99 1.39
CA ASP A 65 8.83 -5.30 -0.02
C ASP A 65 8.75 -4.00 -0.83
N PHE A 66 8.52 -4.16 -2.14
CA PHE A 66 8.42 -3.01 -3.03
C PHE A 66 7.50 -3.32 -4.20
N TYR A 67 6.48 -2.49 -4.39
CA TYR A 67 5.52 -2.68 -5.47
C TYR A 67 5.40 -1.42 -6.32
N THR A 68 5.43 -1.59 -7.63
CA THR A 68 5.32 -0.46 -8.55
C THR A 68 4.42 -0.79 -9.73
N SER A 69 3.44 -1.66 -9.49
CA SER A 69 2.50 -2.07 -10.53
C SER A 69 1.27 -2.73 -9.92
N ASP A 70 0.21 -2.85 -10.72
CA ASP A 70 -1.03 -3.47 -10.26
C ASP A 70 -0.75 -4.82 -9.61
N ALA A 71 -0.80 -4.86 -8.30
CA ALA A 71 -0.56 -6.09 -7.55
C ALA A 71 -1.84 -6.62 -6.93
N ALA A 72 -2.16 -7.88 -7.22
CA ALA A 72 -3.36 -8.51 -6.69
C ALA A 72 -3.03 -9.43 -5.53
N GLU A 73 -2.03 -9.06 -4.74
CA GLU A 73 -1.61 -9.87 -3.60
C GLU A 73 -0.50 -9.17 -2.82
N LEU A 74 -0.83 -8.69 -1.63
CA LEU A 74 0.13 -8.00 -0.78
C LEU A 74 1.40 -8.83 -0.62
N SER A 75 2.50 -8.17 -0.27
CA SER A 75 3.77 -8.84 -0.08
C SER A 75 3.62 -10.04 0.86
N ARG A 76 3.35 -9.75 2.12
CA ARG A 76 3.17 -10.81 3.12
C ARG A 76 1.70 -11.12 3.33
N ASP A 77 1.33 -12.38 3.20
CA ASP A 77 -0.05 -12.81 3.38
C ASP A 77 -0.58 -12.34 4.73
N ASN A 78 -1.54 -11.42 4.70
CA ASN A 78 -2.14 -10.89 5.92
C ASN A 78 -1.06 -10.44 6.89
N ASP A 79 -0.28 -9.44 6.50
CA ASP A 79 0.78 -8.92 7.34
C ASP A 79 1.37 -7.64 6.75
N ALA A 80 0.71 -6.52 6.97
CA ALA A 80 1.16 -5.24 6.46
C ALA A 80 0.89 -4.11 7.46
N SER A 81 1.78 -3.99 8.45
CA SER A 81 1.64 -2.96 9.47
C SER A 81 1.80 -1.57 8.87
N SER A 82 3.02 -1.27 8.42
CA SER A 82 3.31 0.03 7.83
C SER A 82 3.47 -0.09 6.32
N VAL A 83 3.29 1.03 5.61
CA VAL A 83 3.42 1.06 4.17
C VAL A 83 4.01 2.38 3.69
N ARG A 84 4.47 2.39 2.44
CA ARG A 84 5.06 3.59 1.86
C ARG A 84 4.52 3.85 0.47
N VAL A 85 4.22 5.12 0.17
CA VAL A 85 3.69 5.50 -1.13
C VAL A 85 4.35 6.76 -1.65
N SER A 86 4.68 6.76 -2.95
CA SER A 86 5.32 7.91 -3.57
C SER A 86 5.14 7.88 -5.09
N LYS A 87 5.52 8.98 -5.74
CA LYS A 87 5.40 9.09 -7.18
C LYS A 87 6.76 8.92 -7.86
N MET A 88 6.89 7.88 -8.67
CA MET A 88 8.13 7.61 -9.37
C MET A 88 8.26 8.50 -10.61
N GLU A 89 7.40 8.26 -11.60
CA GLU A 89 7.42 9.05 -12.82
C GLU A 89 6.51 10.26 -12.71
N THR A 90 6.63 10.99 -11.60
CA THR A 90 5.81 12.17 -11.37
C THR A 90 5.99 13.19 -12.50
N THR A 91 7.13 13.13 -13.17
CA THR A 91 7.43 14.05 -14.26
C THR A 91 6.97 13.47 -15.61
N ASN A 92 7.31 14.16 -16.68
CA ASN A 92 6.94 13.72 -18.02
C ASN A 92 7.72 14.49 -19.08
N GLY A 2 -4.58 13.98 -14.97
CA GLY A 2 -4.29 13.94 -13.56
C GLY A 2 -3.97 12.54 -13.05
N GLU A 3 -4.83 12.03 -12.16
CA GLU A 3 -4.63 10.70 -11.60
C GLU A 3 -3.23 10.55 -10.99
N LYS A 4 -3.11 10.93 -9.73
CA LYS A 4 -1.83 10.84 -9.02
C LYS A 4 -2.02 10.28 -7.62
N THR A 5 -2.67 9.12 -7.53
CA THR A 5 -2.91 8.47 -6.26
C THR A 5 -2.89 6.96 -6.39
N VAL A 6 -2.98 6.26 -5.26
CA VAL A 6 -2.97 4.80 -5.26
C VAL A 6 -4.29 4.25 -4.73
N LYS A 7 -4.72 3.12 -5.28
CA LYS A 7 -5.97 2.48 -4.87
C LYS A 7 -5.69 1.11 -4.25
N LEU A 8 -6.08 0.96 -2.99
CA LEU A 8 -5.88 -0.30 -2.28
C LEU A 8 -7.21 -0.93 -1.89
N TYR A 9 -7.31 -2.24 -2.02
CA TYR A 9 -8.54 -2.96 -1.68
C TYR A 9 -8.23 -4.19 -0.84
N GLU A 10 -9.12 -4.49 0.10
CA GLU A 10 -8.95 -5.64 0.98
C GLU A 10 -9.25 -6.95 0.24
N ASP A 11 -10.21 -6.88 -0.67
CA ASP A 11 -10.60 -8.06 -1.46
C ASP A 11 -9.74 -8.18 -2.71
N THR A 12 -9.48 -9.41 -3.13
CA THR A 12 -8.68 -9.68 -4.32
C THR A 12 -9.27 -8.99 -5.53
N HIS A 13 -8.50 -8.95 -6.62
CA HIS A 13 -8.95 -8.33 -7.86
C HIS A 13 -9.13 -6.83 -7.69
N PHE A 14 -10.27 -6.43 -7.13
CA PHE A 14 -10.57 -5.02 -6.91
C PHE A 14 -11.88 -4.85 -6.14
N LYS A 15 -12.19 -5.84 -5.31
CA LYS A 15 -13.42 -5.81 -4.50
C LYS A 15 -13.12 -5.35 -3.08
N GLY A 16 -14.18 -5.12 -2.30
CA GLY A 16 -14.02 -4.69 -0.93
C GLY A 16 -13.84 -3.19 -0.80
N TYR A 17 -13.57 -2.72 0.41
CA TYR A 17 -13.38 -1.30 0.65
C TYR A 17 -12.16 -0.77 -0.10
N SER A 18 -12.17 0.52 -0.39
CA SER A 18 -11.07 1.16 -1.11
C SER A 18 -10.39 2.22 -0.24
N VAL A 19 -9.06 2.30 -0.36
CA VAL A 19 -8.29 3.26 0.41
C VAL A 19 -7.22 3.93 -0.45
N GLU A 20 -7.08 5.24 -0.30
CA GLU A 20 -6.09 5.99 -1.06
C GLU A 20 -5.03 6.59 -0.14
N LEU A 21 -3.79 6.62 -0.61
CA LEU A 21 -2.68 7.17 0.17
C LEU A 21 -1.66 7.83 -0.74
N PRO A 22 -1.68 9.17 -0.80
CA PRO A 22 -0.76 9.95 -1.63
C PRO A 22 0.66 9.91 -1.08
N VAL A 23 1.58 10.53 -1.81
CA VAL A 23 2.99 10.57 -1.41
C VAL A 23 3.12 10.73 0.11
N GLY A 24 3.73 9.74 0.74
CA GLY A 24 3.90 9.80 2.19
C GLY A 24 4.01 8.42 2.81
N ASP A 25 4.27 8.38 4.11
CA ASP A 25 4.39 7.12 4.83
C ASP A 25 3.30 6.97 5.89
N TYR A 26 2.81 5.76 6.06
CA TYR A 26 1.75 5.49 7.03
C TYR A 26 2.12 4.31 7.93
N ASN A 27 1.90 4.47 9.23
CA ASN A 27 2.21 3.42 10.19
C ASN A 27 0.96 2.60 10.51
N LEU A 28 1.07 1.75 11.54
CA LEU A 28 -0.04 0.91 11.95
C LEU A 28 -1.25 1.75 12.33
N SER A 29 -1.02 2.82 13.08
CA SER A 29 -2.09 3.71 13.51
C SER A 29 -2.63 4.51 12.33
N SER A 30 -1.75 4.88 11.41
CA SER A 30 -2.14 5.65 10.24
C SER A 30 -3.07 4.83 9.33
N LEU A 31 -2.90 3.51 9.37
CA LEU A 31 -3.72 2.62 8.55
C LEU A 31 -5.20 2.73 8.93
N ILE A 32 -5.48 2.68 10.23
CA ILE A 32 -6.85 2.78 10.72
C ILE A 32 -7.32 4.24 10.72
N SER A 33 -6.37 5.17 10.85
CA SER A 33 -6.69 6.58 10.87
C SER A 33 -7.25 7.03 9.52
N ARG A 34 -6.90 6.30 8.47
CA ARG A 34 -7.36 6.63 7.13
C ARG A 34 -8.50 5.70 6.71
N GLY A 35 -9.08 5.00 7.67
CA GLY A 35 -10.18 4.09 7.39
C GLY A 35 -9.72 2.84 6.66
N ALA A 36 -8.56 2.33 7.05
CA ALA A 36 -8.01 1.13 6.43
C ALA A 36 -7.54 0.14 7.48
N LEU A 37 -7.07 -1.02 7.02
CA LEU A 37 -6.59 -2.07 7.92
C LEU A 37 -5.13 -2.41 7.63
N ASN A 38 -4.58 -3.36 8.39
CA ASN A 38 -3.20 -3.78 8.21
C ASN A 38 -3.13 -5.21 7.68
N ASP A 39 -3.54 -6.16 8.51
CA ASP A 39 -3.53 -7.56 8.13
C ASP A 39 -4.85 -7.97 7.48
N ASP A 40 -4.96 -7.71 6.17
CA ASP A 40 -6.17 -8.05 5.43
C ASP A 40 -6.04 -7.64 3.97
N LEU A 41 -5.32 -6.55 3.73
CA LEU A 41 -5.10 -6.05 2.37
C LEU A 41 -4.64 -7.16 1.44
N SER A 42 -5.40 -7.40 0.37
CA SER A 42 -5.07 -8.43 -0.59
C SER A 42 -5.08 -7.88 -2.01
N SER A 43 -5.36 -6.58 -2.13
CA SER A 43 -5.40 -5.94 -3.44
C SER A 43 -4.78 -4.54 -3.37
N ALA A 44 -3.93 -4.23 -4.34
CA ALA A 44 -3.27 -2.93 -4.39
C ALA A 44 -2.89 -2.55 -5.82
N ARG A 45 -3.56 -1.54 -6.36
CA ARG A 45 -3.30 -1.10 -7.73
C ARG A 45 -2.81 0.34 -7.73
N VAL A 46 -1.78 0.61 -8.52
CA VAL A 46 -1.22 1.95 -8.62
C VAL A 46 -1.02 2.35 -10.08
N PRO A 47 -1.09 3.67 -10.34
CA PRO A 47 -0.91 4.21 -11.70
C PRO A 47 0.52 4.09 -12.18
N SER A 48 0.75 4.49 -13.43
CA SER A 48 2.09 4.43 -14.03
C SER A 48 2.95 5.59 -13.55
N GLY A 49 3.99 5.27 -12.79
CA GLY A 49 4.88 6.30 -12.29
C GLY A 49 4.79 6.45 -10.77
N LEU A 50 4.25 5.43 -10.11
CA LEU A 50 4.09 5.46 -8.66
C LEU A 50 4.78 4.25 -8.03
N ARG A 51 5.55 4.50 -6.98
CA ARG A 51 6.25 3.43 -6.27
C ARG A 51 5.78 3.32 -4.83
N LEU A 52 5.77 2.10 -4.31
CA LEU A 52 5.34 1.86 -2.93
C LEU A 52 6.14 0.73 -2.30
N GLU A 53 6.22 0.74 -0.97
CA GLU A 53 6.95 -0.29 -0.24
C GLU A 53 6.17 -0.74 0.99
N VAL A 54 5.93 -2.05 1.10
CA VAL A 54 5.21 -2.61 2.22
C VAL A 54 6.14 -2.97 3.36
N PHE A 55 5.73 -2.70 4.58
CA PHE A 55 6.53 -2.99 5.76
C PHE A 55 5.73 -3.76 6.81
N GLN A 56 6.02 -5.04 6.96
CA GLN A 56 5.32 -5.88 7.93
C GLN A 56 5.29 -5.22 9.30
N HIS A 57 6.45 -4.71 9.73
CA HIS A 57 6.55 -4.06 11.03
C HIS A 57 6.56 -2.54 10.88
N ASN A 58 6.07 -1.84 11.89
CA ASN A 58 6.02 -0.39 11.87
C ASN A 58 7.41 0.21 12.06
N ASN A 59 8.32 -0.59 12.64
CA ASN A 59 9.68 -0.13 12.88
C ASN A 59 10.63 -0.65 11.80
N PHE A 60 10.06 -0.99 10.64
CA PHE A 60 10.86 -1.50 9.53
C PHE A 60 11.74 -2.66 9.98
N LYS A 61 11.25 -3.45 10.92
CA LYS A 61 11.99 -4.59 11.43
C LYS A 61 11.99 -5.74 10.43
N GLY A 62 10.82 -6.33 10.21
CA GLY A 62 10.70 -7.42 9.26
C GLY A 62 11.15 -7.04 7.87
N VAL A 63 10.95 -7.96 6.92
CA VAL A 63 11.34 -7.70 5.53
C VAL A 63 10.44 -6.65 4.89
N ARG A 64 11.02 -5.89 3.96
CA ARG A 64 10.28 -4.84 3.27
C ARG A 64 10.14 -5.16 1.78
N ASP A 65 8.95 -4.95 1.24
CA ASP A 65 8.69 -5.21 -0.17
C ASP A 65 8.61 -3.91 -0.96
N PHE A 66 8.42 -4.02 -2.27
CA PHE A 66 8.33 -2.86 -3.14
C PHE A 66 7.55 -3.19 -4.41
N TYR A 67 6.46 -2.46 -4.63
CA TYR A 67 5.63 -2.68 -5.81
C TYR A 67 5.54 -1.40 -6.65
N THR A 68 4.87 -1.51 -7.79
CA THR A 68 4.72 -0.38 -8.70
C THR A 68 3.84 -0.73 -9.89
N SER A 69 2.74 -1.44 -9.63
CA SER A 69 1.83 -1.85 -10.69
C SER A 69 0.57 -2.47 -10.10
N ASP A 70 -0.37 -2.82 -10.96
CA ASP A 70 -1.63 -3.42 -10.53
C ASP A 70 -1.40 -4.79 -9.91
N ALA A 71 -1.18 -4.82 -8.60
CA ALA A 71 -0.94 -6.07 -7.89
C ALA A 71 -2.23 -6.62 -7.29
N ALA A 72 -2.55 -7.87 -7.60
CA ALA A 72 -3.75 -8.50 -7.10
C ALA A 72 -3.45 -9.32 -5.84
N GLU A 73 -2.37 -8.96 -5.16
CA GLU A 73 -1.98 -9.67 -3.94
C GLU A 73 -0.84 -8.93 -3.23
N LEU A 74 -1.07 -8.56 -1.97
CA LEU A 74 -0.07 -7.86 -1.19
C LEU A 74 1.27 -8.58 -1.23
N SER A 75 2.32 -7.90 -0.77
CA SER A 75 3.65 -8.48 -0.75
C SER A 75 3.64 -9.86 -0.10
N ARG A 76 3.47 -9.89 1.22
CA ARG A 76 3.45 -11.13 1.96
C ARG A 76 2.07 -11.37 2.59
N ASP A 77 1.99 -12.35 3.48
CA ASP A 77 0.73 -12.66 4.15
C ASP A 77 0.13 -11.43 4.80
N ASN A 78 -1.18 -11.46 5.03
CA ASN A 78 -1.87 -10.34 5.65
C ASN A 78 -1.19 -9.94 6.96
N ASP A 79 -0.39 -8.88 6.90
CA ASP A 79 0.31 -8.39 8.09
C ASP A 79 1.20 -7.20 7.73
N ALA A 80 0.58 -6.06 7.44
CA ALA A 80 1.32 -4.86 7.09
C ALA A 80 1.11 -3.76 8.13
N SER A 81 2.11 -3.54 8.97
CA SER A 81 2.03 -2.53 10.00
C SER A 81 2.22 -1.13 9.42
N SER A 82 3.28 -0.96 8.65
CA SER A 82 3.57 0.32 8.02
C SER A 82 3.84 0.16 6.53
N VAL A 83 3.68 1.24 5.78
CA VAL A 83 3.90 1.22 4.34
C VAL A 83 4.34 2.58 3.83
N ARG A 84 4.91 2.61 2.63
CA ARG A 84 5.38 3.85 2.03
C ARG A 84 4.89 3.97 0.58
N VAL A 85 4.44 5.17 0.22
CA VAL A 85 3.95 5.42 -1.12
C VAL A 85 4.48 6.74 -1.67
N SER A 86 4.89 6.74 -2.93
CA SER A 86 5.43 7.93 -3.56
C SER A 86 5.42 7.78 -5.09
N LYS A 87 5.92 8.80 -5.77
CA LYS A 87 5.98 8.79 -7.23
C LYS A 87 7.34 8.28 -7.72
N MET A 88 7.32 7.15 -8.44
CA MET A 88 8.53 6.56 -8.95
C MET A 88 9.13 7.42 -10.08
N GLU A 89 8.27 8.21 -10.72
CA GLU A 89 8.70 9.08 -11.80
C GLU A 89 9.01 10.49 -11.29
N THR A 90 9.21 10.60 -9.98
CA THR A 90 9.51 11.88 -9.36
C THR A 90 10.64 11.76 -8.35
N THR A 91 10.58 10.72 -7.52
CA THR A 91 11.59 10.48 -6.51
C THR A 91 11.84 8.99 -6.30
N ASN A 92 13.09 8.62 -6.14
CA ASN A 92 13.47 7.21 -5.94
C ASN A 92 13.50 6.87 -4.45
N GLY A 2 -8.02 8.38 -9.10
CA GLY A 2 -7.07 7.30 -8.97
C GLY A 2 -5.75 7.58 -9.68
N GLU A 3 -5.09 8.64 -9.26
CA GLU A 3 -3.81 9.03 -9.87
C GLU A 3 -2.88 9.65 -8.82
N LYS A 4 -1.59 9.48 -9.03
CA LYS A 4 -0.59 10.02 -8.11
C LYS A 4 -0.78 9.46 -6.70
N THR A 5 -1.47 8.33 -6.61
CA THR A 5 -1.73 7.69 -5.33
C THR A 5 -2.16 6.24 -5.50
N VAL A 6 -1.82 5.40 -4.52
CA VAL A 6 -2.18 3.99 -4.57
C VAL A 6 -3.51 3.74 -3.87
N LYS A 7 -4.39 3.02 -4.55
CA LYS A 7 -5.71 2.70 -4.00
C LYS A 7 -5.67 1.36 -3.26
N LEU A 8 -5.83 1.42 -1.94
CA LEU A 8 -5.82 0.21 -1.12
C LEU A 8 -7.19 -0.46 -1.12
N TYR A 9 -7.21 -1.74 -1.46
CA TYR A 9 -8.46 -2.50 -1.50
C TYR A 9 -8.41 -3.69 -0.55
N GLU A 10 -9.49 -3.91 0.18
CA GLU A 10 -9.56 -5.02 1.12
C GLU A 10 -9.98 -6.31 0.42
N ASP A 11 -10.17 -6.23 -0.89
CA ASP A 11 -10.58 -7.38 -1.68
C ASP A 11 -9.59 -7.63 -2.82
N THR A 12 -9.20 -8.89 -2.99
CA THR A 12 -8.26 -9.26 -4.03
C THR A 12 -8.93 -9.31 -5.39
N HIS A 13 -9.50 -8.18 -5.82
CA HIS A 13 -10.18 -8.10 -7.10
C HIS A 13 -10.64 -6.67 -7.38
N PHE A 14 -9.89 -5.70 -6.86
CA PHE A 14 -10.22 -4.29 -7.06
C PHE A 14 -11.70 -4.03 -6.74
N LYS A 15 -12.23 -4.78 -5.77
CA LYS A 15 -13.62 -4.63 -5.37
C LYS A 15 -13.73 -4.28 -3.89
N GLY A 16 -14.85 -3.67 -3.52
CA GLY A 16 -15.06 -3.29 -2.13
C GLY A 16 -14.68 -1.85 -1.86
N TYR A 17 -14.20 -1.58 -0.65
CA TYR A 17 -13.80 -0.24 -0.26
C TYR A 17 -12.40 0.09 -0.79
N SER A 18 -12.17 1.36 -1.07
CA SER A 18 -10.88 1.81 -1.57
C SER A 18 -10.31 2.94 -0.72
N VAL A 19 -9.00 2.93 -0.51
CA VAL A 19 -8.34 3.95 0.29
C VAL A 19 -7.07 4.45 -0.40
N GLU A 20 -7.12 5.67 -0.92
CA GLU A 20 -5.97 6.26 -1.59
C GLU A 20 -5.43 7.44 -0.81
N LEU A 21 -4.11 7.61 -0.83
CA LEU A 21 -3.46 8.70 -0.13
C LEU A 21 -2.22 9.18 -0.88
N PRO A 22 -1.84 10.45 -0.65
CA PRO A 22 -0.68 11.05 -1.30
C PRO A 22 0.64 10.47 -0.77
N VAL A 23 1.73 10.79 -1.46
CA VAL A 23 3.04 10.30 -1.06
C VAL A 23 3.27 10.46 0.44
N GLY A 24 3.57 9.36 1.11
CA GLY A 24 3.80 9.39 2.54
C GLY A 24 4.00 8.02 3.14
N ASP A 25 3.84 7.91 4.45
CA ASP A 25 4.01 6.64 5.15
C ASP A 25 2.91 6.44 6.18
N TYR A 26 2.29 5.27 6.17
CA TYR A 26 1.22 4.95 7.11
C TYR A 26 1.47 3.61 7.80
N ASN A 27 1.51 3.62 9.12
CA ASN A 27 1.73 2.41 9.89
C ASN A 27 0.41 1.72 10.23
N LEU A 28 0.48 0.74 11.12
CA LEU A 28 -0.71 0.00 11.53
C LEU A 28 -1.80 0.94 12.01
N SER A 29 -1.45 1.82 12.95
CA SER A 29 -2.40 2.78 13.51
C SER A 29 -2.85 3.76 12.44
N SER A 30 -1.97 4.03 11.47
CA SER A 30 -2.28 4.96 10.40
C SER A 30 -3.24 4.34 9.40
N LEU A 31 -3.17 3.02 9.27
CA LEU A 31 -4.04 2.29 8.34
C LEU A 31 -5.51 2.48 8.72
N ILE A 32 -5.83 2.19 9.98
CA ILE A 32 -7.20 2.32 10.46
C ILE A 32 -7.69 3.76 10.34
N SER A 33 -6.75 4.71 10.38
CA SER A 33 -7.09 6.12 10.27
C SER A 33 -7.93 6.38 9.02
N ARG A 34 -7.74 5.56 8.00
CA ARG A 34 -8.48 5.71 6.75
C ARG A 34 -9.31 4.46 6.47
N GLY A 35 -9.64 3.72 7.52
CA GLY A 35 -10.44 2.51 7.35
C GLY A 35 -9.66 1.39 6.68
N ALA A 36 -8.39 1.24 7.08
CA ALA A 36 -7.54 0.20 6.50
C ALA A 36 -6.95 -0.68 7.61
N LEU A 37 -6.20 -1.69 7.20
CA LEU A 37 -5.58 -2.62 8.15
C LEU A 37 -4.17 -2.99 7.71
N ASN A 38 -3.53 -3.88 8.46
CA ASN A 38 -2.18 -4.32 8.15
C ASN A 38 -2.17 -5.78 7.69
N ASP A 39 -2.32 -6.68 8.65
CA ASP A 39 -2.34 -8.11 8.35
C ASP A 39 -3.75 -8.58 8.02
N ASP A 40 -4.22 -8.24 6.83
CA ASP A 40 -5.56 -8.62 6.39
C ASP A 40 -5.87 -8.05 5.01
N LEU A 41 -5.29 -6.90 4.72
CA LEU A 41 -5.50 -6.24 3.43
C LEU A 41 -5.34 -7.22 2.28
N SER A 42 -6.11 -7.03 1.22
CA SER A 42 -6.05 -7.90 0.05
C SER A 42 -4.98 -7.44 -0.92
N SER A 43 -5.03 -6.16 -1.29
CA SER A 43 -4.07 -5.59 -2.22
C SER A 43 -4.37 -4.13 -2.49
N ALA A 44 -3.80 -3.59 -3.56
CA ALA A 44 -4.01 -2.20 -3.93
C ALA A 44 -3.69 -1.96 -5.40
N ARG A 45 -4.36 -0.99 -6.00
CA ARG A 45 -4.16 -0.67 -7.41
C ARG A 45 -3.37 0.63 -7.55
N VAL A 46 -2.16 0.52 -8.09
CA VAL A 46 -1.29 1.69 -8.28
C VAL A 46 -1.04 1.94 -9.76
N PRO A 47 -1.32 3.19 -10.21
CA PRO A 47 -1.12 3.59 -11.60
C PRO A 47 0.35 3.67 -11.99
N SER A 48 0.61 4.01 -13.24
CA SER A 48 1.98 4.11 -13.74
C SER A 48 2.61 5.44 -13.30
N GLY A 49 3.71 5.33 -12.56
CA GLY A 49 4.40 6.53 -12.09
C GLY A 49 4.32 6.68 -10.58
N LEU A 50 4.29 5.56 -9.87
CA LEU A 50 4.21 5.58 -8.42
C LEU A 50 4.71 4.27 -7.83
N ARG A 51 5.56 4.38 -6.80
CA ARG A 51 6.11 3.20 -6.15
C ARG A 51 5.74 3.17 -4.67
N LEU A 52 5.62 1.96 -4.12
CA LEU A 52 5.26 1.79 -2.72
C LEU A 52 6.10 0.70 -2.06
N GLU A 53 6.45 0.90 -0.79
CA GLU A 53 7.25 -0.07 -0.06
C GLU A 53 6.44 -0.71 1.06
N VAL A 54 6.32 -2.04 1.01
CA VAL A 54 5.57 -2.77 2.02
C VAL A 54 6.46 -3.16 3.20
N PHE A 55 5.96 -2.96 4.42
CA PHE A 55 6.71 -3.29 5.62
C PHE A 55 5.89 -4.18 6.54
N GLN A 56 6.25 -5.45 6.60
CA GLN A 56 5.56 -6.41 7.45
C GLN A 56 5.43 -5.89 8.88
N HIS A 57 6.50 -5.28 9.38
CA HIS A 57 6.50 -4.73 10.72
C HIS A 57 6.48 -3.21 10.70
N ASN A 58 5.89 -2.61 11.73
CA ASN A 58 5.79 -1.15 11.81
C ASN A 58 7.04 -0.57 12.48
N ASN A 59 8.02 -1.43 12.73
CA ASN A 59 9.26 -0.99 13.36
C ASN A 59 10.40 -0.95 12.35
N PHE A 60 10.08 -1.23 11.09
CA PHE A 60 11.08 -1.23 10.03
C PHE A 60 12.27 -2.10 10.40
N LYS A 61 12.00 -3.36 10.73
CA LYS A 61 13.05 -4.30 11.11
C LYS A 61 13.13 -5.46 10.12
N GLY A 62 11.99 -6.11 9.89
CA GLY A 62 11.95 -7.23 8.97
C GLY A 62 12.26 -6.82 7.55
N VAL A 63 11.84 -7.64 6.59
CA VAL A 63 12.09 -7.35 5.18
C VAL A 63 11.00 -6.45 4.61
N ARG A 64 11.38 -5.63 3.64
CA ARG A 64 10.44 -4.71 3.00
C ARG A 64 10.25 -5.05 1.52
N ASP A 65 9.06 -4.82 1.02
CA ASP A 65 8.74 -5.10 -0.38
C ASP A 65 8.68 -3.82 -1.20
N PHE A 66 8.44 -3.96 -2.50
CA PHE A 66 8.36 -2.81 -3.39
C PHE A 66 7.39 -3.08 -4.54
N TYR A 67 6.46 -2.16 -4.75
CA TYR A 67 5.47 -2.29 -5.81
C TYR A 67 5.38 -1.02 -6.63
N THR A 68 5.00 -1.16 -7.90
CA THR A 68 4.87 -0.02 -8.80
C THR A 68 3.85 -0.30 -9.90
N SER A 69 2.96 -1.25 -9.64
CA SER A 69 1.94 -1.62 -10.61
C SER A 69 0.70 -2.18 -9.90
N ASP A 70 -0.42 -2.21 -10.62
CA ASP A 70 -1.66 -2.73 -10.06
C ASP A 70 -1.44 -4.08 -9.38
N ALA A 71 -1.43 -4.06 -8.05
CA ALA A 71 -1.22 -5.27 -7.27
C ALA A 71 -2.54 -5.85 -6.79
N ALA A 72 -2.84 -7.08 -7.21
CA ALA A 72 -4.07 -7.75 -6.81
C ALA A 72 -3.86 -8.64 -5.60
N GLU A 73 -2.60 -8.98 -5.34
CA GLU A 73 -2.26 -9.83 -4.21
C GLU A 73 -1.31 -9.11 -3.26
N LEU A 74 -1.64 -9.12 -1.97
CA LEU A 74 -0.83 -8.47 -0.95
C LEU A 74 0.60 -9.04 -0.97
N SER A 75 1.57 -8.16 -0.73
CA SER A 75 2.97 -8.57 -0.71
C SER A 75 3.18 -9.78 0.18
N ARG A 76 2.91 -9.60 1.48
CA ARG A 76 3.06 -10.69 2.44
C ARG A 76 1.71 -11.10 3.02
N ASP A 77 1.48 -12.41 3.09
CA ASP A 77 0.22 -12.93 3.62
C ASP A 77 -0.06 -12.35 5.01
N ASN A 78 -1.12 -11.55 5.08
CA ASN A 78 -1.51 -10.92 6.35
C ASN A 78 -0.29 -10.44 7.12
N ASP A 79 0.51 -9.58 6.49
CA ASP A 79 1.71 -9.05 7.12
C ASP A 79 2.11 -7.72 6.50
N ALA A 80 1.37 -6.67 6.86
CA ALA A 80 1.65 -5.33 6.34
C ALA A 80 1.43 -4.27 7.42
N SER A 81 2.21 -4.36 8.48
CA SER A 81 2.11 -3.40 9.58
C SER A 81 2.15 -1.97 9.07
N SER A 82 3.23 -1.63 8.38
CA SER A 82 3.39 -0.29 7.83
C SER A 82 3.69 -0.34 6.33
N VAL A 83 3.33 0.72 5.63
CA VAL A 83 3.55 0.80 4.18
C VAL A 83 3.95 2.20 3.76
N ARG A 84 4.67 2.30 2.65
CA ARG A 84 5.11 3.59 2.13
C ARG A 84 4.64 3.81 0.70
N VAL A 85 4.28 5.05 0.38
CA VAL A 85 3.81 5.38 -0.96
C VAL A 85 4.44 6.68 -1.46
N SER A 86 4.84 6.69 -2.72
CA SER A 86 5.46 7.86 -3.33
C SER A 86 5.38 7.81 -4.85
N LYS A 87 5.26 8.97 -5.47
CA LYS A 87 5.18 9.06 -6.92
C LYS A 87 6.56 9.05 -7.56
N MET A 88 6.73 8.24 -8.59
CA MET A 88 8.01 8.14 -9.29
C MET A 88 7.84 8.46 -10.77
N GLU A 89 6.97 9.41 -11.08
CA GLU A 89 6.72 9.81 -12.46
C GLU A 89 7.56 11.03 -12.83
N THR A 90 8.66 11.22 -12.12
CA THR A 90 9.55 12.34 -12.37
C THR A 90 10.60 11.99 -13.42
N THR A 91 10.42 12.53 -14.63
CA THR A 91 11.35 12.28 -15.72
C THR A 91 12.14 13.54 -16.08
N ASN A 92 13.22 13.36 -16.83
CA ASN A 92 14.07 14.47 -17.24
C ASN A 92 13.57 15.08 -18.55
N GLY A 2 -8.76 9.30 -9.65
CA GLY A 2 -7.59 10.05 -9.24
C GLY A 2 -6.30 9.50 -9.83
N GLU A 3 -5.23 10.27 -9.73
CA GLU A 3 -3.94 9.85 -10.26
C GLU A 3 -2.82 10.13 -9.27
N LYS A 4 -1.64 9.57 -9.53
CA LYS A 4 -0.49 9.76 -8.65
C LYS A 4 -0.81 9.33 -7.22
N THR A 5 -1.46 8.18 -7.09
CA THR A 5 -1.83 7.66 -5.78
C THR A 5 -2.17 6.17 -5.85
N VAL A 6 -1.90 5.46 -4.76
CA VAL A 6 -2.18 4.02 -4.71
C VAL A 6 -3.50 3.76 -3.99
N LYS A 7 -4.40 3.05 -4.66
CA LYS A 7 -5.70 2.72 -4.09
C LYS A 7 -5.64 1.40 -3.32
N LEU A 8 -5.78 1.47 -2.01
CA LEU A 8 -5.74 0.28 -1.17
C LEU A 8 -7.09 -0.43 -1.16
N TYR A 9 -7.08 -1.71 -1.48
CA TYR A 9 -8.29 -2.51 -1.52
C TYR A 9 -8.24 -3.64 -0.50
N GLU A 10 -9.33 -3.83 0.23
CA GLU A 10 -9.41 -4.88 1.24
C GLU A 10 -9.75 -6.23 0.60
N ASP A 11 -10.41 -6.17 -0.55
CA ASP A 11 -10.80 -7.39 -1.26
C ASP A 11 -9.97 -7.56 -2.53
N THR A 12 -9.92 -8.78 -3.04
CA THR A 12 -9.15 -9.08 -4.25
C THR A 12 -9.88 -8.60 -5.50
N HIS A 13 -9.14 -8.43 -6.58
CA HIS A 13 -9.72 -7.97 -7.84
C HIS A 13 -10.29 -6.56 -7.70
N PHE A 14 -9.88 -5.87 -6.63
CA PHE A 14 -10.35 -4.51 -6.38
C PHE A 14 -11.87 -4.47 -6.33
N LYS A 15 -12.46 -5.37 -5.55
CA LYS A 15 -13.91 -5.43 -5.42
C LYS A 15 -14.35 -5.06 -4.00
N GLY A 16 -14.76 -3.80 -3.82
CA GLY A 16 -15.19 -3.34 -2.51
C GLY A 16 -14.81 -1.90 -2.25
N TYR A 17 -14.22 -1.64 -1.09
CA TYR A 17 -13.81 -0.30 -0.72
C TYR A 17 -12.41 0.01 -1.25
N SER A 18 -12.09 1.30 -1.34
CA SER A 18 -10.78 1.73 -1.83
C SER A 18 -10.28 2.93 -1.04
N VAL A 19 -8.97 2.96 -0.79
CA VAL A 19 -8.36 4.04 -0.05
C VAL A 19 -7.12 4.56 -0.76
N GLU A 20 -7.25 5.72 -1.41
CA GLU A 20 -6.14 6.33 -2.13
C GLU A 20 -5.54 7.48 -1.33
N LEU A 21 -4.22 7.59 -1.38
CA LEU A 21 -3.51 8.66 -0.66
C LEU A 21 -2.27 9.10 -1.42
N PRO A 22 -1.90 10.38 -1.26
CA PRO A 22 -0.72 10.95 -1.92
C PRO A 22 0.58 10.40 -1.36
N VAL A 23 1.69 10.78 -1.98
CA VAL A 23 3.01 10.33 -1.53
C VAL A 23 3.18 10.52 -0.03
N GLY A 24 3.85 9.57 0.60
CA GLY A 24 4.07 9.65 2.04
C GLY A 24 4.17 8.29 2.70
N ASP A 25 4.65 8.26 3.93
CA ASP A 25 4.79 7.01 4.67
C ASP A 25 3.84 6.97 5.86
N TYR A 26 3.16 5.84 6.04
CA TYR A 26 2.21 5.68 7.14
C TYR A 26 2.46 4.37 7.86
N ASN A 27 2.21 4.37 9.18
CA ASN A 27 2.40 3.19 10.00
C ASN A 27 1.07 2.50 10.30
N LEU A 28 1.09 1.54 11.21
CA LEU A 28 -0.12 0.81 11.59
C LEU A 28 -1.22 1.78 12.03
N SER A 29 -0.87 2.67 12.95
CA SER A 29 -1.82 3.65 13.46
C SER A 29 -2.36 4.53 12.34
N SER A 30 -1.45 4.99 11.48
CA SER A 30 -1.84 5.84 10.37
C SER A 30 -2.82 5.12 9.43
N LEU A 31 -2.70 3.80 9.39
CA LEU A 31 -3.57 2.99 8.53
C LEU A 31 -4.98 2.91 9.12
N ILE A 32 -5.06 2.87 10.44
CA ILE A 32 -6.35 2.80 11.13
C ILE A 32 -7.31 3.88 10.62
N SER A 33 -6.73 5.01 10.19
CA SER A 33 -7.53 6.12 9.69
C SER A 33 -8.46 5.66 8.57
N ARG A 34 -7.90 4.92 7.61
CA ARG A 34 -8.67 4.43 6.48
C ARG A 34 -9.49 3.20 6.88
N GLY A 35 -9.07 2.54 7.96
CA GLY A 35 -9.78 1.36 8.43
C GLY A 35 -9.08 0.08 8.04
N ALA A 36 -7.78 0.01 8.34
CA ALA A 36 -7.00 -1.18 8.02
C ALA A 36 -6.83 -2.08 9.24
N LEU A 37 -6.28 -3.27 9.03
CA LEU A 37 -6.07 -4.22 10.11
C LEU A 37 -4.59 -4.58 10.24
N ASN A 38 -3.80 -4.16 9.26
CA ASN A 38 -2.36 -4.45 9.26
C ASN A 38 -2.10 -5.94 9.15
N ASP A 39 -3.13 -6.68 8.76
CA ASP A 39 -3.01 -8.13 8.61
C ASP A 39 -4.34 -8.74 8.17
N ASP A 40 -4.75 -8.44 6.95
CA ASP A 40 -6.00 -8.96 6.41
C ASP A 40 -6.28 -8.38 5.03
N LEU A 41 -5.78 -7.17 4.79
CA LEU A 41 -5.99 -6.49 3.52
C LEU A 41 -5.74 -7.44 2.36
N SER A 42 -6.27 -7.10 1.18
CA SER A 42 -6.11 -7.92 -0.01
C SER A 42 -4.94 -7.44 -0.85
N SER A 43 -5.00 -6.18 -1.26
CA SER A 43 -3.94 -5.59 -2.08
C SER A 43 -4.24 -4.13 -2.41
N ALA A 44 -3.63 -3.63 -3.47
CA ALA A 44 -3.84 -2.25 -3.90
C ALA A 44 -3.45 -2.06 -5.35
N ARG A 45 -4.13 -1.14 -6.03
CA ARG A 45 -3.86 -0.85 -7.43
C ARG A 45 -3.20 0.52 -7.59
N VAL A 46 -2.07 0.54 -8.29
CA VAL A 46 -1.35 1.79 -8.52
C VAL A 46 -1.32 2.15 -10.00
N PRO A 47 -1.41 3.45 -10.30
CA PRO A 47 -1.39 3.96 -11.68
C PRO A 47 -0.03 3.80 -12.34
N SER A 48 0.09 4.28 -13.57
CA SER A 48 1.33 4.19 -14.31
C SER A 48 2.32 5.27 -13.86
N GLY A 49 3.42 4.84 -13.24
CA GLY A 49 4.42 5.78 -12.77
C GLY A 49 4.33 6.02 -11.28
N LEU A 50 4.02 4.97 -10.53
CA LEU A 50 3.91 5.07 -9.08
C LEU A 50 4.62 3.92 -8.39
N ARG A 51 5.39 4.23 -7.35
CA ARG A 51 6.12 3.21 -6.60
C ARG A 51 5.72 3.23 -5.12
N LEU A 52 5.74 2.06 -4.50
CA LEU A 52 5.37 1.93 -3.10
C LEU A 52 6.19 0.83 -2.42
N GLU A 53 6.35 0.94 -1.10
CA GLU A 53 7.10 -0.06 -0.35
C GLU A 53 6.27 -0.58 0.82
N VAL A 54 6.07 -1.89 0.86
CA VAL A 54 5.30 -2.53 1.92
C VAL A 54 6.20 -2.93 3.08
N PHE A 55 5.82 -2.53 4.29
CA PHE A 55 6.59 -2.86 5.49
C PHE A 55 5.76 -3.66 6.47
N GLN A 56 6.04 -4.96 6.56
CA GLN A 56 5.32 -5.84 7.46
C GLN A 56 5.26 -5.26 8.88
N HIS A 57 6.41 -4.75 9.34
CA HIS A 57 6.49 -4.17 10.67
C HIS A 57 6.58 -2.64 10.59
N ASN A 58 6.31 -1.98 11.71
CA ASN A 58 6.37 -0.52 11.76
C ASN A 58 7.72 -0.04 12.29
N ASN A 59 8.76 -0.82 12.03
CA ASN A 59 10.10 -0.48 12.47
C ASN A 59 11.13 -0.78 11.38
N PHE A 60 10.64 -1.07 10.18
CA PHE A 60 11.51 -1.37 9.05
C PHE A 60 12.52 -2.46 9.42
N LYS A 61 12.11 -3.36 10.30
CA LYS A 61 12.97 -4.45 10.75
C LYS A 61 12.70 -5.72 9.95
N GLY A 62 11.45 -5.89 9.54
CA GLY A 62 11.08 -7.06 8.76
C GLY A 62 11.39 -6.91 7.28
N VAL A 63 11.07 -7.94 6.51
CA VAL A 63 11.31 -7.91 5.07
C VAL A 63 10.54 -6.79 4.39
N ARG A 64 11.26 -5.89 3.73
CA ARG A 64 10.64 -4.77 3.04
C ARG A 64 10.39 -5.10 1.57
N ASP A 65 9.14 -4.95 1.13
CA ASP A 65 8.78 -5.23 -0.26
C ASP A 65 8.57 -3.94 -1.03
N PHE A 66 8.72 -4.02 -2.35
CA PHE A 66 8.55 -2.85 -3.21
C PHE A 66 7.67 -3.19 -4.41
N TYR A 67 6.64 -2.38 -4.63
CA TYR A 67 5.72 -2.59 -5.75
C TYR A 67 5.60 -1.33 -6.59
N THR A 68 5.46 -1.51 -7.90
CA THR A 68 5.33 -0.39 -8.82
C THR A 68 4.27 -0.67 -9.89
N SER A 69 3.35 -1.58 -9.57
CA SER A 69 2.29 -1.95 -10.51
C SER A 69 1.00 -2.27 -9.76
N ASP A 70 -0.01 -2.73 -10.50
CA ASP A 70 -1.29 -3.07 -9.91
C ASP A 70 -1.16 -4.28 -8.99
N ALA A 71 -0.98 -4.02 -7.70
CA ALA A 71 -0.84 -5.09 -6.72
C ALA A 71 -2.17 -5.81 -6.49
N ALA A 72 -2.23 -7.06 -6.94
CA ALA A 72 -3.44 -7.86 -6.79
C ALA A 72 -3.45 -8.59 -5.45
N GLU A 73 -2.26 -8.85 -4.92
CA GLU A 73 -2.14 -9.55 -3.64
C GLU A 73 -1.01 -8.96 -2.80
N LEU A 74 -1.31 -8.60 -1.57
CA LEU A 74 -0.33 -8.03 -0.67
C LEU A 74 0.93 -8.89 -0.60
N SER A 75 2.06 -8.26 -0.33
CA SER A 75 3.33 -8.98 -0.24
C SER A 75 3.29 -10.02 0.87
N ARG A 76 3.25 -9.55 2.11
CA ARG A 76 3.21 -10.46 3.26
C ARG A 76 1.76 -10.80 3.63
N ASP A 77 1.43 -12.09 3.53
CA ASP A 77 0.08 -12.54 3.85
C ASP A 77 -0.32 -12.08 5.25
N ASN A 78 -1.32 -11.21 5.31
CA ASN A 78 -1.80 -10.69 6.59
C ASN A 78 -0.65 -10.18 7.44
N ASP A 79 -0.08 -9.05 7.03
CA ASP A 79 1.04 -8.46 7.77
C ASP A 79 1.50 -7.17 7.09
N ALA A 80 0.77 -6.09 7.33
CA ALA A 80 1.11 -4.79 6.74
C ALA A 80 1.00 -3.68 7.78
N SER A 81 2.02 -3.58 8.63
CA SER A 81 2.04 -2.56 9.67
C SER A 81 2.19 -1.17 9.07
N SER A 82 3.32 -0.95 8.38
CA SER A 82 3.58 0.34 7.76
C SER A 82 3.78 0.18 6.25
N VAL A 83 3.40 1.21 5.51
CA VAL A 83 3.53 1.19 4.05
C VAL A 83 3.91 2.57 3.51
N ARG A 84 4.71 2.58 2.45
CA ARG A 84 5.16 3.82 1.85
C ARG A 84 4.59 3.97 0.44
N VAL A 85 4.26 5.20 0.06
CA VAL A 85 3.71 5.49 -1.26
C VAL A 85 4.38 6.71 -1.89
N SER A 86 4.67 6.61 -3.18
CA SER A 86 5.30 7.71 -3.90
C SER A 86 5.12 7.55 -5.41
N LYS A 87 5.33 8.63 -6.14
CA LYS A 87 5.18 8.62 -7.59
C LYS A 87 6.53 8.57 -8.29
N MET A 88 6.70 7.59 -9.17
CA MET A 88 7.95 7.43 -9.89
C MET A 88 8.03 8.41 -11.07
N GLU A 89 6.97 8.45 -11.87
CA GLU A 89 6.92 9.34 -13.02
C GLU A 89 7.25 10.78 -12.61
N THR A 90 6.93 11.13 -11.38
CA THR A 90 7.18 12.46 -10.86
C THR A 90 8.21 12.43 -9.74
N THR A 91 9.46 12.13 -10.10
CA THR A 91 10.54 12.06 -9.12
C THR A 91 11.44 13.28 -9.21
N ASN A 92 12.02 13.67 -8.09
CA ASN A 92 12.91 14.83 -8.06
C ASN A 92 14.09 14.59 -7.12
N GLY A 2 -5.37 13.14 -11.56
CA GLY A 2 -5.29 12.64 -10.21
C GLY A 2 -4.74 11.23 -10.13
N GLU A 3 -3.51 11.06 -10.61
CA GLU A 3 -2.87 9.75 -10.60
C GLU A 3 -1.59 9.78 -9.77
N LYS A 4 -1.68 10.37 -8.59
CA LYS A 4 -0.53 10.46 -7.69
C LYS A 4 -0.83 9.84 -6.34
N THR A 5 -1.76 8.88 -6.33
CA THR A 5 -2.14 8.20 -5.10
C THR A 5 -2.45 6.73 -5.36
N VAL A 6 -2.20 5.89 -4.35
CA VAL A 6 -2.45 4.46 -4.47
C VAL A 6 -3.70 4.05 -3.70
N LYS A 7 -4.63 3.40 -4.39
CA LYS A 7 -5.87 2.95 -3.77
C LYS A 7 -5.72 1.56 -3.16
N LEU A 8 -5.62 1.50 -1.84
CA LEU A 8 -5.47 0.23 -1.15
C LEU A 8 -6.79 -0.53 -1.10
N TYR A 9 -6.75 -1.78 -1.55
CA TYR A 9 -7.95 -2.62 -1.56
C TYR A 9 -7.87 -3.69 -0.48
N GLU A 10 -8.77 -3.59 0.50
CA GLU A 10 -8.80 -4.56 1.59
C GLU A 10 -9.17 -5.95 1.09
N ASP A 11 -9.69 -6.01 -0.14
CA ASP A 11 -10.08 -7.27 -0.74
C ASP A 11 -9.43 -7.44 -2.12
N THR A 12 -9.16 -8.69 -2.48
CA THR A 12 -8.54 -8.99 -3.76
C THR A 12 -9.56 -8.96 -4.89
N HIS A 13 -9.07 -8.99 -6.14
CA HIS A 13 -9.94 -8.96 -7.30
C HIS A 13 -10.72 -7.65 -7.36
N PHE A 14 -10.09 -6.57 -6.90
CA PHE A 14 -10.72 -5.25 -6.90
C PHE A 14 -12.10 -5.31 -6.25
N LYS A 15 -12.15 -5.83 -5.04
CA LYS A 15 -13.41 -5.94 -4.30
C LYS A 15 -13.39 -5.04 -3.07
N GLY A 16 -14.58 -4.60 -2.65
CA GLY A 16 -14.68 -3.74 -1.49
C GLY A 16 -14.44 -2.29 -1.82
N TYR A 17 -13.87 -1.55 -0.87
CA TYR A 17 -13.58 -0.14 -1.07
C TYR A 17 -12.11 0.08 -1.43
N SER A 18 -11.71 1.34 -1.50
CA SER A 18 -10.33 1.68 -1.84
C SER A 18 -9.84 2.86 -1.01
N VAL A 19 -8.57 2.80 -0.60
CA VAL A 19 -7.98 3.86 0.20
C VAL A 19 -6.87 4.58 -0.57
N GLU A 20 -7.18 5.79 -1.03
CA GLU A 20 -6.20 6.58 -1.78
C GLU A 20 -5.62 7.69 -0.91
N LEU A 21 -4.30 7.81 -0.92
CA LEU A 21 -3.61 8.83 -0.14
C LEU A 21 -2.36 9.31 -0.85
N PRO A 22 -1.98 10.58 -0.58
CA PRO A 22 -0.79 11.18 -1.19
C PRO A 22 0.51 10.58 -0.66
N VAL A 23 1.63 10.97 -1.27
CA VAL A 23 2.93 10.46 -0.86
C VAL A 23 3.12 10.56 0.65
N GLY A 24 3.78 9.57 1.23
CA GLY A 24 4.02 9.57 2.65
C GLY A 24 4.18 8.18 3.22
N ASP A 25 4.10 8.06 4.54
CA ASP A 25 4.23 6.77 5.20
C ASP A 25 3.19 6.61 6.30
N TYR A 26 2.54 5.45 6.33
CA TYR A 26 1.50 5.17 7.33
C TYR A 26 1.76 3.82 8.00
N ASN A 27 1.60 3.80 9.33
CA ASN A 27 1.82 2.57 10.09
C ASN A 27 0.48 1.90 10.41
N LEU A 28 0.53 0.91 11.29
CA LEU A 28 -0.68 0.19 11.69
C LEU A 28 -1.77 1.15 12.14
N SER A 29 -1.41 2.05 13.06
CA SER A 29 -2.36 3.03 13.58
C SER A 29 -2.89 3.92 12.46
N SER A 30 -1.98 4.37 11.60
CA SER A 30 -2.35 5.23 10.48
C SER A 30 -3.29 4.52 9.53
N LEU A 31 -3.18 3.20 9.46
CA LEU A 31 -4.03 2.40 8.59
C LEU A 31 -5.46 2.38 9.09
N ILE A 32 -5.62 2.45 10.41
CA ILE A 32 -6.95 2.44 11.02
C ILE A 32 -7.73 3.69 10.64
N SER A 33 -7.03 4.82 10.56
CA SER A 33 -7.66 6.09 10.21
C SER A 33 -8.43 5.97 8.90
N ARG A 34 -7.78 5.39 7.89
CA ARG A 34 -8.40 5.21 6.58
C ARG A 34 -9.43 4.09 6.61
N GLY A 35 -9.49 3.38 7.73
CA GLY A 35 -10.44 2.30 7.87
C GLY A 35 -9.80 0.94 7.65
N ALA A 36 -8.60 0.93 7.08
CA ALA A 36 -7.88 -0.31 6.82
C ALA A 36 -7.31 -0.90 8.10
N LEU A 37 -7.74 -2.11 8.43
CA LEU A 37 -7.28 -2.79 9.64
C LEU A 37 -5.93 -3.47 9.40
N ASN A 38 -5.05 -3.39 10.39
CA ASN A 38 -3.73 -3.99 10.29
C ASN A 38 -3.83 -5.45 9.87
N ASP A 39 -3.02 -5.84 8.89
CA ASP A 39 -3.02 -7.22 8.40
C ASP A 39 -4.40 -7.62 7.92
N ASP A 40 -4.67 -7.38 6.63
CA ASP A 40 -5.96 -7.72 6.05
C ASP A 40 -5.98 -7.42 4.55
N LEU A 41 -5.24 -6.38 4.15
CA LEU A 41 -5.16 -5.97 2.76
C LEU A 41 -4.97 -7.20 1.85
N SER A 42 -5.72 -7.23 0.75
CA SER A 42 -5.63 -8.34 -0.19
C SER A 42 -5.24 -7.84 -1.59
N SER A 43 -5.32 -6.53 -1.77
CA SER A 43 -4.99 -5.92 -3.06
C SER A 43 -4.74 -4.42 -2.90
N ALA A 44 -4.37 -3.78 -4.00
CA ALA A 44 -4.10 -2.35 -3.99
C ALA A 44 -3.80 -1.82 -5.39
N ARG A 45 -4.70 -1.00 -5.92
CA ARG A 45 -4.52 -0.44 -7.26
C ARG A 45 -3.58 0.76 -7.22
N VAL A 46 -2.61 0.78 -8.13
CA VAL A 46 -1.65 1.87 -8.21
C VAL A 46 -1.63 2.49 -9.61
N PRO A 47 -1.64 3.83 -9.66
CA PRO A 47 -1.63 4.57 -10.92
C PRO A 47 -0.29 4.46 -11.64
N SER A 48 -0.22 5.04 -12.84
CA SER A 48 1.00 5.00 -13.63
C SER A 48 2.01 6.03 -13.12
N GLY A 49 3.13 5.55 -12.59
CA GLY A 49 4.16 6.45 -12.09
C GLY A 49 4.09 6.60 -10.58
N LEU A 50 3.79 5.51 -9.89
CA LEU A 50 3.69 5.53 -8.43
C LEU A 50 4.40 4.32 -7.82
N ARG A 51 5.22 4.57 -6.80
CA ARG A 51 5.96 3.51 -6.13
C ARG A 51 5.58 3.43 -4.65
N LEU A 52 5.55 2.22 -4.12
CA LEU A 52 5.20 2.01 -2.72
C LEU A 52 6.00 0.85 -2.14
N GLU A 53 6.17 0.86 -0.82
CA GLU A 53 6.91 -0.20 -0.13
C GLU A 53 6.11 -0.74 1.05
N VAL A 54 5.83 -2.04 1.01
CA VAL A 54 5.07 -2.68 2.08
C VAL A 54 6.00 -3.19 3.17
N PHE A 55 5.70 -2.81 4.41
CA PHE A 55 6.51 -3.23 5.56
C PHE A 55 5.67 -4.00 6.57
N GLN A 56 5.84 -5.32 6.61
CA GLN A 56 5.09 -6.17 7.52
C GLN A 56 5.17 -5.63 8.95
N HIS A 57 6.40 -5.37 9.41
CA HIS A 57 6.61 -4.85 10.75
C HIS A 57 6.23 -3.38 10.83
N ASN A 58 6.24 -2.84 12.04
CA ASN A 58 5.89 -1.44 12.27
C ASN A 58 7.01 -0.70 13.00
N ASN A 59 8.24 -1.17 12.81
CA ASN A 59 9.39 -0.55 13.46
C ASN A 59 10.58 -0.50 12.50
N PHE A 60 10.33 -0.78 11.22
CA PHE A 60 11.37 -0.77 10.21
C PHE A 60 12.59 -1.55 10.68
N LYS A 61 12.38 -2.81 11.04
CA LYS A 61 13.46 -3.67 11.49
C LYS A 61 13.71 -4.81 10.52
N GLY A 62 12.66 -5.57 10.23
CA GLY A 62 12.79 -6.68 9.30
C GLY A 62 13.09 -6.22 7.88
N VAL A 63 12.57 -6.95 6.89
CA VAL A 63 12.79 -6.61 5.50
C VAL A 63 11.63 -5.80 4.93
N ARG A 64 11.92 -4.93 3.97
CA ARG A 64 10.90 -4.10 3.36
C ARG A 64 10.51 -4.65 1.99
N ASP A 65 9.31 -4.30 1.53
CA ASP A 65 8.82 -4.74 0.24
C ASP A 65 8.65 -3.57 -0.71
N PHE A 66 8.26 -3.87 -1.95
CA PHE A 66 8.07 -2.84 -2.97
C PHE A 66 7.10 -3.32 -4.05
N TYR A 67 6.31 -2.40 -4.58
CA TYR A 67 5.35 -2.73 -5.62
C TYR A 67 5.12 -1.54 -6.55
N THR A 68 5.27 -1.78 -7.86
CA THR A 68 5.08 -0.73 -8.85
C THR A 68 4.08 -1.16 -9.92
N SER A 69 2.98 -1.74 -9.49
CA SER A 69 1.95 -2.20 -10.41
C SER A 69 0.70 -2.65 -9.66
N ASP A 70 -0.38 -2.90 -10.40
CA ASP A 70 -1.63 -3.34 -9.80
C ASP A 70 -1.41 -4.55 -8.90
N ALA A 71 -1.41 -4.31 -7.60
CA ALA A 71 -1.20 -5.38 -6.63
C ALA A 71 -2.48 -6.19 -6.42
N ALA A 72 -2.64 -7.24 -7.22
CA ALA A 72 -3.82 -8.09 -7.14
C ALA A 72 -3.77 -8.96 -5.88
N GLU A 73 -2.59 -9.05 -5.27
CA GLU A 73 -2.41 -9.85 -4.07
C GLU A 73 -1.45 -9.17 -3.10
N LEU A 74 -1.85 -9.07 -1.83
CA LEU A 74 -1.01 -8.44 -0.82
C LEU A 74 0.39 -9.03 -0.82
N SER A 75 1.38 -8.19 -0.55
CA SER A 75 2.77 -8.63 -0.52
C SER A 75 2.92 -9.91 0.30
N ARG A 76 3.10 -11.03 -0.41
CA ARG A 76 3.25 -12.32 0.24
C ARG A 76 1.96 -12.74 0.93
N ASP A 77 1.73 -12.19 2.12
CA ASP A 77 0.52 -12.51 2.89
C ASP A 77 -0.08 -11.25 3.48
N ASN A 78 -1.37 -11.31 3.81
CA ASN A 78 -2.07 -10.17 4.40
C ASN A 78 -1.53 -9.85 5.78
N ASP A 79 -0.48 -9.03 5.82
CA ASP A 79 0.13 -8.64 7.09
C ASP A 79 1.10 -7.48 6.89
N ALA A 80 0.55 -6.31 6.58
CA ALA A 80 1.37 -5.12 6.37
C ALA A 80 1.04 -4.05 7.39
N SER A 81 1.81 -4.02 8.48
CA SER A 81 1.60 -3.04 9.55
C SER A 81 1.80 -1.63 9.02
N SER A 82 2.95 -1.38 8.40
CA SER A 82 3.26 -0.06 7.86
C SER A 82 3.55 -0.15 6.36
N VAL A 83 3.18 0.90 5.64
CA VAL A 83 3.41 0.94 4.19
C VAL A 83 3.80 2.34 3.74
N ARG A 84 4.57 2.41 2.67
CA ARG A 84 5.03 3.69 2.13
C ARG A 84 4.47 3.92 0.72
N VAL A 85 4.14 5.18 0.43
CA VAL A 85 3.59 5.53 -0.87
C VAL A 85 4.25 6.80 -1.42
N SER A 86 4.57 6.78 -2.72
CA SER A 86 5.21 7.92 -3.36
C SER A 86 5.04 7.86 -4.87
N LYS A 87 5.41 8.94 -5.55
CA LYS A 87 5.29 9.01 -7.00
C LYS A 87 6.63 8.70 -7.66
N MET A 88 6.63 7.72 -8.56
CA MET A 88 7.85 7.33 -9.27
C MET A 88 7.77 7.71 -10.74
N GLU A 89 7.09 8.83 -11.02
CA GLU A 89 6.94 9.29 -12.40
C GLU A 89 8.02 10.32 -12.74
N THR A 90 9.12 10.28 -12.00
CA THR A 90 10.23 11.20 -12.23
C THR A 90 11.12 10.73 -13.36
N THR A 91 11.39 11.61 -14.32
CA THR A 91 12.23 11.28 -15.46
C THR A 91 13.71 11.28 -15.08
N ASN A 92 14.45 10.30 -15.59
CA ASN A 92 15.88 10.19 -15.29
C ASN A 92 16.70 10.27 -16.57
N GLY A 2 -7.69 13.16 -7.24
CA GLY A 2 -6.95 11.92 -7.11
C GLY A 2 -5.84 11.79 -8.15
N GLU A 3 -4.86 12.66 -8.06
CA GLU A 3 -3.73 12.65 -8.99
C GLU A 3 -2.61 11.75 -8.48
N LYS A 4 -2.34 10.67 -9.20
CA LYS A 4 -1.29 9.74 -8.81
C LYS A 4 -1.48 9.26 -7.38
N THR A 5 -2.36 8.27 -7.21
CA THR A 5 -2.64 7.72 -5.89
C THR A 5 -2.87 6.21 -5.97
N VAL A 6 -2.49 5.51 -4.90
CA VAL A 6 -2.66 4.06 -4.83
C VAL A 6 -3.92 3.69 -4.07
N LYS A 7 -4.80 2.91 -4.70
CA LYS A 7 -6.04 2.48 -4.08
C LYS A 7 -5.89 1.09 -3.47
N LEU A 8 -5.79 1.04 -2.14
CA LEU A 8 -5.65 -0.23 -1.44
C LEU A 8 -6.99 -0.94 -1.31
N TYR A 9 -7.04 -2.19 -1.75
CA TYR A 9 -8.26 -2.98 -1.68
C TYR A 9 -8.16 -4.06 -0.60
N GLU A 10 -9.17 -4.10 0.26
CA GLU A 10 -9.18 -5.10 1.34
C GLU A 10 -9.48 -6.49 0.80
N ASP A 11 -10.28 -6.55 -0.27
CA ASP A 11 -10.63 -7.82 -0.89
C ASP A 11 -9.90 -8.01 -2.21
N THR A 12 -9.81 -9.26 -2.64
CA THR A 12 -9.13 -9.59 -3.90
C THR A 12 -10.05 -9.38 -5.09
N HIS A 13 -9.48 -8.91 -6.19
CA HIS A 13 -10.25 -8.68 -7.41
C HIS A 13 -11.30 -7.59 -7.19
N PHE A 14 -10.96 -6.60 -6.38
CA PHE A 14 -11.87 -5.50 -6.08
C PHE A 14 -13.22 -6.04 -5.61
N LYS A 15 -13.20 -6.88 -4.58
CA LYS A 15 -14.41 -7.46 -4.04
C LYS A 15 -14.96 -6.61 -2.89
N GLY A 16 -14.08 -5.84 -2.27
CA GLY A 16 -14.49 -4.99 -1.16
C GLY A 16 -14.39 -3.51 -1.50
N TYR A 17 -13.94 -2.72 -0.54
CA TYR A 17 -13.81 -1.28 -0.73
C TYR A 17 -12.38 -0.92 -1.11
N SER A 18 -12.14 0.37 -1.37
CA SER A 18 -10.81 0.84 -1.75
C SER A 18 -10.50 2.16 -1.06
N VAL A 19 -9.24 2.31 -0.66
CA VAL A 19 -8.80 3.53 0.02
C VAL A 19 -7.63 4.18 -0.73
N GLU A 20 -7.76 5.48 -0.99
CA GLU A 20 -6.71 6.22 -1.69
C GLU A 20 -5.58 6.59 -0.75
N LEU A 21 -4.35 6.36 -1.20
CA LEU A 21 -3.17 6.67 -0.39
C LEU A 21 -2.12 7.39 -1.23
N PRO A 22 -2.22 8.72 -1.31
CA PRO A 22 -1.28 9.55 -2.06
C PRO A 22 0.10 9.60 -1.42
N VAL A 23 1.09 10.08 -2.17
CA VAL A 23 2.45 10.19 -1.67
C VAL A 23 2.47 10.38 -0.16
N GLY A 24 3.29 9.58 0.52
CA GLY A 24 3.38 9.68 1.97
C GLY A 24 3.68 8.35 2.63
N ASP A 25 3.90 8.37 3.94
CA ASP A 25 4.20 7.16 4.68
C ASP A 25 3.23 6.97 5.84
N TYR A 26 2.61 5.79 5.89
CA TYR A 26 1.65 5.49 6.95
C TYR A 26 1.96 4.14 7.58
N ASN A 27 1.76 4.05 8.90
CA ASN A 27 2.01 2.81 9.63
C ASN A 27 0.70 2.13 10.01
N LEU A 28 0.79 1.12 10.87
CA LEU A 28 -0.38 0.38 11.31
C LEU A 28 -1.45 1.33 11.85
N SER A 29 -1.06 2.15 12.81
CA SER A 29 -1.98 3.10 13.43
C SER A 29 -2.55 4.06 12.37
N SER A 30 -1.68 4.52 11.47
CA SER A 30 -2.09 5.44 10.42
C SER A 30 -3.11 4.79 9.49
N LEU A 31 -3.03 3.47 9.37
CA LEU A 31 -3.94 2.72 8.51
C LEU A 31 -5.34 2.67 9.13
N ILE A 32 -5.40 2.64 10.45
CA ILE A 32 -6.67 2.60 11.17
C ILE A 32 -7.51 3.84 10.86
N SER A 33 -6.86 4.98 10.77
CA SER A 33 -7.55 6.24 10.48
C SER A 33 -8.16 6.22 9.08
N ARG A 34 -7.35 5.81 8.11
CA ARG A 34 -7.81 5.74 6.72
C ARG A 34 -8.95 4.74 6.56
N GLY A 35 -9.06 3.83 7.54
CA GLY A 35 -10.12 2.83 7.50
C GLY A 35 -9.59 1.46 7.16
N ALA A 36 -8.31 1.39 6.80
CA ALA A 36 -7.69 0.11 6.46
C ALA A 36 -7.13 -0.59 7.70
N LEU A 37 -7.64 -1.79 7.97
CA LEU A 37 -7.19 -2.55 9.14
C LEU A 37 -5.86 -3.24 8.86
N ASN A 38 -4.90 -3.03 9.74
CA ASN A 38 -3.57 -3.63 9.59
C ASN A 38 -3.69 -5.14 9.38
N ASP A 39 -2.96 -5.64 8.39
CA ASP A 39 -2.98 -7.07 8.07
C ASP A 39 -4.37 -7.50 7.62
N ASP A 40 -4.70 -7.21 6.38
CA ASP A 40 -6.00 -7.57 5.82
C ASP A 40 -6.03 -7.34 4.31
N LEU A 41 -5.37 -6.27 3.86
CA LEU A 41 -5.33 -5.93 2.45
C LEU A 41 -4.98 -7.16 1.61
N SER A 42 -5.78 -7.40 0.57
CA SER A 42 -5.55 -8.55 -0.31
C SER A 42 -5.31 -8.09 -1.74
N SER A 43 -5.58 -6.81 -2.00
CA SER A 43 -5.39 -6.25 -3.33
C SER A 43 -4.90 -4.80 -3.25
N ALA A 44 -4.22 -4.36 -4.29
CA ALA A 44 -3.69 -3.00 -4.34
C ALA A 44 -3.74 -2.44 -5.77
N ARG A 45 -4.11 -1.17 -5.87
CA ARG A 45 -4.21 -0.52 -7.17
C ARG A 45 -3.14 0.56 -7.32
N VAL A 46 -2.07 0.24 -8.05
CA VAL A 46 -0.99 1.18 -8.27
C VAL A 46 -0.49 1.12 -9.71
N PRO A 47 -1.16 1.87 -10.61
CA PRO A 47 -0.80 1.92 -12.03
C PRO A 47 0.51 2.65 -12.27
N SER A 48 0.95 2.66 -13.51
CA SER A 48 2.20 3.33 -13.88
C SER A 48 2.22 4.76 -13.36
N GLY A 49 3.41 5.23 -12.98
CA GLY A 49 3.54 6.58 -12.48
C GLY A 49 3.33 6.67 -10.98
N LEU A 50 3.80 5.65 -10.26
CA LEU A 50 3.66 5.61 -8.81
C LEU A 50 4.44 4.45 -8.22
N ARG A 51 5.20 4.72 -7.16
CA ARG A 51 5.99 3.70 -6.50
C ARG A 51 5.68 3.63 -5.00
N LEU A 52 5.33 2.43 -4.53
CA LEU A 52 5.00 2.23 -3.13
C LEU A 52 5.92 1.19 -2.49
N GLU A 53 6.10 1.29 -1.18
CA GLU A 53 6.94 0.35 -0.45
C GLU A 53 6.17 -0.32 0.68
N VAL A 54 6.02 -1.64 0.58
CA VAL A 54 5.30 -2.40 1.60
C VAL A 54 6.24 -2.86 2.71
N PHE A 55 5.82 -2.64 3.95
CA PHE A 55 6.62 -3.03 5.11
C PHE A 55 5.82 -3.92 6.05
N GLN A 56 6.01 -5.23 5.93
CA GLN A 56 5.31 -6.19 6.77
C GLN A 56 5.46 -5.84 8.24
N HIS A 57 6.71 -5.56 8.65
CA HIS A 57 6.99 -5.21 10.04
C HIS A 57 6.99 -3.69 10.23
N ASN A 58 6.61 -3.25 11.42
CA ASN A 58 6.57 -1.83 11.73
C ASN A 58 7.92 -1.33 12.22
N ASN A 59 8.07 -0.02 12.30
CA ASN A 59 9.33 0.59 12.74
C ASN A 59 10.47 0.22 11.81
N PHE A 60 10.13 -0.23 10.60
CA PHE A 60 11.13 -0.62 9.62
C PHE A 60 12.13 -1.61 10.21
N LYS A 61 11.60 -2.71 10.74
CA LYS A 61 12.44 -3.73 11.35
C LYS A 61 12.27 -5.07 10.63
N GLY A 62 13.30 -5.48 9.90
CA GLY A 62 13.24 -6.73 9.17
C GLY A 62 13.27 -6.53 7.67
N VAL A 63 12.69 -7.48 6.94
CA VAL A 63 12.64 -7.40 5.49
C VAL A 63 11.55 -6.44 5.02
N ARG A 64 11.83 -5.73 3.93
CA ARG A 64 10.87 -4.78 3.39
C ARG A 64 10.62 -5.04 1.90
N ASP A 65 9.35 -4.97 1.50
CA ASP A 65 8.98 -5.21 0.11
C ASP A 65 8.64 -3.90 -0.59
N PHE A 66 8.59 -3.94 -1.92
CA PHE A 66 8.29 -2.75 -2.71
C PHE A 66 7.51 -3.12 -3.97
N TYR A 67 6.46 -2.37 -4.26
CA TYR A 67 5.63 -2.62 -5.43
C TYR A 67 5.46 -1.34 -6.25
N THR A 68 5.20 -1.51 -7.55
CA THR A 68 5.01 -0.38 -8.44
C THR A 68 4.08 -0.75 -9.59
N SER A 69 3.14 -1.64 -9.32
CA SER A 69 2.18 -2.07 -10.33
C SER A 69 0.96 -2.71 -9.68
N ASP A 70 -0.15 -2.74 -10.42
CA ASP A 70 -1.38 -3.33 -9.92
C ASP A 70 -1.14 -4.72 -9.33
N ALA A 71 -1.12 -4.81 -8.01
CA ALA A 71 -0.89 -6.07 -7.33
C ALA A 71 -2.20 -6.66 -6.79
N ALA A 72 -2.77 -7.59 -7.54
CA ALA A 72 -4.02 -8.23 -7.16
C ALA A 72 -3.86 -8.97 -5.83
N GLU A 73 -2.62 -9.24 -5.45
CA GLU A 73 -2.33 -9.95 -4.20
C GLU A 73 -1.38 -9.14 -3.34
N LEU A 74 -1.83 -8.75 -2.15
CA LEU A 74 -1.02 -7.98 -1.22
C LEU A 74 0.34 -8.65 -1.00
N SER A 75 1.38 -7.84 -0.91
CA SER A 75 2.74 -8.35 -0.70
C SER A 75 2.76 -9.36 0.44
N ARG A 76 3.02 -10.62 0.11
CA ARG A 76 3.07 -11.68 1.10
C ARG A 76 1.73 -11.83 1.82
N ASP A 77 1.66 -12.76 2.76
CA ASP A 77 0.44 -13.00 3.51
C ASP A 77 -0.08 -11.71 4.14
N ASN A 78 -1.37 -11.68 4.43
CA ASN A 78 -1.99 -10.51 5.03
C ASN A 78 -1.24 -10.07 6.29
N ASP A 79 -0.39 -9.06 6.15
CA ASP A 79 0.39 -8.55 7.26
C ASP A 79 1.28 -7.40 6.82
N ALA A 80 0.71 -6.20 6.73
CA ALA A 80 1.46 -5.02 6.32
C ALA A 80 1.43 -3.96 7.40
N SER A 81 2.42 -4.01 8.29
CA SER A 81 2.52 -3.04 9.39
C SER A 81 2.47 -1.61 8.86
N SER A 82 3.48 -1.24 8.08
CA SER A 82 3.56 0.10 7.51
C SER A 82 3.75 0.05 6.00
N VAL A 83 3.34 1.10 5.32
CA VAL A 83 3.46 1.17 3.87
C VAL A 83 3.86 2.57 3.42
N ARG A 84 4.48 2.66 2.24
CA ARG A 84 4.92 3.93 1.70
C ARG A 84 4.41 4.12 0.27
N VAL A 85 4.14 5.37 -0.10
CA VAL A 85 3.64 5.68 -1.43
C VAL A 85 4.31 6.93 -1.98
N SER A 86 4.63 6.92 -3.27
CA SER A 86 5.28 8.05 -3.92
C SER A 86 5.11 7.99 -5.44
N LYS A 87 5.68 8.96 -6.13
CA LYS A 87 5.61 9.00 -7.59
C LYS A 87 6.96 8.65 -8.22
N MET A 88 6.99 7.56 -8.97
CA MET A 88 8.22 7.12 -9.62
C MET A 88 8.49 7.96 -10.87
N GLU A 89 9.46 7.52 -11.67
CA GLU A 89 9.82 8.23 -12.89
C GLU A 89 10.31 9.64 -12.59
N THR A 90 10.70 9.87 -11.33
CA THR A 90 11.18 11.17 -10.90
C THR A 90 12.70 11.16 -10.73
N THR A 91 13.29 12.35 -10.69
CA THR A 91 14.73 12.49 -10.53
C THR A 91 15.08 13.26 -9.26
N ASN A 92 16.14 12.86 -8.60
CA ASN A 92 16.58 13.52 -7.37
C ASN A 92 17.95 14.18 -7.56
N GLY A 2 -3.38 14.76 -13.05
CA GLY A 2 -2.34 13.99 -12.39
C GLY A 2 -2.80 13.44 -11.05
N GLU A 3 -2.02 13.70 -10.01
CA GLU A 3 -2.35 13.22 -8.68
C GLU A 3 -2.55 11.71 -8.67
N LYS A 4 -1.56 10.98 -9.16
CA LYS A 4 -1.62 9.52 -9.22
C LYS A 4 -1.22 8.91 -7.88
N THR A 5 -2.20 8.35 -7.17
CA THR A 5 -1.95 7.71 -5.88
C THR A 5 -2.22 6.22 -5.93
N VAL A 6 -1.68 5.49 -4.95
CA VAL A 6 -1.87 4.05 -4.89
C VAL A 6 -3.07 3.69 -4.03
N LYS A 7 -4.01 2.95 -4.61
CA LYS A 7 -5.22 2.55 -3.90
C LYS A 7 -5.00 1.20 -3.20
N LEU A 8 -5.45 1.11 -1.95
CA LEU A 8 -5.31 -0.11 -1.17
C LEU A 8 -6.65 -0.83 -1.03
N TYR A 9 -6.68 -2.10 -1.40
CA TYR A 9 -7.90 -2.90 -1.32
C TYR A 9 -7.77 -3.97 -0.25
N GLU A 10 -8.79 -4.07 0.60
CA GLU A 10 -8.79 -5.05 1.68
C GLU A 10 -9.14 -6.45 1.14
N ASP A 11 -9.98 -6.48 0.11
CA ASP A 11 -10.39 -7.75 -0.50
C ASP A 11 -9.85 -7.86 -1.92
N THR A 12 -9.23 -9.00 -2.21
CA THR A 12 -8.66 -9.23 -3.54
C THR A 12 -9.74 -9.12 -4.62
N HIS A 13 -9.30 -8.85 -5.84
CA HIS A 13 -10.23 -8.71 -6.97
C HIS A 13 -11.16 -7.52 -6.76
N PHE A 14 -10.71 -6.56 -5.96
CA PHE A 14 -11.51 -5.38 -5.67
C PHE A 14 -12.92 -5.76 -5.21
N LYS A 15 -12.99 -6.64 -4.21
CA LYS A 15 -14.26 -7.09 -3.68
C LYS A 15 -14.69 -6.23 -2.48
N GLY A 16 -13.70 -5.72 -1.74
CA GLY A 16 -13.99 -4.90 -0.59
C GLY A 16 -13.91 -3.42 -0.90
N TYR A 17 -13.48 -2.64 0.08
CA TYR A 17 -13.35 -1.19 -0.09
C TYR A 17 -11.98 -0.82 -0.66
N SER A 18 -11.79 0.47 -0.91
CA SER A 18 -10.52 0.95 -1.46
C SER A 18 -10.11 2.27 -0.81
N VAL A 19 -8.81 2.43 -0.57
CA VAL A 19 -8.29 3.63 0.05
C VAL A 19 -6.96 4.04 -0.57
N GLU A 20 -6.95 5.19 -1.24
CA GLU A 20 -5.72 5.68 -1.87
C GLU A 20 -5.23 6.95 -1.19
N LEU A 21 -3.92 7.12 -1.17
CA LEU A 21 -3.31 8.29 -0.54
C LEU A 21 -2.04 8.71 -1.27
N PRO A 22 -1.75 10.02 -1.28
CA PRO A 22 -0.57 10.58 -1.94
C PRO A 22 0.72 10.20 -1.21
N VAL A 23 1.86 10.51 -1.85
CA VAL A 23 3.15 10.20 -1.28
C VAL A 23 3.14 10.39 0.23
N GLY A 24 3.88 9.54 0.95
CA GLY A 24 3.94 9.63 2.39
C GLY A 24 4.20 8.29 3.04
N ASP A 25 4.01 8.23 4.35
CA ASP A 25 4.23 7.00 5.10
C ASP A 25 3.11 6.78 6.13
N TYR A 26 2.44 5.63 6.04
CA TYR A 26 1.36 5.30 6.95
C TYR A 26 1.54 3.90 7.54
N ASN A 27 1.28 3.78 8.83
CA ASN A 27 1.41 2.49 9.52
C ASN A 27 0.04 1.96 9.94
N LEU A 28 0.06 0.93 10.78
CA LEU A 28 -1.18 0.32 11.26
C LEU A 28 -2.13 1.38 11.81
N SER A 29 -1.62 2.21 12.72
CA SER A 29 -2.42 3.27 13.33
C SER A 29 -2.94 4.23 12.27
N SER A 30 -2.13 4.47 11.24
CA SER A 30 -2.51 5.38 10.17
C SER A 30 -3.59 4.75 9.28
N LEU A 31 -3.53 3.43 9.15
CA LEU A 31 -4.50 2.71 8.33
C LEU A 31 -5.91 2.90 8.86
N ILE A 32 -6.10 2.62 10.15
CA ILE A 32 -7.39 2.76 10.79
C ILE A 32 -7.90 4.19 10.70
N SER A 33 -6.98 5.14 10.79
CA SER A 33 -7.32 6.56 10.72
C SER A 33 -8.10 6.86 9.44
N ARG A 34 -7.88 6.05 8.41
CA ARG A 34 -8.54 6.24 7.13
C ARG A 34 -9.58 5.14 6.90
N GLY A 35 -9.43 4.03 7.60
CA GLY A 35 -10.36 2.92 7.46
C GLY A 35 -9.71 1.70 6.86
N ALA A 36 -8.57 1.30 7.41
CA ALA A 36 -7.85 0.13 6.92
C ALA A 36 -7.25 -0.66 8.07
N LEU A 37 -6.60 -1.78 7.74
CA LEU A 37 -5.98 -2.64 8.75
C LEU A 37 -4.67 -3.22 8.23
N ASN A 38 -3.66 -3.22 9.09
CA ASN A 38 -2.35 -3.75 8.73
C ASN A 38 -2.47 -5.16 8.15
N ASP A 39 -3.20 -6.02 8.86
CA ASP A 39 -3.39 -7.40 8.42
C ASP A 39 -4.80 -7.59 7.85
N ASP A 40 -4.94 -7.33 6.55
CA ASP A 40 -6.22 -7.47 5.88
C ASP A 40 -6.08 -7.20 4.39
N LEU A 41 -5.20 -6.26 4.04
CA LEU A 41 -4.98 -5.91 2.65
C LEU A 41 -4.81 -7.15 1.78
N SER A 42 -5.57 -7.22 0.69
CA SER A 42 -5.50 -8.36 -0.22
C SER A 42 -5.07 -7.91 -1.62
N SER A 43 -5.32 -6.65 -1.94
CA SER A 43 -4.97 -6.10 -3.24
C SER A 43 -4.46 -4.67 -3.11
N ALA A 44 -3.75 -4.20 -4.13
CA ALA A 44 -3.21 -2.85 -4.12
C ALA A 44 -3.06 -2.31 -5.55
N ARG A 45 -3.88 -1.33 -5.89
CA ARG A 45 -3.84 -0.74 -7.22
C ARG A 45 -2.74 0.32 -7.32
N VAL A 46 -1.74 0.07 -8.16
CA VAL A 46 -0.63 0.99 -8.34
C VAL A 46 -0.06 0.91 -9.75
N PRO A 47 -0.69 1.65 -10.68
CA PRO A 47 -0.27 1.67 -12.08
C PRO A 47 1.07 2.38 -12.27
N SER A 48 1.57 2.37 -13.51
CA SER A 48 2.84 3.00 -13.82
C SER A 48 2.86 4.45 -13.32
N GLY A 49 4.06 4.99 -13.15
CA GLY A 49 4.20 6.36 -12.67
C GLY A 49 3.88 6.49 -11.20
N LEU A 50 4.26 5.49 -10.41
CA LEU A 50 4.02 5.50 -8.98
C LEU A 50 4.73 4.34 -8.29
N ARG A 51 5.40 4.64 -7.19
CA ARG A 51 6.12 3.61 -6.44
C ARG A 51 5.69 3.60 -4.98
N LEU A 52 5.33 2.43 -4.48
CA LEU A 52 4.89 2.28 -3.10
C LEU A 52 5.74 1.26 -2.36
N GLU A 53 5.96 1.49 -1.07
CA GLU A 53 6.75 0.59 -0.25
C GLU A 53 5.87 -0.25 0.67
N VAL A 54 6.35 -1.43 1.03
CA VAL A 54 5.60 -2.34 1.90
C VAL A 54 6.46 -2.82 3.06
N PHE A 55 5.90 -2.78 4.27
CA PHE A 55 6.62 -3.21 5.46
C PHE A 55 5.76 -4.16 6.29
N GLN A 56 5.93 -5.46 6.05
CA GLN A 56 5.17 -6.48 6.78
C GLN A 56 5.37 -6.33 8.28
N HIS A 57 6.63 -6.27 8.71
CA HIS A 57 6.94 -6.13 10.12
C HIS A 57 6.79 -4.68 10.57
N ASN A 58 6.67 -4.49 11.89
CA ASN A 58 6.52 -3.15 12.44
C ASN A 58 7.86 -2.59 12.89
N ASN A 59 7.90 -1.27 13.11
CA ASN A 59 9.12 -0.61 13.54
C ASN A 59 10.22 -0.77 12.49
N PHE A 60 9.82 -1.09 11.27
CA PHE A 60 10.77 -1.26 10.18
C PHE A 60 11.88 -2.24 10.58
N LYS A 61 11.49 -3.42 11.02
CA LYS A 61 12.45 -4.44 11.44
C LYS A 61 12.71 -5.43 10.31
N GLY A 62 11.74 -6.31 10.07
CA GLY A 62 11.87 -7.30 9.03
C GLY A 62 12.19 -6.69 7.68
N VAL A 63 12.41 -7.53 6.67
CA VAL A 63 12.72 -7.05 5.33
C VAL A 63 11.60 -6.17 4.78
N ARG A 64 11.98 -5.11 4.07
CA ARG A 64 11.00 -4.19 3.49
C ARG A 64 10.87 -4.43 1.98
N ASP A 65 9.63 -4.49 1.51
CA ASP A 65 9.36 -4.70 0.10
C ASP A 65 8.91 -3.41 -0.58
N PHE A 66 8.68 -3.47 -1.88
CA PHE A 66 8.25 -2.31 -2.63
C PHE A 66 7.47 -2.72 -3.89
N TYR A 67 6.25 -2.25 -4.01
CA TYR A 67 5.40 -2.57 -5.15
C TYR A 67 5.35 -1.41 -6.14
N THR A 68 5.21 -1.74 -7.42
CA THR A 68 5.16 -0.73 -8.47
C THR A 68 4.22 -1.16 -9.59
N SER A 69 3.26 -2.02 -9.26
CA SER A 69 2.30 -2.50 -10.23
C SER A 69 1.08 -3.12 -9.54
N ASP A 70 -0.02 -3.20 -10.28
CA ASP A 70 -1.26 -3.78 -9.74
C ASP A 70 -0.99 -5.13 -9.09
N ALA A 71 -1.19 -5.20 -7.78
CA ALA A 71 -0.97 -6.44 -7.04
C ALA A 71 -2.29 -7.00 -6.52
N ALA A 72 -2.81 -8.01 -7.21
CA ALA A 72 -4.06 -8.64 -6.81
C ALA A 72 -3.91 -9.35 -5.47
N GLU A 73 -2.68 -9.67 -5.10
CA GLU A 73 -2.41 -10.36 -3.85
C GLU A 73 -1.40 -9.58 -3.01
N LEU A 74 -1.85 -9.10 -1.86
CA LEU A 74 -0.99 -8.34 -0.96
C LEU A 74 0.30 -9.08 -0.68
N SER A 75 1.42 -8.36 -0.69
CA SER A 75 2.72 -8.96 -0.44
C SER A 75 2.71 -9.80 0.83
N ARG A 76 2.90 -11.10 0.67
CA ARG A 76 2.90 -12.02 1.80
C ARG A 76 1.53 -12.06 2.47
N ASP A 77 1.33 -13.03 3.36
CA ASP A 77 0.07 -13.18 4.06
C ASP A 77 -0.33 -11.87 4.74
N ASN A 78 -1.62 -11.72 5.00
CA ASN A 78 -2.14 -10.52 5.65
C ASN A 78 -1.34 -10.19 6.91
N ASP A 79 -0.52 -9.15 6.83
CA ASP A 79 0.30 -8.74 7.97
C ASP A 79 1.11 -7.50 7.62
N ALA A 80 0.55 -6.63 6.80
CA ALA A 80 1.22 -5.40 6.39
C ALA A 80 1.23 -4.38 7.51
N SER A 81 2.25 -4.43 8.37
CA SER A 81 2.36 -3.51 9.49
C SER A 81 2.22 -2.06 9.01
N SER A 82 3.11 -1.64 8.13
CA SER A 82 3.08 -0.28 7.61
C SER A 82 3.37 -0.27 6.10
N VAL A 83 2.95 0.80 5.44
CA VAL A 83 3.16 0.93 4.00
C VAL A 83 3.63 2.33 3.64
N ARG A 84 4.21 2.47 2.45
CA ARG A 84 4.71 3.76 1.99
C ARG A 84 4.24 4.05 0.57
N VAL A 85 4.12 5.33 0.24
CA VAL A 85 3.69 5.73 -1.10
C VAL A 85 4.54 6.89 -1.62
N SER A 86 4.85 6.84 -2.92
CA SER A 86 5.66 7.88 -3.55
C SER A 86 5.48 7.86 -5.06
N LYS A 87 4.96 8.96 -5.60
CA LYS A 87 4.74 9.07 -7.04
C LYS A 87 6.04 9.37 -7.77
N MET A 88 6.44 8.46 -8.66
CA MET A 88 7.67 8.63 -9.43
C MET A 88 7.39 9.32 -10.75
N GLU A 89 8.40 9.34 -11.63
CA GLU A 89 8.25 9.97 -12.93
C GLU A 89 7.96 11.47 -12.78
N THR A 90 8.26 12.01 -11.60
CA THR A 90 8.04 13.42 -11.34
C THR A 90 9.36 14.17 -11.18
N THR A 91 10.38 13.46 -10.74
CA THR A 91 11.71 14.06 -10.55
C THR A 91 12.55 13.92 -11.80
N ASN A 92 13.13 15.03 -12.25
CA ASN A 92 13.98 15.02 -13.44
C ASN A 92 15.43 15.34 -13.08
N GLY A 2 -9.93 10.84 -7.76
CA GLY A 2 -8.55 11.11 -7.36
C GLY A 2 -7.55 10.61 -8.38
N GLU A 3 -6.27 10.84 -8.12
CA GLU A 3 -5.21 10.42 -9.03
C GLU A 3 -3.84 10.56 -8.37
N LYS A 4 -2.83 9.95 -8.99
CA LYS A 4 -1.47 10.01 -8.46
C LYS A 4 -1.42 9.55 -7.01
N THR A 5 -2.23 8.55 -6.69
CA THR A 5 -2.29 8.00 -5.33
C THR A 5 -2.38 6.48 -5.36
N VAL A 6 -2.03 5.86 -4.23
CA VAL A 6 -2.08 4.41 -4.13
C VAL A 6 -3.41 3.94 -3.55
N LYS A 7 -4.14 3.14 -4.32
CA LYS A 7 -5.43 2.63 -3.90
C LYS A 7 -5.30 1.20 -3.38
N LEU A 8 -5.38 1.05 -2.05
CA LEU A 8 -5.27 -0.26 -1.43
C LEU A 8 -6.64 -0.90 -1.27
N TYR A 9 -6.79 -2.12 -1.78
CA TYR A 9 -8.04 -2.84 -1.70
C TYR A 9 -7.95 -3.99 -0.69
N GLU A 10 -9.00 -4.13 0.12
CA GLU A 10 -9.03 -5.18 1.13
C GLU A 10 -9.00 -6.57 0.49
N ASP A 11 -9.77 -6.73 -0.58
CA ASP A 11 -9.82 -8.00 -1.29
C ASP A 11 -9.03 -7.93 -2.59
N THR A 12 -9.34 -8.82 -3.53
CA THR A 12 -8.66 -8.87 -4.81
C THR A 12 -9.64 -8.70 -5.97
N HIS A 13 -9.11 -8.43 -7.16
CA HIS A 13 -9.94 -8.25 -8.34
C HIS A 13 -10.68 -6.91 -8.27
N PHE A 14 -10.33 -6.10 -7.28
CA PHE A 14 -10.97 -4.80 -7.11
C PHE A 14 -12.49 -4.92 -7.21
N LYS A 15 -13.06 -5.77 -6.37
CA LYS A 15 -14.51 -5.98 -6.36
C LYS A 15 -15.11 -5.46 -5.06
N GLY A 16 -14.46 -4.48 -4.45
CA GLY A 16 -14.96 -3.91 -3.21
C GLY A 16 -14.64 -2.43 -3.08
N TYR A 17 -14.03 -2.05 -1.96
CA TYR A 17 -13.68 -0.66 -1.72
C TYR A 17 -12.22 -0.53 -1.31
N SER A 18 -11.53 0.45 -1.88
CA SER A 18 -10.12 0.68 -1.58
C SER A 18 -9.93 2.05 -0.94
N VAL A 19 -8.71 2.30 -0.47
CA VAL A 19 -8.38 3.58 0.16
C VAL A 19 -7.21 4.25 -0.54
N GLU A 20 -7.33 5.57 -0.74
CA GLU A 20 -6.28 6.33 -1.42
C GLU A 20 -5.14 6.64 -0.45
N LEU A 21 -3.92 6.62 -0.96
CA LEU A 21 -2.74 6.90 -0.14
C LEU A 21 -1.73 7.73 -0.92
N PRO A 22 -1.83 9.06 -0.79
CA PRO A 22 -0.93 10.00 -1.47
C PRO A 22 0.49 9.97 -0.90
N VAL A 23 1.41 10.64 -1.57
CA VAL A 23 2.79 10.69 -1.12
C VAL A 23 2.88 10.76 0.39
N GLY A 24 3.50 9.75 1.00
CA GLY A 24 3.64 9.72 2.44
C GLY A 24 3.73 8.32 3.00
N ASP A 25 3.95 8.21 4.30
CA ASP A 25 4.06 6.90 4.94
C ASP A 25 2.94 6.69 5.94
N TYR A 26 2.48 5.46 6.06
CA TYR A 26 1.40 5.12 6.98
C TYR A 26 1.78 3.93 7.86
N ASN A 27 1.78 4.15 9.17
CA ASN A 27 2.12 3.10 10.12
C ASN A 27 0.91 2.23 10.43
N LEU A 28 1.10 1.26 11.33
CA LEU A 28 0.01 0.37 11.72
C LEU A 28 -1.23 1.16 12.12
N SER A 29 -1.10 1.99 13.15
CA SER A 29 -2.20 2.80 13.63
C SER A 29 -2.73 3.71 12.54
N SER A 30 -1.80 4.36 11.82
CA SER A 30 -2.17 5.27 10.75
C SER A 30 -3.04 4.56 9.71
N LEU A 31 -2.84 3.26 9.57
CA LEU A 31 -3.61 2.47 8.61
C LEU A 31 -5.02 2.24 9.12
N ILE A 32 -5.17 2.14 10.43
CA ILE A 32 -6.47 1.93 11.04
C ILE A 32 -7.40 3.11 10.79
N SER A 33 -6.88 4.32 11.00
CA SER A 33 -7.65 5.53 10.81
C SER A 33 -8.27 5.56 9.41
N ARG A 34 -7.47 5.21 8.41
CA ARG A 34 -7.94 5.20 7.03
C ARG A 34 -9.08 4.20 6.85
N GLY A 35 -9.19 3.25 7.78
CA GLY A 35 -10.24 2.25 7.70
C GLY A 35 -9.75 0.94 7.13
N ALA A 36 -8.43 0.74 7.14
CA ALA A 36 -7.84 -0.48 6.62
C ALA A 36 -6.81 -1.05 7.60
N LEU A 37 -7.06 -2.27 8.07
CA LEU A 37 -6.16 -2.93 9.00
C LEU A 37 -4.82 -3.26 8.34
N ASN A 38 -3.75 -3.16 9.10
CA ASN A 38 -2.41 -3.46 8.59
C ASN A 38 -2.37 -4.82 7.91
N ASP A 39 -2.89 -5.83 8.60
CA ASP A 39 -2.93 -7.18 8.06
C ASP A 39 -4.33 -7.54 7.60
N ASP A 40 -4.62 -7.29 6.32
CA ASP A 40 -5.92 -7.58 5.75
C ASP A 40 -5.93 -7.31 4.25
N LEU A 41 -5.23 -6.26 3.84
CA LEU A 41 -5.16 -5.88 2.44
C LEU A 41 -4.79 -7.08 1.57
N SER A 42 -5.47 -7.23 0.44
CA SER A 42 -5.22 -8.34 -0.47
C SER A 42 -4.76 -7.83 -1.84
N SER A 43 -5.19 -6.61 -2.18
CA SER A 43 -4.84 -6.00 -3.45
C SER A 43 -4.54 -4.52 -3.29
N ALA A 44 -4.00 -3.91 -4.33
CA ALA A 44 -3.67 -2.49 -4.30
C ALA A 44 -3.29 -1.99 -5.69
N ARG A 45 -4.13 -1.14 -6.27
CA ARG A 45 -3.88 -0.59 -7.59
C ARG A 45 -3.29 0.82 -7.49
N VAL A 46 -2.38 1.13 -8.41
CA VAL A 46 -1.74 2.44 -8.43
C VAL A 46 -1.51 2.92 -9.85
N PRO A 47 -1.48 4.25 -10.04
CA PRO A 47 -1.27 4.86 -11.35
C PRO A 47 0.15 4.68 -11.86
N SER A 48 0.40 5.10 -13.09
CA SER A 48 1.73 4.96 -13.69
C SER A 48 2.67 6.05 -13.18
N GLY A 49 3.85 5.64 -12.72
CA GLY A 49 4.81 6.60 -12.22
C GLY A 49 4.72 6.77 -10.71
N LEU A 50 4.45 5.68 -10.00
CA LEU A 50 4.33 5.72 -8.55
C LEU A 50 5.09 4.58 -7.91
N ARG A 51 5.88 4.89 -6.87
CA ARG A 51 6.66 3.89 -6.17
C ARG A 51 6.20 3.76 -4.72
N LEU A 52 6.09 2.52 -4.26
CA LEU A 52 5.67 2.26 -2.89
C LEU A 52 6.33 1.00 -2.33
N GLU A 53 6.44 0.91 -1.01
CA GLU A 53 7.06 -0.23 -0.37
C GLU A 53 6.20 -0.73 0.80
N VAL A 54 6.09 -2.04 0.92
CA VAL A 54 5.30 -2.64 2.00
C VAL A 54 6.19 -3.05 3.16
N PHE A 55 5.69 -2.88 4.38
CA PHE A 55 6.44 -3.24 5.58
C PHE A 55 5.58 -4.08 6.53
N GLN A 56 5.75 -5.40 6.46
CA GLN A 56 4.99 -6.31 7.29
C GLN A 56 5.10 -5.91 8.77
N HIS A 57 6.31 -5.53 9.18
CA HIS A 57 6.55 -5.14 10.56
C HIS A 57 6.66 -3.61 10.67
N ASN A 58 6.73 -3.12 11.90
CA ASN A 58 6.83 -1.69 12.14
C ASN A 58 8.28 -1.28 12.44
N ASN A 59 8.54 0.01 12.42
CA ASN A 59 9.88 0.53 12.69
C ASN A 59 10.87 0.05 11.63
N PHE A 60 10.35 -0.31 10.45
CA PHE A 60 11.18 -0.78 9.36
C PHE A 60 12.09 -1.92 9.83
N LYS A 61 11.49 -2.96 10.39
CA LYS A 61 12.25 -4.10 10.87
C LYS A 61 12.17 -5.26 9.89
N GLY A 62 11.02 -5.93 9.85
CA GLY A 62 10.84 -7.05 8.95
C GLY A 62 11.14 -6.69 7.50
N VAL A 63 11.24 -7.69 6.65
CA VAL A 63 11.52 -7.47 5.23
C VAL A 63 10.55 -6.46 4.64
N ARG A 64 11.02 -5.71 3.64
CA ARG A 64 10.19 -4.71 2.98
C ARG A 64 9.99 -5.05 1.51
N ASP A 65 8.79 -4.76 1.00
CA ASP A 65 8.47 -5.04 -0.39
C ASP A 65 8.47 -3.75 -1.22
N PHE A 66 8.22 -3.89 -2.52
CA PHE A 66 8.19 -2.75 -3.41
C PHE A 66 7.29 -3.02 -4.62
N TYR A 67 6.24 -2.21 -4.75
CA TYR A 67 5.30 -2.36 -5.85
C TYR A 67 5.22 -1.09 -6.68
N THR A 68 4.49 -1.15 -7.80
CA THR A 68 4.35 -0.02 -8.69
C THR A 68 3.37 -0.32 -9.82
N SER A 69 2.38 -1.14 -9.52
CA SER A 69 1.37 -1.52 -10.50
C SER A 69 0.23 -2.31 -9.86
N ASP A 70 -0.81 -2.57 -10.64
CA ASP A 70 -1.96 -3.33 -10.14
C ASP A 70 -1.51 -4.63 -9.49
N ALA A 71 -1.65 -4.70 -8.17
CA ALA A 71 -1.26 -5.90 -7.43
C ALA A 71 -2.49 -6.62 -6.87
N ALA A 72 -2.82 -7.77 -7.46
CA ALA A 72 -3.96 -8.55 -7.02
C ALA A 72 -3.69 -9.21 -5.68
N GLU A 73 -2.41 -9.47 -5.40
CA GLU A 73 -2.02 -10.11 -4.15
C GLU A 73 -1.01 -9.25 -3.40
N LEU A 74 -1.36 -8.87 -2.17
CA LEU A 74 -0.47 -8.05 -1.34
C LEU A 74 0.86 -8.73 -1.12
N SER A 75 1.91 -7.94 -0.94
CA SER A 75 3.25 -8.48 -0.72
C SER A 75 3.24 -9.50 0.41
N ARG A 76 2.35 -9.30 1.39
CA ARG A 76 2.24 -10.21 2.52
C ARG A 76 0.78 -10.41 2.92
N ASP A 77 0.25 -11.59 2.63
CA ASP A 77 -1.13 -11.91 2.97
C ASP A 77 -1.41 -11.63 4.44
N ASN A 78 -2.27 -10.65 4.71
CA ASN A 78 -2.62 -10.29 6.07
C ASN A 78 -1.37 -10.06 6.92
N ASP A 79 -0.54 -9.11 6.49
CA ASP A 79 0.69 -8.79 7.21
C ASP A 79 1.36 -7.55 6.62
N ALA A 80 0.82 -6.39 6.95
CA ALA A 80 1.36 -5.13 6.45
C ALA A 80 1.26 -4.03 7.51
N SER A 81 2.15 -4.08 8.49
CA SER A 81 2.18 -3.10 9.58
C SER A 81 2.18 -1.68 9.02
N SER A 82 3.28 -1.31 8.36
CA SER A 82 3.41 0.02 7.78
C SER A 82 3.72 -0.06 6.29
N VAL A 83 3.54 1.05 5.59
CA VAL A 83 3.81 1.10 4.16
C VAL A 83 4.21 2.50 3.72
N ARG A 84 4.84 2.60 2.55
CA ARG A 84 5.28 3.89 2.02
C ARG A 84 4.83 4.06 0.58
N VAL A 85 4.35 5.26 0.25
CA VAL A 85 3.88 5.56 -1.09
C VAL A 85 4.39 6.91 -1.56
N SER A 86 4.83 6.98 -2.82
CA SER A 86 5.35 8.22 -3.39
C SER A 86 5.31 8.18 -4.91
N LYS A 87 5.54 9.33 -5.53
CA LYS A 87 5.53 9.43 -6.99
C LYS A 87 6.92 9.18 -7.56
N MET A 88 7.02 8.27 -8.52
CA MET A 88 8.29 7.94 -9.14
C MET A 88 8.42 8.64 -10.50
N GLU A 89 9.45 8.25 -11.26
CA GLU A 89 9.68 8.83 -12.57
C GLU A 89 9.94 10.32 -12.47
N THR A 90 10.30 10.78 -11.27
CA THR A 90 10.57 12.19 -11.04
C THR A 90 12.07 12.48 -11.14
N THR A 91 12.41 13.47 -11.96
CA THR A 91 13.80 13.86 -12.16
C THR A 91 14.63 12.67 -12.62
N ASN A 92 14.00 11.75 -13.35
CA ASN A 92 14.69 10.57 -13.86
C ASN A 92 14.87 10.66 -15.37
N GLY A 2 -1.58 10.07 -14.67
CA GLY A 2 -2.61 9.23 -14.08
C GLY A 2 -2.93 9.65 -12.64
N GLU A 3 -2.42 8.87 -11.69
CA GLU A 3 -2.66 9.15 -10.28
C GLU A 3 -1.38 8.97 -9.46
N LYS A 4 -1.30 9.66 -8.34
CA LYS A 4 -0.14 9.58 -7.46
C LYS A 4 -0.50 8.98 -6.12
N THR A 5 -1.54 8.15 -6.11
CA THR A 5 -2.00 7.51 -4.89
C THR A 5 -2.42 6.06 -5.15
N VAL A 6 -2.06 5.16 -4.25
CA VAL A 6 -2.41 3.75 -4.37
C VAL A 6 -3.71 3.44 -3.66
N LYS A 7 -4.63 2.80 -4.38
CA LYS A 7 -5.93 2.44 -3.82
C LYS A 7 -5.91 1.01 -3.30
N LEU A 8 -5.86 0.87 -1.97
CA LEU A 8 -5.83 -0.45 -1.34
C LEU A 8 -7.22 -1.09 -1.37
N TYR A 9 -7.28 -2.34 -1.82
CA TYR A 9 -8.55 -3.06 -1.90
C TYR A 9 -8.58 -4.21 -0.89
N GLU A 10 -9.72 -4.36 -0.22
CA GLU A 10 -9.88 -5.44 0.76
C GLU A 10 -9.99 -6.79 0.09
N ASP A 11 -10.34 -6.78 -1.19
CA ASP A 11 -10.49 -8.01 -1.96
C ASP A 11 -9.30 -8.21 -2.90
N THR A 12 -9.33 -9.30 -3.66
CA THR A 12 -8.26 -9.61 -4.59
C THR A 12 -8.65 -9.24 -6.02
N HIS A 13 -9.96 -9.21 -6.28
CA HIS A 13 -10.46 -8.88 -7.60
C HIS A 13 -11.27 -7.57 -7.57
N PHE A 14 -10.86 -6.66 -6.70
CA PHE A 14 -11.55 -5.38 -6.56
C PHE A 14 -13.05 -5.58 -6.36
N LYS A 15 -13.40 -6.39 -5.36
CA LYS A 15 -14.81 -6.67 -5.06
C LYS A 15 -15.22 -6.01 -3.75
N GLY A 16 -15.09 -4.69 -3.69
CA GLY A 16 -15.45 -3.97 -2.48
C GLY A 16 -15.13 -2.49 -2.58
N TYR A 17 -14.50 -1.95 -1.54
CA TYR A 17 -14.14 -0.54 -1.50
C TYR A 17 -12.62 -0.36 -1.58
N SER A 18 -12.19 0.77 -2.13
CA SER A 18 -10.77 1.06 -2.26
C SER A 18 -10.41 2.34 -1.50
N VAL A 19 -9.23 2.33 -0.88
CA VAL A 19 -8.77 3.48 -0.12
C VAL A 19 -7.46 4.03 -0.71
N GLU A 20 -7.51 5.28 -1.18
CA GLU A 20 -6.34 5.92 -1.76
C GLU A 20 -5.80 7.01 -0.83
N LEU A 21 -4.48 7.19 -0.85
CA LEU A 21 -3.84 8.20 -0.02
C LEU A 21 -2.66 8.84 -0.75
N PRO A 22 -2.38 10.11 -0.42
CA PRO A 22 -1.28 10.87 -1.03
C PRO A 22 0.08 10.35 -0.60
N VAL A 23 1.12 10.82 -1.26
CA VAL A 23 2.49 10.41 -0.94
C VAL A 23 2.75 10.51 0.55
N GLY A 24 3.55 9.59 1.07
CA GLY A 24 3.87 9.58 2.49
C GLY A 24 3.93 8.18 3.08
N ASP A 25 4.39 8.09 4.32
CA ASP A 25 4.49 6.80 4.99
C ASP A 25 3.45 6.67 6.09
N TYR A 26 2.89 5.47 6.24
CA TYR A 26 1.87 5.23 7.26
C TYR A 26 2.22 3.98 8.08
N ASN A 27 2.00 4.07 9.38
CA ASN A 27 2.29 2.96 10.28
C ASN A 27 1.03 2.12 10.53
N LEU A 28 1.11 1.22 11.51
CA LEU A 28 -0.02 0.36 11.86
C LEU A 28 -1.23 1.20 12.26
N SER A 29 -1.01 2.17 13.14
CA SER A 29 -2.09 3.03 13.61
C SER A 29 -2.59 3.93 12.50
N SER A 30 -1.67 4.41 11.67
CA SER A 30 -2.02 5.29 10.56
C SER A 30 -2.95 4.58 9.57
N LEU A 31 -2.84 3.25 9.50
CA LEU A 31 -3.66 2.47 8.61
C LEU A 31 -5.12 2.51 9.04
N ILE A 32 -5.37 2.24 10.31
CA ILE A 32 -6.73 2.26 10.85
C ILE A 32 -7.37 3.63 10.67
N SER A 33 -6.54 4.67 10.67
CA SER A 33 -7.04 6.03 10.50
C SER A 33 -7.81 6.18 9.20
N ARG A 34 -7.53 5.30 8.24
CA ARG A 34 -8.21 5.34 6.95
C ARG A 34 -9.31 4.29 6.89
N GLY A 35 -9.23 3.29 7.77
CA GLY A 35 -10.23 2.24 7.80
C GLY A 35 -9.66 0.88 7.45
N ALA A 36 -8.44 0.61 7.92
CA ALA A 36 -7.78 -0.66 7.65
C ALA A 36 -6.78 -1.00 8.74
N LEU A 37 -6.83 -2.23 9.23
CA LEU A 37 -5.92 -2.68 10.28
C LEU A 37 -4.63 -3.25 9.68
N ASN A 38 -3.60 -3.36 10.50
CA ASN A 38 -2.32 -3.90 10.06
C ASN A 38 -2.50 -5.22 9.34
N ASP A 39 -1.85 -5.36 8.18
CA ASP A 39 -1.95 -6.59 7.40
C ASP A 39 -3.38 -7.13 7.39
N ASP A 40 -4.18 -6.64 6.45
CA ASP A 40 -5.56 -7.08 6.33
C ASP A 40 -6.03 -7.02 4.88
N LEU A 41 -5.58 -6.00 4.16
CA LEU A 41 -5.95 -5.83 2.76
C LEU A 41 -5.71 -7.10 1.97
N SER A 42 -6.14 -7.11 0.71
CA SER A 42 -5.97 -8.27 -0.15
C SER A 42 -5.22 -7.90 -1.43
N SER A 43 -5.47 -6.68 -1.92
CA SER A 43 -4.83 -6.21 -3.14
C SER A 43 -4.51 -4.71 -3.03
N ALA A 44 -3.79 -4.19 -4.03
CA ALA A 44 -3.43 -2.79 -4.05
C ALA A 44 -3.42 -2.24 -5.47
N ARG A 45 -4.08 -1.10 -5.67
CA ARG A 45 -4.15 -0.49 -6.99
C ARG A 45 -3.05 0.57 -7.15
N VAL A 46 -1.99 0.20 -7.87
CA VAL A 46 -0.86 1.11 -8.10
C VAL A 46 -0.46 1.11 -9.57
N PRO A 47 -1.14 1.94 -10.37
CA PRO A 47 -0.87 2.05 -11.80
C PRO A 47 0.47 2.73 -12.09
N SER A 48 0.88 2.73 -13.35
CA SER A 48 2.14 3.34 -13.75
C SER A 48 2.25 4.77 -13.21
N GLY A 49 3.47 5.19 -12.92
CA GLY A 49 3.69 6.53 -12.40
C GLY A 49 3.44 6.62 -10.91
N LEU A 50 3.82 5.58 -10.19
CA LEU A 50 3.63 5.54 -8.74
C LEU A 50 4.50 4.46 -8.11
N ARG A 51 5.11 4.79 -6.97
CA ARG A 51 5.97 3.84 -6.26
C ARG A 51 5.50 3.66 -4.82
N LEU A 52 5.30 2.41 -4.42
CA LEU A 52 4.85 2.10 -3.07
C LEU A 52 5.73 1.04 -2.43
N GLU A 53 5.90 1.11 -1.11
CA GLU A 53 6.72 0.15 -0.39
C GLU A 53 5.92 -0.52 0.73
N VAL A 54 6.32 -1.72 1.09
CA VAL A 54 5.64 -2.47 2.14
C VAL A 54 6.59 -2.79 3.29
N PHE A 55 6.06 -2.71 4.51
CA PHE A 55 6.87 -2.99 5.70
C PHE A 55 6.10 -3.87 6.68
N GLN A 56 6.37 -5.17 6.65
CA GLN A 56 5.71 -6.11 7.53
C GLN A 56 5.74 -5.63 8.98
N HIS A 57 6.95 -5.48 9.51
CA HIS A 57 7.11 -5.01 10.88
C HIS A 57 7.38 -3.52 10.93
N ASN A 58 6.79 -2.83 11.91
CA ASN A 58 6.96 -1.39 12.06
C ASN A 58 8.40 -1.06 12.44
N ASN A 59 8.72 0.24 12.41
CA ASN A 59 10.07 0.69 12.75
C ASN A 59 11.09 0.15 11.77
N PHE A 60 10.63 -0.24 10.59
CA PHE A 60 11.51 -0.78 9.55
C PHE A 60 12.37 -1.92 10.11
N LYS A 61 11.70 -2.93 10.67
CA LYS A 61 12.41 -4.08 11.24
C LYS A 61 13.44 -4.62 10.26
N GLY A 62 13.09 -4.64 8.99
CA GLY A 62 14.00 -5.14 7.96
C GLY A 62 13.29 -5.46 6.66
N VAL A 63 12.49 -6.52 6.68
CA VAL A 63 11.74 -6.94 5.50
C VAL A 63 10.98 -5.77 4.89
N ARG A 64 11.39 -5.35 3.69
CA ARG A 64 10.74 -4.25 3.00
C ARG A 64 10.46 -4.60 1.54
N ASP A 65 9.22 -4.43 1.13
CA ASP A 65 8.83 -4.74 -0.25
C ASP A 65 8.59 -3.46 -1.04
N PHE A 66 8.34 -3.61 -2.34
CA PHE A 66 8.10 -2.46 -3.21
C PHE A 66 7.29 -2.87 -4.43
N TYR A 67 6.09 -2.29 -4.56
CA TYR A 67 5.21 -2.60 -5.68
C TYR A 67 5.10 -1.41 -6.62
N THR A 68 4.99 -1.69 -7.91
CA THR A 68 4.88 -0.64 -8.92
C THR A 68 3.86 -1.01 -10.00
N SER A 69 2.86 -1.81 -9.60
CA SER A 69 1.82 -2.23 -10.54
C SER A 69 0.68 -2.91 -9.79
N ASP A 70 -0.49 -2.93 -10.42
CA ASP A 70 -1.67 -3.54 -9.82
C ASP A 70 -1.36 -4.95 -9.33
N ALA A 71 -1.46 -5.15 -8.01
CA ALA A 71 -1.19 -6.45 -7.42
C ALA A 71 -2.42 -7.00 -6.71
N ALA A 72 -3.00 -8.05 -7.26
CA ALA A 72 -4.19 -8.67 -6.69
C ALA A 72 -3.90 -9.22 -5.30
N GLU A 73 -2.65 -9.60 -5.06
CA GLU A 73 -2.23 -10.14 -3.77
C GLU A 73 -1.12 -9.30 -3.15
N LEU A 74 -1.40 -8.72 -1.99
CA LEU A 74 -0.42 -7.89 -1.30
C LEU A 74 0.92 -8.62 -1.17
N SER A 75 1.95 -7.88 -0.78
CA SER A 75 3.28 -8.46 -0.63
C SER A 75 3.23 -9.74 0.19
N ARG A 76 3.05 -9.58 1.51
CA ARG A 76 2.99 -10.73 2.41
C ARG A 76 1.55 -11.02 2.81
N ASP A 77 1.37 -11.85 3.83
CA ASP A 77 0.05 -12.21 4.31
C ASP A 77 -0.79 -10.97 4.58
N ASN A 78 -1.88 -10.83 3.85
CA ASN A 78 -2.77 -9.68 4.01
C ASN A 78 -2.12 -8.42 3.45
N ASP A 79 -1.08 -7.95 4.11
CA ASP A 79 -0.37 -6.75 3.69
C ASP A 79 0.87 -6.51 4.54
N ALA A 80 0.70 -5.72 5.60
CA ALA A 80 1.80 -5.41 6.50
C ALA A 80 1.38 -4.38 7.55
N SER A 81 2.26 -4.15 8.52
CA SER A 81 1.98 -3.20 9.59
C SER A 81 2.08 -1.76 9.08
N SER A 82 3.10 -1.49 8.29
CA SER A 82 3.31 -0.16 7.72
C SER A 82 3.54 -0.23 6.22
N VAL A 83 3.30 0.89 5.55
CA VAL A 83 3.48 0.96 4.09
C VAL A 83 3.89 2.36 3.66
N ARG A 84 4.39 2.47 2.43
CA ARG A 84 4.83 3.75 1.89
C ARG A 84 4.24 3.98 0.50
N VAL A 85 3.90 5.24 0.22
CA VAL A 85 3.33 5.59 -1.07
C VAL A 85 3.96 6.86 -1.62
N SER A 86 4.24 6.86 -2.93
CA SER A 86 4.86 8.02 -3.57
C SER A 86 4.68 7.95 -5.09
N LYS A 87 5.10 9.01 -5.77
CA LYS A 87 5.00 9.07 -7.22
C LYS A 87 6.35 8.87 -7.88
N MET A 88 6.48 7.80 -8.66
CA MET A 88 7.72 7.49 -9.35
C MET A 88 7.93 8.43 -10.53
N GLU A 89 8.93 8.11 -11.37
CA GLU A 89 9.23 8.92 -12.53
C GLU A 89 9.64 10.33 -12.12
N THR A 90 10.01 10.49 -10.86
CA THR A 90 10.42 11.79 -10.33
C THR A 90 11.84 12.14 -10.78
N THR A 91 11.94 12.95 -11.83
CA THR A 91 13.24 13.36 -12.35
C THR A 91 13.68 14.69 -11.75
N ASN A 92 14.97 14.99 -11.88
CA ASN A 92 15.52 16.24 -11.35
C ASN A 92 15.47 17.35 -12.39
N GLY A 2 -6.98 10.70 -10.51
CA GLY A 2 -5.82 10.84 -11.36
C GLY A 2 -4.89 9.64 -11.28
N GLU A 3 -3.68 9.80 -11.80
CA GLU A 3 -2.69 8.73 -11.78
C GLU A 3 -1.47 9.12 -10.95
N LYS A 4 -1.71 9.45 -9.69
CA LYS A 4 -0.63 9.85 -8.79
C LYS A 4 -0.89 9.35 -7.37
N THR A 5 -1.64 8.26 -7.27
CA THR A 5 -1.96 7.68 -5.97
C THR A 5 -2.39 6.22 -6.11
N VAL A 6 -2.09 5.42 -5.10
CA VAL A 6 -2.44 4.01 -5.11
C VAL A 6 -3.74 3.76 -4.36
N LYS A 7 -4.55 2.82 -4.85
CA LYS A 7 -5.81 2.49 -4.23
C LYS A 7 -5.74 1.14 -3.52
N LEU A 8 -5.78 1.17 -2.18
CA LEU A 8 -5.72 -0.05 -1.39
C LEU A 8 -7.11 -0.67 -1.23
N TYR A 9 -7.20 -1.97 -1.50
CA TYR A 9 -8.46 -2.68 -1.38
C TYR A 9 -8.39 -3.74 -0.27
N GLU A 10 -9.53 -4.00 0.35
CA GLU A 10 -9.60 -4.99 1.43
C GLU A 10 -10.04 -6.35 0.88
N ASP A 11 -10.78 -6.33 -0.22
CA ASP A 11 -11.26 -7.55 -0.84
C ASP A 11 -10.45 -7.89 -2.09
N THR A 12 -10.41 -9.17 -2.43
CA THR A 12 -9.67 -9.63 -3.61
C THR A 12 -10.43 -9.34 -4.88
N HIS A 13 -9.69 -9.10 -5.97
CA HIS A 13 -10.30 -8.82 -7.26
C HIS A 13 -11.10 -7.52 -7.20
N PHE A 14 -10.64 -6.57 -6.39
CA PHE A 14 -11.31 -5.28 -6.25
C PHE A 14 -12.79 -5.48 -5.94
N LYS A 15 -13.08 -6.26 -4.91
CA LYS A 15 -14.45 -6.52 -4.50
C LYS A 15 -14.74 -5.93 -3.13
N GLY A 16 -14.33 -4.68 -2.93
CA GLY A 16 -14.56 -4.02 -1.65
C GLY A 16 -14.30 -2.54 -1.71
N TYR A 17 -14.03 -1.93 -0.56
CA TYR A 17 -13.77 -0.50 -0.48
C TYR A 17 -12.40 -0.17 -1.06
N SER A 18 -12.07 1.12 -1.10
CA SER A 18 -10.80 1.58 -1.63
C SER A 18 -10.24 2.72 -0.80
N VAL A 19 -8.91 2.73 -0.62
CA VAL A 19 -8.25 3.76 0.16
C VAL A 19 -7.10 4.39 -0.62
N GLU A 20 -7.13 5.71 -0.77
CA GLU A 20 -6.09 6.43 -1.50
C GLU A 20 -5.06 7.00 -0.55
N LEU A 21 -3.80 6.97 -0.96
CA LEU A 21 -2.71 7.50 -0.13
C LEU A 21 -1.61 8.10 -1.01
N PRO A 22 -1.57 9.43 -1.06
CA PRO A 22 -0.56 10.16 -1.85
C PRO A 22 0.84 10.04 -1.26
N VAL A 23 1.82 10.62 -1.95
CA VAL A 23 3.20 10.58 -1.50
C VAL A 23 3.29 10.72 0.02
N GLY A 24 3.82 9.68 0.67
CA GLY A 24 3.96 9.71 2.11
C GLY A 24 3.99 8.32 2.71
N ASP A 25 4.32 8.24 4.00
CA ASP A 25 4.39 6.96 4.70
C ASP A 25 3.29 6.87 5.76
N TYR A 26 2.74 5.67 5.93
CA TYR A 26 1.69 5.45 6.92
C TYR A 26 2.00 4.24 7.79
N ASN A 27 1.98 4.45 9.10
CA ASN A 27 2.26 3.38 10.05
C ASN A 27 1.05 2.48 10.24
N LEU A 28 1.15 1.53 11.16
CA LEU A 28 0.06 0.60 11.43
C LEU A 28 -1.24 1.36 11.69
N SER A 29 -1.26 2.14 12.76
CA SER A 29 -2.45 2.91 13.11
C SER A 29 -2.88 3.82 11.97
N SER A 30 -1.88 4.40 11.29
CA SER A 30 -2.15 5.30 10.17
C SER A 30 -3.07 4.64 9.15
N LEU A 31 -2.88 3.34 8.95
CA LEU A 31 -3.69 2.59 8.00
C LEU A 31 -5.09 2.36 8.54
N ILE A 32 -5.19 2.22 9.87
CA ILE A 32 -6.48 1.99 10.52
C ILE A 32 -7.40 3.20 10.34
N SER A 33 -6.82 4.39 10.41
CA SER A 33 -7.59 5.62 10.26
C SER A 33 -8.39 5.61 8.96
N ARG A 34 -7.78 5.08 7.91
CA ARG A 34 -8.43 5.01 6.60
C ARG A 34 -9.38 3.81 6.54
N GLY A 35 -9.15 2.83 7.40
CA GLY A 35 -9.99 1.65 7.42
C GLY A 35 -9.28 0.43 6.85
N ALA A 36 -7.99 0.57 6.59
CA ALA A 36 -7.21 -0.53 6.05
C ALA A 36 -6.59 -1.38 7.16
N LEU A 37 -6.94 -2.66 7.18
CA LEU A 37 -6.43 -3.57 8.19
C LEU A 37 -4.99 -3.98 7.89
N ASN A 38 -4.14 -3.91 8.91
CA ASN A 38 -2.73 -4.27 8.75
C ASN A 38 -2.59 -5.68 8.18
N ASP A 39 -2.92 -6.67 9.01
CA ASP A 39 -2.82 -8.07 8.58
C ASP A 39 -4.20 -8.64 8.27
N ASP A 40 -4.68 -8.36 7.06
CA ASP A 40 -5.99 -8.84 6.64
C ASP A 40 -6.37 -8.27 5.27
N LEU A 41 -5.89 -7.06 5.00
CA LEU A 41 -6.17 -6.40 3.73
C LEU A 41 -5.97 -7.35 2.56
N SER A 42 -6.57 -7.01 1.41
CA SER A 42 -6.46 -7.84 0.22
C SER A 42 -5.23 -7.46 -0.59
N SER A 43 -5.17 -6.20 -1.01
CA SER A 43 -4.05 -5.71 -1.80
C SER A 43 -4.22 -4.23 -2.13
N ALA A 44 -3.57 -3.78 -3.20
CA ALA A 44 -3.66 -2.39 -3.62
C ALA A 44 -3.29 -2.24 -5.09
N ARG A 45 -4.02 -1.40 -5.80
CA ARG A 45 -3.78 -1.17 -7.22
C ARG A 45 -3.06 0.16 -7.43
N VAL A 46 -1.80 0.08 -7.85
CA VAL A 46 -1.01 1.28 -8.09
C VAL A 46 -0.87 1.56 -9.59
N PRO A 47 -1.18 2.80 -9.99
CA PRO A 47 -1.10 3.22 -11.39
C PRO A 47 0.33 3.32 -11.89
N SER A 48 0.51 3.76 -13.12
CA SER A 48 1.82 3.89 -13.72
C SER A 48 2.52 5.15 -13.23
N GLY A 49 3.84 5.06 -13.03
CA GLY A 49 4.60 6.21 -12.57
C GLY A 49 4.47 6.42 -11.06
N LEU A 50 4.38 5.32 -10.32
CA LEU A 50 4.24 5.39 -8.87
C LEU A 50 4.82 4.15 -8.22
N ARG A 51 5.62 4.36 -7.17
CA ARG A 51 6.24 3.25 -6.45
C ARG A 51 5.87 3.29 -4.97
N LEU A 52 5.80 2.12 -4.36
CA LEU A 52 5.45 2.01 -2.94
C LEU A 52 6.16 0.83 -2.30
N GLU A 53 6.45 0.96 -1.01
CA GLU A 53 7.13 -0.10 -0.26
C GLU A 53 6.23 -0.68 0.82
N VAL A 54 6.31 -1.99 1.02
CA VAL A 54 5.50 -2.66 2.02
C VAL A 54 6.32 -3.03 3.25
N PHE A 55 5.94 -2.47 4.39
CA PHE A 55 6.65 -2.73 5.65
C PHE A 55 5.85 -3.66 6.54
N GLN A 56 6.13 -4.96 6.43
CA GLN A 56 5.43 -5.97 7.23
C GLN A 56 5.46 -5.60 8.70
N HIS A 57 6.65 -5.28 9.21
CA HIS A 57 6.80 -4.91 10.61
C HIS A 57 6.49 -3.43 10.82
N ASN A 58 6.15 -3.08 12.05
CA ASN A 58 5.83 -1.70 12.39
C ASN A 58 7.04 -0.97 12.96
N ASN A 59 8.22 -1.31 12.43
CA ASN A 59 9.45 -0.69 12.89
C ASN A 59 10.55 -0.80 11.82
N PHE A 60 10.12 -0.96 10.57
CA PHE A 60 11.06 -1.08 9.47
C PHE A 60 12.11 -2.15 9.75
N LYS A 61 11.72 -3.17 10.50
CA LYS A 61 12.61 -4.26 10.84
C LYS A 61 12.51 -5.40 9.83
N GLY A 62 11.34 -6.02 9.78
CA GLY A 62 11.13 -7.12 8.85
C GLY A 62 11.50 -6.76 7.43
N VAL A 63 11.54 -7.76 6.55
CA VAL A 63 11.88 -7.53 5.16
C VAL A 63 10.85 -6.63 4.47
N ARG A 64 11.31 -5.52 3.93
CA ARG A 64 10.43 -4.57 3.25
C ARG A 64 10.30 -4.92 1.77
N ASP A 65 9.10 -4.75 1.23
CA ASP A 65 8.84 -5.04 -0.18
C ASP A 65 8.72 -3.76 -0.98
N PHE A 66 8.60 -3.91 -2.30
CA PHE A 66 8.49 -2.76 -3.20
C PHE A 66 7.63 -3.09 -4.41
N TYR A 67 6.52 -2.40 -4.57
CA TYR A 67 5.62 -2.62 -5.69
C TYR A 67 5.61 -1.42 -6.63
N THR A 68 5.16 -1.65 -7.86
CA THR A 68 5.10 -0.59 -8.87
C THR A 68 4.05 -0.90 -9.93
N SER A 69 3.07 -1.73 -9.57
CA SER A 69 2.02 -2.11 -10.50
C SER A 69 0.78 -2.60 -9.75
N ASP A 70 -0.36 -2.60 -10.44
CA ASP A 70 -1.61 -3.03 -9.84
C ASP A 70 -1.44 -4.37 -9.12
N ALA A 71 -1.52 -4.33 -7.79
CA ALA A 71 -1.36 -5.54 -6.99
C ALA A 71 -2.71 -6.04 -6.49
N ALA A 72 -3.12 -7.21 -6.97
CA ALA A 72 -4.39 -7.80 -6.56
C ALA A 72 -4.24 -8.61 -5.28
N GLU A 73 -2.99 -8.94 -4.93
CA GLU A 73 -2.72 -9.72 -3.73
C GLU A 73 -1.62 -9.06 -2.91
N LEU A 74 -1.84 -8.93 -1.61
CA LEU A 74 -0.87 -8.33 -0.71
C LEU A 74 0.52 -8.96 -0.91
N SER A 75 1.55 -8.24 -0.49
CA SER A 75 2.92 -8.73 -0.62
C SER A 75 3.04 -10.16 -0.09
N ARG A 76 3.04 -10.29 1.23
CA ARG A 76 3.15 -11.60 1.85
C ARG A 76 1.93 -11.89 2.73
N ASP A 77 2.04 -12.94 3.54
CA ASP A 77 0.94 -13.32 4.43
C ASP A 77 0.49 -12.13 5.27
N ASN A 78 -0.75 -12.20 5.77
CA ASN A 78 -1.31 -11.14 6.59
C ASN A 78 -0.31 -10.69 7.66
N ASP A 79 0.30 -9.53 7.43
CA ASP A 79 1.27 -8.98 8.37
C ASP A 79 1.81 -7.65 7.88
N ALA A 80 0.96 -6.87 7.23
CA ALA A 80 1.35 -5.57 6.71
C ALA A 80 1.12 -4.47 7.74
N SER A 81 2.18 -4.12 8.46
CA SER A 81 2.11 -3.08 9.49
C SER A 81 2.06 -1.69 8.86
N SER A 82 3.21 -1.23 8.36
CA SER A 82 3.30 0.08 7.74
C SER A 82 3.58 -0.05 6.24
N VAL A 83 3.39 1.04 5.51
CA VAL A 83 3.62 1.06 4.08
C VAL A 83 3.97 2.46 3.59
N ARG A 84 4.79 2.53 2.54
CA ARG A 84 5.19 3.81 1.98
C ARG A 84 4.73 3.93 0.53
N VAL A 85 4.33 5.14 0.13
CA VAL A 85 3.88 5.39 -1.22
C VAL A 85 4.47 6.67 -1.78
N SER A 86 4.89 6.65 -3.03
CA SER A 86 5.48 7.80 -3.68
C SER A 86 5.28 7.75 -5.19
N LYS A 87 5.17 8.92 -5.81
CA LYS A 87 4.98 9.01 -7.25
C LYS A 87 6.31 9.18 -7.97
N MET A 88 6.53 8.39 -9.00
CA MET A 88 7.76 8.45 -9.78
C MET A 88 7.55 9.19 -11.08
N GLU A 89 8.55 9.14 -11.96
CA GLU A 89 8.46 9.82 -13.25
C GLU A 89 8.27 11.32 -13.08
N THR A 90 8.62 11.82 -11.89
CA THR A 90 8.49 13.23 -11.59
C THR A 90 9.79 13.98 -11.88
N THR A 91 10.92 13.30 -11.68
CA THR A 91 12.23 13.89 -11.93
C THR A 91 12.44 15.12 -11.04
N ASN A 92 13.60 15.74 -11.20
CA ASN A 92 13.94 16.92 -10.41
C ASN A 92 15.03 17.74 -11.08
#